data_9NCI
# 
_entry.id   9NCI 
# 
_audit_conform.dict_name       mmcif_pdbx.dic 
_audit_conform.dict_version    5.403 
_audit_conform.dict_location   http://mmcif.pdb.org/dictionaries/ascii/mmcif_pdbx.dic 
# 
loop_
_database_2.database_id 
_database_2.database_code 
_database_2.pdbx_database_accession 
_database_2.pdbx_DOI 
PDB   9NCI         pdb_00009nci 10.2210/pdb9nci/pdb 
WWPDB D_1000293068 ?            ?                   
# 
_pdbx_audit_revision_history.ordinal             1 
_pdbx_audit_revision_history.data_content_type   'Structure model' 
_pdbx_audit_revision_history.major_revision      1 
_pdbx_audit_revision_history.minor_revision      0 
_pdbx_audit_revision_history.revision_date       2025-03-26 
_pdbx_audit_revision_history.part_number         ? 
# 
_pdbx_audit_revision_details.ordinal             1 
_pdbx_audit_revision_details.revision_ordinal    1 
_pdbx_audit_revision_details.data_content_type   'Structure model' 
_pdbx_audit_revision_details.provider            repository 
_pdbx_audit_revision_details.type                'Initial release' 
_pdbx_audit_revision_details.description         ? 
_pdbx_audit_revision_details.details             ? 
# 
_pdbx_database_status.status_code                     REL 
_pdbx_database_status.status_code_sf                  REL 
_pdbx_database_status.status_code_mr                  ? 
_pdbx_database_status.entry_id                        9NCI 
_pdbx_database_status.recvd_initial_deposition_date   2025-02-16 
_pdbx_database_status.SG_entry                        N 
_pdbx_database_status.deposit_site                    RCSB 
_pdbx_database_status.process_site                    RCSB 
_pdbx_database_status.status_code_cs                  ? 
_pdbx_database_status.status_code_nmr_data            ? 
_pdbx_database_status.methods_development_category    ? 
_pdbx_database_status.pdb_format_compatible           Y 
# 
_pdbx_contact_author.id                 2 
_pdbx_contact_author.email              rs17@nyu.edu 
_pdbx_contact_author.name_first         Ruojie 
_pdbx_contact_author.name_last          Sha 
_pdbx_contact_author.name_mi            ? 
_pdbx_contact_author.role               'principal investigator/group leader' 
_pdbx_contact_author.identifier_ORCID   0000-0002-0807-734X 
# 
loop_
_audit_author.name 
_audit_author.pdbx_ordinal 
_audit_author.identifier_ORCID 
'Horvath, A.'   1 0009-0008-5770-8014 
'Vecchioni, S.' 2 0000-0001-8243-650X 
'Woloszyn, K.'  3 0000-0003-1200-583X 
'Ohayon, Y.P.'  4 0000-0001-7500-4282 
'Sha, R.'       5 0000-0002-0807-734X 
# 
_citation.abstract                  ? 
_citation.abstract_id_CAS           ? 
_citation.book_id_ISBN              ? 
_citation.book_publisher            ? 
_citation.book_publisher_city       ? 
_citation.book_title                ? 
_citation.coordinate_linkage        ? 
_citation.country                   ? 
_citation.database_id_Medline       ? 
_citation.details                   ? 
_citation.id                        primary 
_citation.journal_abbrev            'To Be Published' 
_citation.journal_id_ASTM           ? 
_citation.journal_id_CSD            0353 
_citation.journal_id_ISSN           ? 
_citation.journal_full              ? 
_citation.journal_issue             ? 
_citation.journal_volume            ? 
_citation.language                  ? 
_citation.page_first                ? 
_citation.page_last                 ? 
_citation.title                     'Shifted tensegrity triangles' 
_citation.year                      ? 
_citation.database_id_CSD           ? 
_citation.pdbx_database_id_DOI      ? 
_citation.pdbx_database_id_PubMed   ? 
_citation.pdbx_database_id_patent   ? 
_citation.unpublished_flag          ? 
# 
loop_
_citation_author.citation_id 
_citation_author.name 
_citation_author.ordinal 
_citation_author.identifier_ORCID 
primary 'Horvath, A.'   1 0009-0008-5770-8014 
primary 'Vecchioni, S.' 2 0000-0001-8243-650X 
primary 'Woloszyn, K.'  3 0000-0003-1200-583X 
primary 'Ohayon, Y.P.'  4 0000-0001-7500-4282 
primary 'Sha, R.'       5 0000-0002-0807-734X 
# 
loop_
_entity.id 
_entity.type 
_entity.src_method 
_entity.pdbx_description 
_entity.formula_weight 
_entity.pdbx_number_of_molecules 
_entity.pdbx_ec 
_entity.pdbx_mutation 
_entity.pdbx_fragment 
_entity.details 
1 polymer syn 
;DNA (5'-D(P*GP*AP*GP*CP*AP*CP*CP*TP*GP*TP*A)-3')
;
3358.211 1 ? ? ? ? 
2 polymer syn 
;DNA (5'-D(P*AP*CP*AP*CP*CP*GP*T)-3')
;
2082.400 1 ? ? ? ? 
3 polymer syn 
;DNA (5'-D(P*CP*CP*TP*GP*AP*CP*TP*GP*TP*GP*GP*TP*GP*C)-3')
;
4287.776 1 ? ? ? ? 
4 polymer syn 
;DNA (5'-D(P*CP*GP*GP*AP*CP*AP*GP*TP*CP*A)-3')
;
3054.019 1 ? ? ? ? 
# 
loop_
_entity_poly.entity_id 
_entity_poly.type 
_entity_poly.nstd_linkage 
_entity_poly.nstd_monomer 
_entity_poly.pdbx_seq_one_letter_code 
_entity_poly.pdbx_seq_one_letter_code_can 
_entity_poly.pdbx_strand_id 
_entity_poly.pdbx_target_identifier 
1 polydeoxyribonucleotide no no '(DG)(DA)(DG)(DC)(DA)(DC)(DC)(DT)(DG)(DT)(DA)'             GAGCACCTGTA    A ? 
2 polydeoxyribonucleotide no no '(DA)(DC)(DA)(DC)(DC)(DG)(DT)'                             ACACCGT        B ? 
3 polydeoxyribonucleotide no no '(DC)(DC)(DT)(DG)(DA)(DC)(DT)(DG)(DT)(DG)(DG)(DT)(DG)(DC)' CCTGACTGTGGTGC C ? 
4 polydeoxyribonucleotide no no '(DC)(DG)(DG)(DA)(DC)(DA)(DG)(DT)(DC)(DA)'                 CGGACAGTCA     D ? 
# 
loop_
_entity_poly_seq.entity_id 
_entity_poly_seq.num 
_entity_poly_seq.mon_id 
_entity_poly_seq.hetero 
1 1  DG n 
1 2  DA n 
1 3  DG n 
1 4  DC n 
1 5  DA n 
1 6  DC n 
1 7  DC n 
1 8  DT n 
1 9  DG n 
1 10 DT n 
1 11 DA n 
2 1  DA n 
2 2  DC n 
2 3  DA n 
2 4  DC n 
2 5  DC n 
2 6  DG n 
2 7  DT n 
3 1  DC n 
3 2  DC n 
3 3  DT n 
3 4  DG n 
3 5  DA n 
3 6  DC n 
3 7  DT n 
3 8  DG n 
3 9  DT n 
3 10 DG n 
3 11 DG n 
3 12 DT n 
3 13 DG n 
3 14 DC n 
4 1  DC n 
4 2  DG n 
4 3  DG n 
4 4  DA n 
4 5  DC n 
4 6  DA n 
4 7  DG n 
4 8  DT n 
4 9  DC n 
4 10 DA n 
# 
loop_
_pdbx_entity_src_syn.entity_id 
_pdbx_entity_src_syn.pdbx_src_id 
_pdbx_entity_src_syn.pdbx_alt_source_flag 
_pdbx_entity_src_syn.pdbx_beg_seq_num 
_pdbx_entity_src_syn.pdbx_end_seq_num 
_pdbx_entity_src_syn.organism_scientific 
_pdbx_entity_src_syn.organism_common_name 
_pdbx_entity_src_syn.ncbi_taxonomy_id 
_pdbx_entity_src_syn.details 
1 1 sample 1 11 'synthetic construct' ? 32630 ? 
2 1 sample 1 7  'synthetic construct' ? 32630 ? 
3 1 sample 1 14 'synthetic construct' ? 32630 ? 
4 1 sample 1 10 'synthetic construct' ? 32630 ? 
# 
loop_
_chem_comp.id 
_chem_comp.type 
_chem_comp.mon_nstd_flag 
_chem_comp.name 
_chem_comp.pdbx_synonyms 
_chem_comp.formula 
_chem_comp.formula_weight 
DA 'DNA linking' y "2'-DEOXYADENOSINE-5'-MONOPHOSPHATE" ? 'C10 H14 N5 O6 P' 331.222 
DC 'DNA linking' y "2'-DEOXYCYTIDINE-5'-MONOPHOSPHATE"  ? 'C9 H14 N3 O7 P'  307.197 
DG 'DNA linking' y "2'-DEOXYGUANOSINE-5'-MONOPHOSPHATE" ? 'C10 H14 N5 O7 P' 347.221 
DT 'DNA linking' y "THYMIDINE-5'-MONOPHOSPHATE"         ? 'C10 H15 N2 O8 P' 322.208 
# 
loop_
_pdbx_poly_seq_scheme.asym_id 
_pdbx_poly_seq_scheme.entity_id 
_pdbx_poly_seq_scheme.seq_id 
_pdbx_poly_seq_scheme.mon_id 
_pdbx_poly_seq_scheme.ndb_seq_num 
_pdbx_poly_seq_scheme.pdb_seq_num 
_pdbx_poly_seq_scheme.auth_seq_num 
_pdbx_poly_seq_scheme.pdb_mon_id 
_pdbx_poly_seq_scheme.auth_mon_id 
_pdbx_poly_seq_scheme.pdb_strand_id 
_pdbx_poly_seq_scheme.pdb_ins_code 
_pdbx_poly_seq_scheme.hetero 
A 1 1  DG 1  102 102 DG DG A . n 
A 1 2  DA 2  103 103 DA DA A . n 
A 1 3  DG 3  104 104 DG DG A . n 
A 1 4  DC 4  105 105 DC DC A . n 
A 1 5  DA 5  106 106 DA DA A . n 
A 1 6  DC 6  107 107 DC DC A . n 
A 1 7  DC 7  108 108 DC DC A . n 
A 1 8  DT 8  109 109 DT DT A . n 
A 1 9  DG 9  110 110 DG DG A . n 
A 1 10 DT 10 111 111 DT DT A . n 
A 1 11 DA 11 112 112 DA DA A . n 
B 2 1  DA 1  105 105 DA DA B . n 
B 2 2  DC 2  106 106 DC DC B . n 
B 2 3  DA 3  107 107 DA DA B . n 
B 2 4  DC 4  111 111 DC DC B . n 
B 2 5  DC 5  112 112 DC DC B . n 
B 2 6  DG 6  113 113 DG DG B . n 
B 2 7  DT 7  114 114 DT DT B . n 
C 3 1  DC 1  100 100 DC DC C . n 
C 3 2  DC 2  101 101 DC DC C . n 
C 3 3  DT 3  102 102 DT DT C . n 
C 3 4  DG 4  103 103 DG DG C . n 
C 3 5  DA 5  104 104 DA DA C . n 
C 3 6  DC 6  105 105 DC DC C . n 
C 3 7  DT 7  106 106 DT DT C . n 
C 3 8  DG 8  107 107 DG DG C . n 
C 3 9  DT 9  108 108 DT DT C . n 
C 3 10 DG 10 109 109 DG DG C . n 
C 3 11 DG 11 110 110 DG DG C . n 
C 3 12 DT 12 111 111 DT DT C . n 
C 3 13 DG 13 112 112 DG DG C . n 
C 3 14 DC 14 113 113 DC DC C . n 
D 4 1  DC 1  113 113 DC DC D . n 
D 4 2  DG 2  114 114 DG DG D . n 
D 4 3  DG 3  115 115 DG DG D . n 
D 4 4  DA 4  116 116 DA DA D . n 
D 4 5  DC 5  117 117 DC DC D . n 
D 4 6  DA 6  118 118 DA DA D . n 
D 4 7  DG 7  119 119 DG DG D . n 
D 4 8  DT 8  120 120 DT DT D . n 
D 4 9  DC 9  121 121 DC DC D . n 
D 4 10 DA 10 122 122 DA DA D . n 
# 
loop_
_software.citation_id 
_software.classification 
_software.compiler_name 
_software.compiler_version 
_software.contact_author 
_software.contact_author_email 
_software.date 
_software.description 
_software.dependencies 
_software.hardware 
_software.language 
_software.location 
_software.mods 
_software.name 
_software.os 
_software.os_version 
_software.type 
_software.version 
_software.pdbx_ordinal 
? refinement       ? ? ? ? ? ? ? ? ? ? ? PHENIX    ? ? ? 1.20.1_4487 1 
? 'data reduction' ? ? ? ? ? ? ? ? ? ? ? autoPROC  ? ? ? .           2 
? 'data scaling'   ? ? ? ? ? ? ? ? ? ? ? STARANISO ? ? ? .           3 
? phasing          ? ? ? ? ? ? ? ? ? ? ? PHASER    ? ? ? .           4 
# 
_cell.angle_alpha                  90.000 
_cell.angle_alpha_esd              ? 
_cell.angle_beta                   90.000 
_cell.angle_beta_esd               ? 
_cell.angle_gamma                  120.000 
_cell.angle_gamma_esd              ? 
_cell.entry_id                     9NCI 
_cell.details                      ? 
_cell.formula_units_Z              ? 
_cell.length_a                     106.158 
_cell.length_a_esd                 ? 
_cell.length_b                     106.158 
_cell.length_b_esd                 ? 
_cell.length_c                     90.212 
_cell.length_c_esd                 ? 
_cell.volume                       880441.284 
_cell.volume_esd                   ? 
_cell.Z_PDB                        9 
_cell.reciprocal_angle_alpha       ? 
_cell.reciprocal_angle_beta        ? 
_cell.reciprocal_angle_gamma       ? 
_cell.reciprocal_angle_alpha_esd   ? 
_cell.reciprocal_angle_beta_esd    ? 
_cell.reciprocal_angle_gamma_esd   ? 
_cell.reciprocal_length_a          ? 
_cell.reciprocal_length_b          ? 
_cell.reciprocal_length_c          ? 
_cell.reciprocal_length_a_esd      ? 
_cell.reciprocal_length_b_esd      ? 
_cell.reciprocal_length_c_esd      ? 
_cell.pdbx_unique_axis             ? 
_cell.pdbx_esd_method              ? 
# 
_symmetry.entry_id                         9NCI 
_symmetry.cell_setting                     ? 
_symmetry.Int_Tables_number                146 
_symmetry.space_group_name_Hall            'H 3' 
_symmetry.space_group_name_H-M             'H 3' 
_symmetry.pdbx_full_space_group_name_H-M   ? 
# 
_exptl.absorpt_coefficient_mu     ? 
_exptl.absorpt_correction_T_max   ? 
_exptl.absorpt_correction_T_min   ? 
_exptl.absorpt_correction_type    ? 
_exptl.absorpt_process_details    ? 
_exptl.entry_id                   9NCI 
_exptl.crystals_number            1 
_exptl.details                    ? 
_exptl.method                     'X-RAY DIFFRACTION' 
_exptl.method_details             ? 
# 
_exptl_crystal.colour                       ? 
_exptl_crystal.density_diffrn               ? 
_exptl_crystal.density_Matthews             ? 
_exptl_crystal.density_method               ? 
_exptl_crystal.density_percent_sol          ? 
_exptl_crystal.description                  ? 
_exptl_crystal.F_000                        ? 
_exptl_crystal.id                           1 
_exptl_crystal.preparation                  ? 
_exptl_crystal.size_max                     ? 
_exptl_crystal.size_mid                     ? 
_exptl_crystal.size_min                     ? 
_exptl_crystal.size_rad                     ? 
_exptl_crystal.colour_lustre                ? 
_exptl_crystal.colour_modifier              ? 
_exptl_crystal.colour_primary               ? 
_exptl_crystal.density_meas                 ? 
_exptl_crystal.density_meas_esd             ? 
_exptl_crystal.density_meas_gt              ? 
_exptl_crystal.density_meas_lt              ? 
_exptl_crystal.density_meas_temp            ? 
_exptl_crystal.density_meas_temp_esd        ? 
_exptl_crystal.density_meas_temp_gt         ? 
_exptl_crystal.density_meas_temp_lt         ? 
_exptl_crystal.pdbx_crystal_image_url       ? 
_exptl_crystal.pdbx_crystal_image_format    ? 
_exptl_crystal.pdbx_mosaicity               ? 
_exptl_crystal.pdbx_mosaicity_esd           ? 
_exptl_crystal.pdbx_mosaic_method           ? 
_exptl_crystal.pdbx_mosaic_block_size       ? 
_exptl_crystal.pdbx_mosaic_block_size_esd   ? 
# 
_exptl_crystal_grow.apparatus       ? 
_exptl_crystal_grow.atmosphere      ? 
_exptl_crystal_grow.crystal_id      1 
_exptl_crystal_grow.details         ? 
_exptl_crystal_grow.method          'VAPOR DIFFUSION, HANGING DROP' 
_exptl_crystal_grow.method_ref      ? 
_exptl_crystal_grow.pH              ? 
_exptl_crystal_grow.pressure        ? 
_exptl_crystal_grow.pressure_esd    ? 
_exptl_crystal_grow.seeding         ? 
_exptl_crystal_grow.seeding_ref     ? 
_exptl_crystal_grow.temp_details    '338-293 at 0.4/hr' 
_exptl_crystal_grow.temp_esd        ? 
_exptl_crystal_grow.time            ? 
_exptl_crystal_grow.pdbx_details    '100 mM MOPS, 1.25 M magnesium sulfate' 
_exptl_crystal_grow.pdbx_pH_range   ? 
_exptl_crystal_grow.temp            293 
# 
_diffrn.ambient_environment              ? 
_diffrn.ambient_temp                     100 
_diffrn.ambient_temp_details             ? 
_diffrn.ambient_temp_esd                 ? 
_diffrn.crystal_id                       1 
_diffrn.crystal_support                  ? 
_diffrn.crystal_treatment                ? 
_diffrn.details                          ? 
_diffrn.id                               1 
_diffrn.ambient_pressure                 ? 
_diffrn.ambient_pressure_esd             ? 
_diffrn.ambient_pressure_gt              ? 
_diffrn.ambient_pressure_lt              ? 
_diffrn.ambient_temp_gt                  ? 
_diffrn.ambient_temp_lt                  ? 
_diffrn.pdbx_serial_crystal_experiment   N 
# 
_diffrn_detector.details                      ? 
_diffrn_detector.detector                     PIXEL 
_diffrn_detector.diffrn_id                    1 
_diffrn_detector.type                         'DECTRIS EIGER X 9M' 
_diffrn_detector.area_resol_mean              ? 
_diffrn_detector.dtime                        ? 
_diffrn_detector.pdbx_frames_total            ? 
_diffrn_detector.pdbx_collection_time_total   ? 
_diffrn_detector.pdbx_collection_date         2023-03-19 
_diffrn_detector.pdbx_frequency               ? 
_diffrn_detector.id                           ? 
_diffrn_detector.number_of_axes               ? 
# 
_diffrn_radiation.collimation                      ? 
_diffrn_radiation.diffrn_id                        1 
_diffrn_radiation.filter_edge                      ? 
_diffrn_radiation.inhomogeneity                    ? 
_diffrn_radiation.monochromator                    ? 
_diffrn_radiation.polarisn_norm                    ? 
_diffrn_radiation.polarisn_ratio                   ? 
_diffrn_radiation.probe                            ? 
_diffrn_radiation.type                             ? 
_diffrn_radiation.xray_symbol                      ? 
_diffrn_radiation.wavelength_id                    1 
_diffrn_radiation.pdbx_monochromatic_or_laue_m_l   M 
_diffrn_radiation.pdbx_wavelength_list             ? 
_diffrn_radiation.pdbx_wavelength                  ? 
_diffrn_radiation.pdbx_diffrn_protocol             'SINGLE WAVELENGTH' 
_diffrn_radiation.pdbx_analyzer                    ? 
_diffrn_radiation.pdbx_scattering_type             x-ray 
# 
_diffrn_radiation_wavelength.id           1 
_diffrn_radiation_wavelength.wavelength   0.991870 
_diffrn_radiation_wavelength.wt           1.0 
# 
_diffrn_source.current                     ? 
_diffrn_source.details                     ? 
_diffrn_source.diffrn_id                   1 
_diffrn_source.power                       ? 
_diffrn_source.size                        ? 
_diffrn_source.source                      SYNCHROTRON 
_diffrn_source.target                      ? 
_diffrn_source.type                        'APS BEAMLINE 17-ID' 
_diffrn_source.voltage                     ? 
_diffrn_source.take-off_angle              ? 
_diffrn_source.pdbx_wavelength_list        0.991870 
_diffrn_source.pdbx_wavelength             ? 
_diffrn_source.pdbx_synchrotron_beamline   17-ID 
_diffrn_source.pdbx_synchrotron_site       APS 
# 
_reflns.B_iso_Wilson_estimate                          300.18 
_reflns.entry_id                                       9NCI 
_reflns.data_reduction_details                         ? 
_reflns.data_reduction_method                          ? 
_reflns.d_resolution_high                              4.708 
_reflns.d_resolution_low                               64.390 
_reflns.details                                        ? 
_reflns.limit_h_max                                    ? 
_reflns.limit_h_min                                    ? 
_reflns.limit_k_max                                    ? 
_reflns.limit_k_min                                    ? 
_reflns.limit_l_max                                    ? 
_reflns.limit_l_min                                    ? 
_reflns.number_all                                     ? 
_reflns.number_obs                                     1368 
_reflns.observed_criterion                             ? 
_reflns.observed_criterion_F_max                       ? 
_reflns.observed_criterion_F_min                       ? 
_reflns.observed_criterion_I_max                       ? 
_reflns.observed_criterion_I_min                       ? 
_reflns.observed_criterion_sigma_F                     ? 
_reflns.observed_criterion_sigma_I                     ? 
_reflns.percent_possible_obs                           83.0 
_reflns.R_free_details                                 ? 
_reflns.Rmerge_F_all                                   ? 
_reflns.Rmerge_F_obs                                   ? 
_reflns.Friedel_coverage                               ? 
_reflns.number_gt                                      ? 
_reflns.threshold_expression                           ? 
_reflns.pdbx_redundancy                                7.9 
_reflns.pdbx_netI_over_av_sigmaI                       ? 
_reflns.pdbx_netI_over_sigmaI                          8.6 
_reflns.pdbx_res_netI_over_av_sigmaI_2                 ? 
_reflns.pdbx_res_netI_over_sigmaI_2                    ? 
_reflns.pdbx_chi_squared                               ? 
_reflns.pdbx_scaling_rejects                           ? 
_reflns.pdbx_d_res_high_opt                            ? 
_reflns.pdbx_d_res_low_opt                             ? 
_reflns.pdbx_d_res_opt_method                          ? 
_reflns.phase_calculation_details                      ? 
_reflns.pdbx_Rrim_I_all                                ? 
_reflns.pdbx_Rpim_I_all                                ? 
_reflns.pdbx_d_opt                                     ? 
_reflns.pdbx_number_measured_all                       ? 
_reflns.pdbx_diffrn_id                                 1 
_reflns.pdbx_ordinal                                   1 
_reflns.pdbx_CC_half                                   0.999 
_reflns.pdbx_CC_star                                   ? 
_reflns.pdbx_R_split                                   ? 
_reflns.pdbx_Rmerge_I_obs                              ? 
_reflns.pdbx_Rmerge_I_all                              ? 
_reflns.pdbx_Rsym_value                                ? 
_reflns.pdbx_CC_split_method                           ? 
_reflns.pdbx_aniso_diffraction_limit_axis_1_ortho[1]   ? 
_reflns.pdbx_aniso_diffraction_limit_axis_1_ortho[2]   ? 
_reflns.pdbx_aniso_diffraction_limit_axis_1_ortho[3]   ? 
_reflns.pdbx_aniso_diffraction_limit_axis_2_ortho[1]   ? 
_reflns.pdbx_aniso_diffraction_limit_axis_2_ortho[2]   ? 
_reflns.pdbx_aniso_diffraction_limit_axis_2_ortho[3]   ? 
_reflns.pdbx_aniso_diffraction_limit_axis_3_ortho[1]   ? 
_reflns.pdbx_aniso_diffraction_limit_axis_3_ortho[2]   ? 
_reflns.pdbx_aniso_diffraction_limit_axis_3_ortho[3]   ? 
_reflns.pdbx_aniso_diffraction_limit_1                 ? 
_reflns.pdbx_aniso_diffraction_limit_2                 ? 
_reflns.pdbx_aniso_diffraction_limit_3                 ? 
_reflns.pdbx_aniso_B_tensor_eigenvector_1_ortho[1]     ? 
_reflns.pdbx_aniso_B_tensor_eigenvector_1_ortho[2]     ? 
_reflns.pdbx_aniso_B_tensor_eigenvector_1_ortho[3]     ? 
_reflns.pdbx_aniso_B_tensor_eigenvector_2_ortho[1]     ? 
_reflns.pdbx_aniso_B_tensor_eigenvector_2_ortho[2]     ? 
_reflns.pdbx_aniso_B_tensor_eigenvector_2_ortho[3]     ? 
_reflns.pdbx_aniso_B_tensor_eigenvector_3_ortho[1]     ? 
_reflns.pdbx_aniso_B_tensor_eigenvector_3_ortho[2]     ? 
_reflns.pdbx_aniso_B_tensor_eigenvector_3_ortho[3]     ? 
_reflns.pdbx_aniso_B_tensor_eigenvalue_1               ? 
_reflns.pdbx_aniso_B_tensor_eigenvalue_2               ? 
_reflns.pdbx_aniso_B_tensor_eigenvalue_3               ? 
_reflns.pdbx_orthogonalization_convention              ? 
_reflns.pdbx_percent_possible_ellipsoidal              ? 
_reflns.pdbx_percent_possible_spherical                ? 
_reflns.pdbx_percent_possible_ellipsoidal_anomalous    ? 
_reflns.pdbx_percent_possible_spherical_anomalous      ? 
_reflns.pdbx_redundancy_anomalous                      ? 
_reflns.pdbx_CC_half_anomalous                         ? 
_reflns.pdbx_absDiff_over_sigma_anomalous              ? 
_reflns.pdbx_percent_possible_anomalous                ? 
_reflns.pdbx_observed_signal_threshold                 ? 
_reflns.pdbx_signal_type                               ? 
_reflns.pdbx_signal_details                            ? 
_reflns.pdbx_signal_software_id                        ? 
# 
loop_
_reflns_shell.d_res_high 
_reflns_shell.d_res_low 
_reflns_shell.meanI_over_sigI_all 
_reflns_shell.meanI_over_sigI_obs 
_reflns_shell.number_measured_all 
_reflns_shell.number_measured_obs 
_reflns_shell.number_possible 
_reflns_shell.number_unique_all 
_reflns_shell.number_unique_obs 
_reflns_shell.percent_possible_obs 
_reflns_shell.Rmerge_F_all 
_reflns_shell.Rmerge_F_obs 
_reflns_shell.meanI_over_sigI_gt 
_reflns_shell.meanI_over_uI_all 
_reflns_shell.meanI_over_uI_gt 
_reflns_shell.number_measured_gt 
_reflns_shell.number_unique_gt 
_reflns_shell.percent_possible_gt 
_reflns_shell.Rmerge_F_gt 
_reflns_shell.Rmerge_I_gt 
_reflns_shell.pdbx_redundancy 
_reflns_shell.pdbx_chi_squared 
_reflns_shell.pdbx_netI_over_sigmaI_all 
_reflns_shell.pdbx_netI_over_sigmaI_obs 
_reflns_shell.pdbx_Rrim_I_all 
_reflns_shell.pdbx_Rpim_I_all 
_reflns_shell.pdbx_rejects 
_reflns_shell.pdbx_ordinal 
_reflns_shell.pdbx_diffrn_id 
_reflns_shell.pdbx_CC_half 
_reflns_shell.pdbx_CC_star 
_reflns_shell.pdbx_R_split 
_reflns_shell.percent_possible_all 
_reflns_shell.Rmerge_I_all 
_reflns_shell.Rmerge_I_obs 
_reflns_shell.pdbx_Rsym_value 
_reflns_shell.pdbx_percent_possible_ellipsoidal 
_reflns_shell.pdbx_percent_possible_spherical 
_reflns_shell.pdbx_percent_possible_ellipsoidal_anomalous 
_reflns_shell.pdbx_percent_possible_spherical_anomalous 
_reflns_shell.pdbx_redundancy_anomalous 
_reflns_shell.pdbx_CC_half_anomalous 
_reflns_shell.pdbx_absDiff_over_sigma_anomalous 
_reflns_shell.pdbx_percent_possible_anomalous 
4.708  5.483  ? ? ? ? ? ? 197 ? ? ? ? ? ? ? ? ? ? ? ? ? ? ? ? ? ? 1 1 0.499 ? ? ? ? ? ? ? ? ? ? ? ? ? ? 
10.239 64.390 ? ? ? ? ? ? 195 ? ? ? ? ? ? ? ? ? ? ? ? ? ? ? ? ? ? 2 1 0.999 ? ? ? ? ? ? ? ? ? ? ? ? ? ? 
# 
_refine.aniso_B[1][1]                            ? 
_refine.aniso_B[1][2]                            ? 
_refine.aniso_B[1][3]                            ? 
_refine.aniso_B[2][2]                            ? 
_refine.aniso_B[2][3]                            ? 
_refine.aniso_B[3][3]                            ? 
_refine.B_iso_max                                ? 
_refine.B_iso_mean                               338.43 
_refine.B_iso_min                                ? 
_refine.correlation_coeff_Fo_to_Fc               ? 
_refine.correlation_coeff_Fo_to_Fc_free          ? 
_refine.details                                  ? 
_refine.diff_density_max                         ? 
_refine.diff_density_max_esd                     ? 
_refine.diff_density_min                         ? 
_refine.diff_density_min_esd                     ? 
_refine.diff_density_rms                         ? 
_refine.diff_density_rms_esd                     ? 
_refine.entry_id                                 9NCI 
_refine.pdbx_refine_id                           'X-RAY DIFFRACTION' 
_refine.ls_abs_structure_details                 ? 
_refine.ls_abs_structure_Flack                   ? 
_refine.ls_abs_structure_Flack_esd               ? 
_refine.ls_abs_structure_Rogers                  ? 
_refine.ls_abs_structure_Rogers_esd              ? 
_refine.ls_d_res_high                            4.71 
_refine.ls_d_res_low                             32.43 
_refine.ls_extinction_coef                       ? 
_refine.ls_extinction_coef_esd                   ? 
_refine.ls_extinction_expression                 ? 
_refine.ls_extinction_method                     ? 
_refine.ls_goodness_of_fit_all                   ? 
_refine.ls_goodness_of_fit_all_esd               ? 
_refine.ls_goodness_of_fit_obs                   ? 
_refine.ls_goodness_of_fit_obs_esd               ? 
_refine.ls_hydrogen_treatment                    ? 
_refine.ls_matrix_type                           ? 
_refine.ls_number_constraints                    ? 
_refine.ls_number_parameters                     ? 
_refine.ls_number_reflns_all                     ? 
_refine.ls_number_reflns_obs                     1325 
_refine.ls_number_reflns_R_free                  74 
_refine.ls_number_reflns_R_work                  1251 
_refine.ls_number_restraints                     ? 
_refine.ls_percent_reflns_obs                    67.09 
_refine.ls_percent_reflns_R_free                 5.58 
_refine.ls_R_factor_all                          ? 
_refine.ls_R_factor_obs                          0.2446 
_refine.ls_R_factor_R_free                       0.2836 
_refine.ls_R_factor_R_free_error                 ? 
_refine.ls_R_factor_R_free_error_details         ? 
_refine.ls_R_factor_R_work                       0.2425 
_refine.ls_R_Fsqd_factor_obs                     ? 
_refine.ls_R_I_factor_obs                        ? 
_refine.ls_redundancy_reflns_all                 ? 
_refine.ls_redundancy_reflns_obs                 ? 
_refine.ls_restrained_S_all                      ? 
_refine.ls_restrained_S_obs                      ? 
_refine.ls_shift_over_esd_max                    ? 
_refine.ls_shift_over_esd_mean                   ? 
_refine.ls_structure_factor_coef                 ? 
_refine.ls_weighting_details                     ? 
_refine.ls_weighting_scheme                      ? 
_refine.ls_wR_factor_all                         ? 
_refine.ls_wR_factor_obs                         ? 
_refine.ls_wR_factor_R_free                      ? 
_refine.ls_wR_factor_R_work                      ? 
_refine.occupancy_max                            ? 
_refine.occupancy_min                            ? 
_refine.solvent_model_details                    'FLAT BULK SOLVENT MODEL' 
_refine.solvent_model_param_bsol                 ? 
_refine.solvent_model_param_ksol                 ? 
_refine.correlation_coeff_I_to_Fcsqd_work        ? 
_refine.correlation_coeff_I_to_Fcsqd_free        ? 
_refine.pdbx_R_complete                          ? 
_refine.ls_R_factor_gt                           ? 
_refine.ls_goodness_of_fit_gt                    ? 
_refine.ls_goodness_of_fit_ref                   ? 
_refine.ls_shift_over_su_max                     ? 
_refine.ls_shift_over_su_max_lt                  ? 
_refine.ls_shift_over_su_mean                    ? 
_refine.ls_shift_over_su_mean_lt                 ? 
_refine.pdbx_ls_sigma_I                          ? 
_refine.pdbx_ls_sigma_F                          1.96 
_refine.pdbx_ls_sigma_Fsqd                       ? 
_refine.pdbx_data_cutoff_high_absF               ? 
_refine.pdbx_data_cutoff_high_rms_absF           ? 
_refine.pdbx_data_cutoff_low_absF                ? 
_refine.pdbx_isotropic_thermal_model             ? 
_refine.pdbx_ls_cross_valid_method               'FREE R-VALUE' 
_refine.pdbx_method_to_determine_struct          'MOLECULAR REPLACEMENT' 
_refine.pdbx_starting_model                      ? 
_refine.pdbx_stereochemistry_target_values       'GeoStd + Monomer Library + CDL v1.2' 
_refine.pdbx_R_Free_selection_details            ? 
_refine.pdbx_stereochem_target_val_spec_case     ? 
_refine.pdbx_overall_ESU_R                       ? 
_refine.pdbx_overall_ESU_R_Free                  ? 
_refine.pdbx_solvent_vdw_probe_radii             1.1000 
_refine.pdbx_solvent_ion_probe_radii             ? 
_refine.pdbx_solvent_shrinkage_radii             0.9000 
_refine.pdbx_real_space_R                        ? 
_refine.pdbx_density_correlation                 ? 
_refine.pdbx_pd_number_of_powder_patterns        ? 
_refine.pdbx_pd_number_of_points                 ? 
_refine.pdbx_pd_meas_number_of_points            ? 
_refine.pdbx_pd_proc_ls_prof_R_factor            ? 
_refine.pdbx_pd_proc_ls_prof_wR_factor           ? 
_refine.pdbx_pd_Marquardt_correlation_coeff      ? 
_refine.pdbx_pd_Fsqrd_R_factor                   ? 
_refine.pdbx_pd_ls_matrix_band_width             ? 
_refine.pdbx_overall_phase_error                 46.9605 
_refine.pdbx_overall_SU_R_free_Cruickshank_DPI   ? 
_refine.pdbx_overall_SU_R_free_Blow_DPI          ? 
_refine.pdbx_overall_SU_R_Blow_DPI               ? 
_refine.pdbx_TLS_residual_ADP_flag               ? 
_refine.pdbx_diffrn_id                           1 
_refine.overall_SU_B                             ? 
_refine.overall_SU_ML                            0.0000 
_refine.overall_SU_R_Cruickshank_DPI             ? 
_refine.overall_SU_R_free                        ? 
_refine.overall_FOM_free_R_set                   ? 
_refine.overall_FOM_work_R_set                   ? 
_refine.pdbx_average_fsc_overall                 ? 
_refine.pdbx_average_fsc_work                    ? 
_refine.pdbx_average_fsc_free                    ? 
# 
_refine_hist.pdbx_refine_id                   'X-RAY DIFFRACTION' 
_refine_hist.cycle_id                         LAST 
_refine_hist.details                          ? 
_refine_hist.d_res_high                       4.71 
_refine_hist.d_res_low                        32.43 
_refine_hist.number_atoms_solvent             0 
_refine_hist.number_atoms_total               860 
_refine_hist.number_reflns_all                ? 
_refine_hist.number_reflns_obs                ? 
_refine_hist.number_reflns_R_free             ? 
_refine_hist.number_reflns_R_work             ? 
_refine_hist.R_factor_all                     ? 
_refine_hist.R_factor_obs                     ? 
_refine_hist.R_factor_R_free                  ? 
_refine_hist.R_factor_R_work                  ? 
_refine_hist.pdbx_number_residues_total       ? 
_refine_hist.pdbx_B_iso_mean_ligand           ? 
_refine_hist.pdbx_B_iso_mean_solvent          ? 
_refine_hist.pdbx_number_atoms_protein        0 
_refine_hist.pdbx_number_atoms_nucleic_acid   860 
_refine_hist.pdbx_number_atoms_ligand         0 
_refine_hist.pdbx_number_atoms_lipid          ? 
_refine_hist.pdbx_number_atoms_carb           ? 
_refine_hist.pdbx_pseudo_atom_details         ? 
# 
loop_
_refine_ls_restr.pdbx_refine_id 
_refine_ls_restr.criterion 
_refine_ls_restr.dev_ideal 
_refine_ls_restr.dev_ideal_target 
_refine_ls_restr.number 
_refine_ls_restr.rejects 
_refine_ls_restr.type 
_refine_ls_restr.weight 
_refine_ls_restr.pdbx_restraint_function 
'X-RAY DIFFRACTION' ? 0.0047  ? 961  ? f_bond_d           ? ? 
'X-RAY DIFFRACTION' ? 0.7378  ? 1473 ? f_angle_d          ? ? 
'X-RAY DIFFRACTION' ? 0.0355  ? 168  ? f_chiral_restr     ? ? 
'X-RAY DIFFRACTION' ? 0.0051  ? 42   ? f_plane_restr      ? ? 
'X-RAY DIFFRACTION' ? 38.7536 ? 408  ? f_dihedral_angle_d ? ? 
# 
_refine_ls_shell.pdbx_refine_id                      'X-RAY DIFFRACTION' 
_refine_ls_shell.d_res_high                          4.71 
_refine_ls_shell.d_res_low                           32.43 
_refine_ls_shell.number_reflns_all                   ? 
_refine_ls_shell.number_reflns_obs                   ? 
_refine_ls_shell.number_reflns_R_free                74 
_refine_ls_shell.number_reflns_R_work                1251 
_refine_ls_shell.percent_reflns_obs                  67.09 
_refine_ls_shell.percent_reflns_R_free               ? 
_refine_ls_shell.R_factor_all                        ? 
_refine_ls_shell.R_factor_obs                        ? 
_refine_ls_shell.R_factor_R_free_error               ? 
_refine_ls_shell.R_factor_R_work                     0.2425 
_refine_ls_shell.redundancy_reflns_all               ? 
_refine_ls_shell.redundancy_reflns_obs               ? 
_refine_ls_shell.wR_factor_all                       ? 
_refine_ls_shell.wR_factor_obs                       ? 
_refine_ls_shell.wR_factor_R_free                    ? 
_refine_ls_shell.wR_factor_R_work                    ? 
_refine_ls_shell.pdbx_R_complete                     ? 
_refine_ls_shell.correlation_coeff_Fo_to_Fc          ? 
_refine_ls_shell.correlation_coeff_Fo_to_Fc_free     ? 
_refine_ls_shell.correlation_coeff_I_to_Fcsqd_work   ? 
_refine_ls_shell.correlation_coeff_I_to_Fcsqd_free   ? 
_refine_ls_shell.pdbx_total_number_of_bins_used      ? 
_refine_ls_shell.pdbx_phase_error                    ? 
_refine_ls_shell.pdbx_fsc_work                       ? 
_refine_ls_shell.pdbx_fsc_free                       ? 
_refine_ls_shell.R_factor_R_free                     0.2836 
# 
_struct.entry_id                     9NCI 
_struct.title                        
;[5,7,7,P-2] Shifted tensegrity triangle with an (arm,center,arm) distribution of (5,7,7) base pairs, 2 nt sticky ends, and 5' phosphates
;
_struct.pdbx_model_details           ? 
_struct.pdbx_formula_weight          ? 
_struct.pdbx_formula_weight_method   ? 
_struct.pdbx_model_type_details      ? 
_struct.pdbx_CASP_flag               N 
# 
_struct_keywords.entry_id        9NCI 
_struct_keywords.text            'tensegrity triangle, DNA' 
_struct_keywords.pdbx_keywords   DNA 
# 
loop_
_struct_asym.id 
_struct_asym.pdbx_blank_PDB_chainid_flag 
_struct_asym.pdbx_modified 
_struct_asym.entity_id 
_struct_asym.details 
A N N 1 ? 
B N N 2 ? 
C N N 3 ? 
D N N 4 ? 
# 
loop_
_struct_ref.id 
_struct_ref.db_name 
_struct_ref.db_code 
_struct_ref.pdbx_db_accession 
_struct_ref.pdbx_db_isoform 
_struct_ref.entity_id 
_struct_ref.pdbx_seq_one_letter_code 
_struct_ref.pdbx_align_begin 
1 PDB 9NCI 9NCI ? 1 ? 1 
2 PDB 9NCI 9NCI ? 2 ? 1 
3 PDB 9NCI 9NCI ? 3 ? 1 
4 PDB 9NCI 9NCI ? 4 ? 1 
# 
loop_
_struct_ref_seq.align_id 
_struct_ref_seq.ref_id 
_struct_ref_seq.pdbx_PDB_id_code 
_struct_ref_seq.pdbx_strand_id 
_struct_ref_seq.seq_align_beg 
_struct_ref_seq.pdbx_seq_align_beg_ins_code 
_struct_ref_seq.seq_align_end 
_struct_ref_seq.pdbx_seq_align_end_ins_code 
_struct_ref_seq.pdbx_db_accession 
_struct_ref_seq.db_align_beg 
_struct_ref_seq.pdbx_db_align_beg_ins_code 
_struct_ref_seq.db_align_end 
_struct_ref_seq.pdbx_db_align_end_ins_code 
_struct_ref_seq.pdbx_auth_seq_align_beg 
_struct_ref_seq.pdbx_auth_seq_align_end 
1 1 9NCI A 1 ? 11 ? 9NCI 102 ? 112 ? 102 112 
2 2 9NCI B 1 ? 7  ? 9NCI 105 ? 114 ? 105 114 
3 3 9NCI C 1 ? 14 ? 9NCI 100 ? 113 ? 100 113 
4 4 9NCI D 1 ? 10 ? 9NCI 113 ? 122 ? 113 122 
# 
_pdbx_struct_assembly.id                   1 
_pdbx_struct_assembly.details              author_defined_assembly 
_pdbx_struct_assembly.method_details       ? 
_pdbx_struct_assembly.oligomeric_details   dodecameric 
_pdbx_struct_assembly.oligomeric_count     12 
# 
loop_
_pdbx_struct_assembly_gen.assembly_id 
_pdbx_struct_assembly_gen.oper_expression 
_pdbx_struct_assembly_gen.asym_id_list 
1 1 A,B,C,D 
1 2 A,B,C,D 
1 3 A,B,C,D 
# 
_pdbx_struct_assembly_auth_evidence.id                     1 
_pdbx_struct_assembly_auth_evidence.assembly_id            1 
_pdbx_struct_assembly_auth_evidence.experimental_support   'native gel electrophoresis' 
_pdbx_struct_assembly_auth_evidence.details                ? 
# 
loop_
_pdbx_struct_oper_list.id 
_pdbx_struct_oper_list.type 
_pdbx_struct_oper_list.name 
_pdbx_struct_oper_list.symmetry_operation 
_pdbx_struct_oper_list.matrix[1][1] 
_pdbx_struct_oper_list.matrix[1][2] 
_pdbx_struct_oper_list.matrix[1][3] 
_pdbx_struct_oper_list.vector[1] 
_pdbx_struct_oper_list.matrix[2][1] 
_pdbx_struct_oper_list.matrix[2][2] 
_pdbx_struct_oper_list.matrix[2][3] 
_pdbx_struct_oper_list.vector[2] 
_pdbx_struct_oper_list.matrix[3][1] 
_pdbx_struct_oper_list.matrix[3][2] 
_pdbx_struct_oper_list.matrix[3][3] 
_pdbx_struct_oper_list.vector[3] 
1 'identity operation'         1_555 x,y,z     1.0000000000  0.0000000000 0.0000000000  0.0000000000   0.0000000000 1.0000000000 0.0000000000 0.0000000000 0.0000000000  0.0000000000 1.0000000000  0.0000000000   
2 'crystal symmetry operation' 2_555 -y,x-y,z  -0.4669672295 0.3125906681 -0.8271811657 -15.1696929189 0.1250252948 0.9493768448 0.2881879285 5.8803780690 0.8753915023  0.0311557495 -0.4824096154 -32.5895534117 
3 'crystal symmetry operation' 3_555 -x+y,-x,z -0.4669672295 0.1250252948 0.8753915023  20.7096726446  0.3125906681 0.9493768448 0.0311557495 0.1745616281 -0.8271811657 0.2881879285 -0.4824096154 -29.9642521724 
# 
loop_
_struct_conn.id 
_struct_conn.conn_type_id 
_struct_conn.pdbx_leaving_atom_flag 
_struct_conn.pdbx_PDB_id 
_struct_conn.ptnr1_label_asym_id 
_struct_conn.ptnr1_label_comp_id 
_struct_conn.ptnr1_label_seq_id 
_struct_conn.ptnr1_label_atom_id 
_struct_conn.pdbx_ptnr1_label_alt_id 
_struct_conn.pdbx_ptnr1_PDB_ins_code 
_struct_conn.pdbx_ptnr1_standard_comp_id 
_struct_conn.ptnr1_symmetry 
_struct_conn.ptnr2_label_asym_id 
_struct_conn.ptnr2_label_comp_id 
_struct_conn.ptnr2_label_seq_id 
_struct_conn.ptnr2_label_atom_id 
_struct_conn.pdbx_ptnr2_label_alt_id 
_struct_conn.pdbx_ptnr2_PDB_ins_code 
_struct_conn.ptnr1_auth_asym_id 
_struct_conn.ptnr1_auth_comp_id 
_struct_conn.ptnr1_auth_seq_id 
_struct_conn.ptnr2_auth_asym_id 
_struct_conn.ptnr2_auth_comp_id 
_struct_conn.ptnr2_auth_seq_id 
_struct_conn.ptnr2_symmetry 
_struct_conn.pdbx_ptnr3_label_atom_id 
_struct_conn.pdbx_ptnr3_label_seq_id 
_struct_conn.pdbx_ptnr3_label_comp_id 
_struct_conn.pdbx_ptnr3_label_asym_id 
_struct_conn.pdbx_ptnr3_label_alt_id 
_struct_conn.pdbx_ptnr3_PDB_ins_code 
_struct_conn.details 
_struct_conn.pdbx_dist_value 
_struct_conn.pdbx_value_order 
_struct_conn.pdbx_role 
hydrog1  hydrog ? ? A DC 4 N3 ? ? ? 1_555 C DG 13 N1 ? ? A DC 105 C DG 112 1_555 ? ? ? ? ? ? WATSON-CRICK ? ? ? 
hydrog2  hydrog ? ? A DC 4 N4 ? ? ? 1_555 C DG 13 O6 ? ? A DC 105 C DG 112 1_555 ? ? ? ? ? ? WATSON-CRICK ? ? ? 
hydrog3  hydrog ? ? A DC 4 O2 ? ? ? 1_555 C DG 13 N2 ? ? A DC 105 C DG 112 1_555 ? ? ? ? ? ? WATSON-CRICK ? ? ? 
hydrog4  hydrog ? ? A DA 5 N1 ? ? ? 1_555 C DT 12 N3 ? ? A DA 106 C DT 111 1_555 ? ? ? ? ? ? WATSON-CRICK ? ? ? 
hydrog5  hydrog ? ? A DA 5 N6 ? ? ? 1_555 C DT 12 O4 ? ? A DA 106 C DT 111 1_555 ? ? ? ? ? ? WATSON-CRICK ? ? ? 
hydrog6  hydrog ? ? A DA 5 N1 ? ? ? 1_555 C DG 13 N1 ? ? A DA 106 C DG 112 1_555 ? ? ? ? ? ? TYPE_8_PAIR  ? ? ? 
hydrog7  hydrog ? ? A DA 5 N6 ? ? ? 1_555 C DG 13 O6 ? ? A DA 106 C DG 112 1_555 ? ? ? ? ? ? TYPE_8_PAIR  ? ? ? 
hydrog8  hydrog ? ? A DC 6 N3 ? ? ? 1_555 C DG 11 N2 ? ? A DC 107 C DG 110 1_555 ? ? ? ? ? ? 'DC-DG PAIR' ? ? ? 
hydrog9  hydrog ? ? A DC 7 N3 ? ? ? 1_555 C DG 10 N1 ? ? A DC 108 C DG 109 1_555 ? ? ? ? ? ? WATSON-CRICK ? ? ? 
hydrog10 hydrog ? ? A DC 7 N4 ? ? ? 1_555 C DG 10 O6 ? ? A DC 108 C DG 109 1_555 ? ? ? ? ? ? WATSON-CRICK ? ? ? 
hydrog11 hydrog ? ? A DC 7 O2 ? ? ? 1_555 C DG 10 N2 ? ? A DC 108 C DG 109 1_555 ? ? ? ? ? ? WATSON-CRICK ? ? ? 
hydrog12 hydrog ? ? A DT 8 N3 ? ? ? 1_555 B DA 3  N1 ? ? A DT 109 B DA 107 1_555 ? ? ? ? ? ? WATSON-CRICK ? ? ? 
hydrog13 hydrog ? ? A DT 8 O4 ? ? ? 1_555 B DA 3  N6 ? ? A DT 109 B DA 107 1_555 ? ? ? ? ? ? WATSON-CRICK ? ? ? 
hydrog14 hydrog ? ? A DG 9 N1 ? ? ? 1_555 B DC 2  N3 ? ? A DG 110 B DC 106 1_555 ? ? ? ? ? ? WATSON-CRICK ? ? ? 
hydrog15 hydrog ? ? A DG 9 N2 ? ? ? 1_555 B DC 2  O2 ? ? A DG 110 B DC 106 1_555 ? ? ? ? ? ? WATSON-CRICK ? ? ? 
hydrog16 hydrog ? ? A DG 9 O6 ? ? ? 1_555 B DC 2  N4 ? ? A DG 110 B DC 106 1_555 ? ? ? ? ? ? WATSON-CRICK ? ? ? 
hydrog17 hydrog ? ? B DC 4 N3 ? ? ? 1_555 D DG 3  N1 ? ? B DC 111 D DG 115 1_555 ? ? ? ? ? ? WATSON-CRICK ? ? ? 
hydrog18 hydrog ? ? B DC 4 N4 ? ? ? 1_555 D DG 3  O6 ? ? B DC 111 D DG 115 1_555 ? ? ? ? ? ? WATSON-CRICK ? ? ? 
hydrog19 hydrog ? ? B DC 4 O2 ? ? ? 1_555 D DG 3  N2 ? ? B DC 111 D DG 115 1_555 ? ? ? ? ? ? WATSON-CRICK ? ? ? 
hydrog20 hydrog ? ? B DC 5 N3 ? ? ? 1_555 D DG 2  N1 ? ? B DC 112 D DG 114 1_555 ? ? ? ? ? ? WATSON-CRICK ? ? ? 
hydrog21 hydrog ? ? B DC 5 N4 ? ? ? 1_555 D DG 2  O6 ? ? B DC 112 D DG 114 1_555 ? ? ? ? ? ? WATSON-CRICK ? ? ? 
hydrog22 hydrog ? ? B DC 5 O2 ? ? ? 1_555 D DG 2  N2 ? ? B DC 112 D DG 114 1_555 ? ? ? ? ? ? WATSON-CRICK ? ? ? 
hydrog23 hydrog ? ? B DG 6 N1 ? ? ? 1_555 D DC 1  N3 ? ? B DG 113 D DC 113 1_555 ? ? ? ? ? ? WATSON-CRICK ? ? ? 
hydrog24 hydrog ? ? B DG 6 N2 ? ? ? 1_555 D DC 1  O2 ? ? B DG 113 D DC 113 1_555 ? ? ? ? ? ? WATSON-CRICK ? ? ? 
hydrog25 hydrog ? ? B DG 6 O6 ? ? ? 1_555 D DC 1  N4 ? ? B DG 113 D DC 113 1_555 ? ? ? ? ? ? WATSON-CRICK ? ? ? 
hydrog26 hydrog ? ? C DT 3 N3 ? ? ? 1_555 D DA 10 N1 ? ? C DT 102 D DA 122 1_555 ? ? ? ? ? ? 'DT-DA PAIR' ? ? ? 
hydrog27 hydrog ? ? C DG 4 N1 ? ? ? 1_555 D DC 9  N3 ? ? C DG 103 D DC 121 1_555 ? ? ? ? ? ? WATSON-CRICK ? ? ? 
hydrog28 hydrog ? ? C DG 4 N2 ? ? ? 1_555 D DC 9  O2 ? ? C DG 103 D DC 121 1_555 ? ? ? ? ? ? WATSON-CRICK ? ? ? 
hydrog29 hydrog ? ? C DG 4 O6 ? ? ? 1_555 D DC 9  N4 ? ? C DG 103 D DC 121 1_555 ? ? ? ? ? ? WATSON-CRICK ? ? ? 
hydrog30 hydrog ? ? C DA 5 N1 ? ? ? 1_555 D DT 8  N3 ? ? C DA 104 D DT 120 1_555 ? ? ? ? ? ? WATSON-CRICK ? ? ? 
hydrog31 hydrog ? ? C DA 5 N6 ? ? ? 1_555 D DT 8  O4 ? ? C DA 104 D DT 120 1_555 ? ? ? ? ? ? WATSON-CRICK ? ? ? 
hydrog32 hydrog ? ? C DC 6 N3 ? ? ? 1_555 D DG 7  N1 ? ? C DC 105 D DG 119 1_555 ? ? ? ? ? ? WATSON-CRICK ? ? ? 
hydrog33 hydrog ? ? C DC 6 N4 ? ? ? 1_555 D DG 7  O6 ? ? C DC 105 D DG 119 1_555 ? ? ? ? ? ? WATSON-CRICK ? ? ? 
hydrog34 hydrog ? ? C DC 6 O2 ? ? ? 1_555 D DG 7  N2 ? ? C DC 105 D DG 119 1_555 ? ? ? ? ? ? WATSON-CRICK ? ? ? 
hydrog35 hydrog ? ? C DT 7 N3 ? ? ? 1_555 D DA 6  N1 ? ? C DT 106 D DA 118 1_555 ? ? ? ? ? ? WATSON-CRICK ? ? ? 
hydrog36 hydrog ? ? C DT 7 O4 ? ? ? 1_555 D DA 6  N6 ? ? C DT 106 D DA 118 1_555 ? ? ? ? ? ? WATSON-CRICK ? ? ? 
hydrog37 hydrog ? ? C DG 8 N1 ? ? ? 1_555 D DC 5  N3 ? ? C DG 107 D DC 117 1_555 ? ? ? ? ? ? WATSON-CRICK ? ? ? 
hydrog38 hydrog ? ? C DG 8 N2 ? ? ? 1_555 D DC 5  O2 ? ? C DG 107 D DC 117 1_555 ? ? ? ? ? ? WATSON-CRICK ? ? ? 
hydrog39 hydrog ? ? C DG 8 O6 ? ? ? 1_555 D DC 5  N4 ? ? C DG 107 D DC 117 1_555 ? ? ? ? ? ? WATSON-CRICK ? ? ? 
hydrog40 hydrog ? ? C DT 9 N3 ? ? ? 1_555 D DA 4  N1 ? ? C DT 108 D DA 116 1_555 ? ? ? ? ? ? WATSON-CRICK ? ? ? 
hydrog41 hydrog ? ? C DT 9 O4 ? ? ? 1_555 D DA 4  N6 ? ? C DT 108 D DA 116 1_555 ? ? ? ? ? ? WATSON-CRICK ? ? ? 
# 
_struct_conn_type.id          hydrog 
_struct_conn_type.criteria    ? 
_struct_conn_type.reference   ? 
# 
_pdbx_entry_details.entry_id                   9NCI 
_pdbx_entry_details.compound_details           ? 
_pdbx_entry_details.source_details             ? 
_pdbx_entry_details.nonpolymer_details         ? 
_pdbx_entry_details.sequence_details           ? 
_pdbx_entry_details.has_ligand_of_interest     ? 
_pdbx_entry_details.has_protein_modification   N 
# 
_pdbx_validate_rmsd_angle.id                         1 
_pdbx_validate_rmsd_angle.PDB_model_num              1 
_pdbx_validate_rmsd_angle.auth_atom_id_1             "O4'" 
_pdbx_validate_rmsd_angle.auth_asym_id_1             C 
_pdbx_validate_rmsd_angle.auth_comp_id_1             DC 
_pdbx_validate_rmsd_angle.auth_seq_id_1              100 
_pdbx_validate_rmsd_angle.PDB_ins_code_1             ? 
_pdbx_validate_rmsd_angle.label_alt_id_1             ? 
_pdbx_validate_rmsd_angle.auth_atom_id_2             "C1'" 
_pdbx_validate_rmsd_angle.auth_asym_id_2             C 
_pdbx_validate_rmsd_angle.auth_comp_id_2             DC 
_pdbx_validate_rmsd_angle.auth_seq_id_2              100 
_pdbx_validate_rmsd_angle.PDB_ins_code_2             ? 
_pdbx_validate_rmsd_angle.label_alt_id_2             ? 
_pdbx_validate_rmsd_angle.auth_atom_id_3             N1 
_pdbx_validate_rmsd_angle.auth_asym_id_3             C 
_pdbx_validate_rmsd_angle.auth_comp_id_3             DC 
_pdbx_validate_rmsd_angle.auth_seq_id_3              100 
_pdbx_validate_rmsd_angle.PDB_ins_code_3             ? 
_pdbx_validate_rmsd_angle.label_alt_id_3             ? 
_pdbx_validate_rmsd_angle.angle_value                110.24 
_pdbx_validate_rmsd_angle.angle_target_value         108.30 
_pdbx_validate_rmsd_angle.angle_deviation            1.94 
_pdbx_validate_rmsd_angle.angle_standard_deviation   0.30 
_pdbx_validate_rmsd_angle.linker_flag                N 
# 
loop_
_space_group_symop.id 
_space_group_symop.operation_xyz 
1 x,y,z                 
2 -y,x-y,z              
3 -x+y,-x,z             
4 x+1/3,y+2/3,z+2/3     
5 -y+1/3,x-y+2/3,z+2/3  
6 -x+y+1/3,-x+2/3,z+2/3 
7 x+2/3,y+1/3,z+1/3     
8 -y+2/3,x-y+1/3,z+1/3  
9 -x+y+2/3,-x+1/3,z+1/3 
# 
loop_
_pdbx_refine_tls.id 
_pdbx_refine_tls.pdbx_refine_id 
_pdbx_refine_tls.details 
_pdbx_refine_tls.method 
_pdbx_refine_tls.origin_x 
_pdbx_refine_tls.origin_y 
_pdbx_refine_tls.origin_z 
_pdbx_refine_tls.T[1][1] 
_pdbx_refine_tls.T[1][1]_esd 
_pdbx_refine_tls.T[1][2] 
_pdbx_refine_tls.T[1][2]_esd 
_pdbx_refine_tls.T[1][3] 
_pdbx_refine_tls.T[1][3]_esd 
_pdbx_refine_tls.T[2][2] 
_pdbx_refine_tls.T[2][2]_esd 
_pdbx_refine_tls.T[2][3] 
_pdbx_refine_tls.T[2][3]_esd 
_pdbx_refine_tls.T[3][3] 
_pdbx_refine_tls.T[3][3]_esd 
_pdbx_refine_tls.L[1][1] 
_pdbx_refine_tls.L[1][1]_esd 
_pdbx_refine_tls.L[1][2] 
_pdbx_refine_tls.L[1][2]_esd 
_pdbx_refine_tls.L[1][3] 
_pdbx_refine_tls.L[1][3]_esd 
_pdbx_refine_tls.L[2][2] 
_pdbx_refine_tls.L[2][2]_esd 
_pdbx_refine_tls.L[2][3] 
_pdbx_refine_tls.L[2][3]_esd 
_pdbx_refine_tls.L[3][3] 
_pdbx_refine_tls.L[3][3]_esd 
_pdbx_refine_tls.S[1][1] 
_pdbx_refine_tls.S[1][1]_esd 
_pdbx_refine_tls.S[1][2] 
_pdbx_refine_tls.S[1][2]_esd 
_pdbx_refine_tls.S[1][3] 
_pdbx_refine_tls.S[1][3]_esd 
_pdbx_refine_tls.S[2][1] 
_pdbx_refine_tls.S[2][1]_esd 
_pdbx_refine_tls.S[2][2] 
_pdbx_refine_tls.S[2][2]_esd 
_pdbx_refine_tls.S[2][3] 
_pdbx_refine_tls.S[2][3]_esd 
_pdbx_refine_tls.S[3][1] 
_pdbx_refine_tls.S[3][1]_esd 
_pdbx_refine_tls.S[3][2] 
_pdbx_refine_tls.S[3][2]_esd 
_pdbx_refine_tls.S[3][3] 
_pdbx_refine_tls.S[3][3]_esd 
1 'X-RAY DIFFRACTION' ? refined -5.3071409678 9.98658446425   -0.64969863980 3.54462898096 ? -0.948048120356 ? -0.989906659439 ? 2.19717862223 ? -0.077454716284 ? 3.10797148322 ? 4.11964399680  ? -3.10748764583 ? 2.66355222036   ? 7.58031211617  ? -2.30280599638  ? 5.75303240106  ? -0.50039496581  ? -0.29406975060 ? 2.07853960202   ? 3.43193970611   ? -0.508433372637 ? -1.367053947357 ? 1.65593645295  ? 0.82364924066   ? 1.343909888666 ? 
2 'X-RAY DIFFRACTION' ? refined 3.7841288508  1.70877902928   -7.7958819312  2.2146817738  ? -2.585502272489 ? 0.18422118335   ? 6.12460552342 ? 1.26365880911   ? 2.86107164637 ? 0.425219741637 ? 0.34051194061  ? -0.567092151665 ? 0.900177216690 ? -0.109610329745 ? 0.901275273879 ? 0.19311941555   ? 0.671278361838 ? -0.81052012656  ? -0.072126433606 ? 1.18136960944   ? -1.137110605118 ? 0.59579423586  ? -1.463181605171 ? 0.483987873083 ? 
3 'X-RAY DIFFRACTION' ? refined -0.1592191303 -2.997177726674 4.8515005496   2.21022634239 ? -0.61992475921  ? 0.99235711167   ? 6.90063966527 ? 2.0669715336    ? 2.19152174759 ? 1.9123256164   ? 1.55298727640  ? -1.429597713478 ? 1.97521186399  ? 0.18274996436   ? 3.63179139501  ? -1.542988611139 ? -2.60899898694 ? -1.90838281868  ? 0.30267301560   ? -1.65895404007  ? 0.20195562441   ? 2.415216798207 ? 1.157715527795  ? 0.97769461667  ? 
4 'X-RAY DIFFRACTION' ? refined 3.6311609076  -8.00160032853  -0.6732341422  5.75426085612 ? -1.992046248981 ? 0.565248116699  ? 2.54035041815 ? 0.71290329455   ? 3.07313609781 ? 4.29039850202  ? -0.67012654972 ? -1.666884386600 ? 2.65804503517  ? -0.030443392070 ? 0.73544821001  ? 0.19271998532   ? -0.2673852383  ? -1.515882584347 ? 0.500640105019  ? -2.811006736718 ? -4.446669704047 ? -0.15987765232 ? 0.078186274630  ? 1.59595723307  ? 
# 
loop_
_pdbx_refine_tls_group.id 
_pdbx_refine_tls_group.pdbx_refine_id 
_pdbx_refine_tls_group.refine_tls_id 
_pdbx_refine_tls_group.beg_label_asym_id 
_pdbx_refine_tls_group.beg_label_seq_id 
_pdbx_refine_tls_group.beg_auth_asym_id 
_pdbx_refine_tls_group.beg_auth_seq_id 
_pdbx_refine_tls_group.beg_PDB_ins_code 
_pdbx_refine_tls_group.end_label_asym_id 
_pdbx_refine_tls_group.end_label_seq_id 
_pdbx_refine_tls_group.end_auth_asym_id 
_pdbx_refine_tls_group.end_auth_seq_id 
_pdbx_refine_tls_group.end_PDB_ins_code 
_pdbx_refine_tls_group.selection 
_pdbx_refine_tls_group.selection_details 
1 'X-RAY DIFFRACTION' 1 A ? A 102 ? A ? A 112 ? ? 
;chain 'A' and (resid 102 through 112 )
;
2 'X-RAY DIFFRACTION' 2 B ? B 105 ? B ? B 114 ? ? 
;chain 'B' and (resid 105 through 114 )
;
3 'X-RAY DIFFRACTION' 3 C ? C 100 ? C ? C 113 ? ? 
;chain 'C' and (resid 100 through 113 )
;
4 'X-RAY DIFFRACTION' 4 D ? D 113 ? D ? D 122 ? ? 
;chain 'D' and (resid 113 through 122 )
;
# 
loop_
_chem_comp_atom.comp_id 
_chem_comp_atom.atom_id 
_chem_comp_atom.type_symbol 
_chem_comp_atom.pdbx_aromatic_flag 
_chem_comp_atom.pdbx_stereo_config 
_chem_comp_atom.pdbx_ordinal 
DA OP3    O N N 1   
DA P      P N N 2   
DA OP1    O N N 3   
DA OP2    O N N 4   
DA "O5'"  O N N 5   
DA "C5'"  C N N 6   
DA "C4'"  C N R 7   
DA "O4'"  O N N 8   
DA "C3'"  C N S 9   
DA "O3'"  O N N 10  
DA "C2'"  C N N 11  
DA "C1'"  C N R 12  
DA N9     N Y N 13  
DA C8     C Y N 14  
DA N7     N Y N 15  
DA C5     C Y N 16  
DA C6     C Y N 17  
DA N6     N N N 18  
DA N1     N Y N 19  
DA C2     C Y N 20  
DA N3     N Y N 21  
DA C4     C Y N 22  
DA HOP3   H N N 23  
DA HOP2   H N N 24  
DA "H5'"  H N N 25  
DA "H5''" H N N 26  
DA "H4'"  H N N 27  
DA "H3'"  H N N 28  
DA "HO3'" H N N 29  
DA "H2'"  H N N 30  
DA "H2''" H N N 31  
DA "H1'"  H N N 32  
DA H8     H N N 33  
DA H61    H N N 34  
DA H62    H N N 35  
DA H2     H N N 36  
DC OP3    O N N 37  
DC P      P N N 38  
DC OP1    O N N 39  
DC OP2    O N N 40  
DC "O5'"  O N N 41  
DC "C5'"  C N N 42  
DC "C4'"  C N R 43  
DC "O4'"  O N N 44  
DC "C3'"  C N S 45  
DC "O3'"  O N N 46  
DC "C2'"  C N N 47  
DC "C1'"  C N R 48  
DC N1     N N N 49  
DC C2     C N N 50  
DC O2     O N N 51  
DC N3     N N N 52  
DC C4     C N N 53  
DC N4     N N N 54  
DC C5     C N N 55  
DC C6     C N N 56  
DC HOP3   H N N 57  
DC HOP2   H N N 58  
DC "H5'"  H N N 59  
DC "H5''" H N N 60  
DC "H4'"  H N N 61  
DC "H3'"  H N N 62  
DC "HO3'" H N N 63  
DC "H2'"  H N N 64  
DC "H2''" H N N 65  
DC "H1'"  H N N 66  
DC H41    H N N 67  
DC H42    H N N 68  
DC H5     H N N 69  
DC H6     H N N 70  
DG OP3    O N N 71  
DG P      P N N 72  
DG OP1    O N N 73  
DG OP2    O N N 74  
DG "O5'"  O N N 75  
DG "C5'"  C N N 76  
DG "C4'"  C N R 77  
DG "O4'"  O N N 78  
DG "C3'"  C N S 79  
DG "O3'"  O N N 80  
DG "C2'"  C N N 81  
DG "C1'"  C N R 82  
DG N9     N Y N 83  
DG C8     C Y N 84  
DG N7     N Y N 85  
DG C5     C Y N 86  
DG C6     C N N 87  
DG O6     O N N 88  
DG N1     N N N 89  
DG C2     C N N 90  
DG N2     N N N 91  
DG N3     N N N 92  
DG C4     C Y N 93  
DG HOP3   H N N 94  
DG HOP2   H N N 95  
DG "H5'"  H N N 96  
DG "H5''" H N N 97  
DG "H4'"  H N N 98  
DG "H3'"  H N N 99  
DG "HO3'" H N N 100 
DG "H2'"  H N N 101 
DG "H2''" H N N 102 
DG "H1'"  H N N 103 
DG H8     H N N 104 
DG H1     H N N 105 
DG H21    H N N 106 
DG H22    H N N 107 
DT OP3    O N N 108 
DT P      P N N 109 
DT OP1    O N N 110 
DT OP2    O N N 111 
DT "O5'"  O N N 112 
DT "C5'"  C N N 113 
DT "C4'"  C N R 114 
DT "O4'"  O N N 115 
DT "C3'"  C N S 116 
DT "O3'"  O N N 117 
DT "C2'"  C N N 118 
DT "C1'"  C N R 119 
DT N1     N N N 120 
DT C2     C N N 121 
DT O2     O N N 122 
DT N3     N N N 123 
DT C4     C N N 124 
DT O4     O N N 125 
DT C5     C N N 126 
DT C7     C N N 127 
DT C6     C N N 128 
DT HOP3   H N N 129 
DT HOP2   H N N 130 
DT "H5'"  H N N 131 
DT "H5''" H N N 132 
DT "H4'"  H N N 133 
DT "H3'"  H N N 134 
DT "HO3'" H N N 135 
DT "H2'"  H N N 136 
DT "H2''" H N N 137 
DT "H1'"  H N N 138 
DT H3     H N N 139 
DT H71    H N N 140 
DT H72    H N N 141 
DT H73    H N N 142 
DT H6     H N N 143 
# 
loop_
_chem_comp_bond.comp_id 
_chem_comp_bond.atom_id_1 
_chem_comp_bond.atom_id_2 
_chem_comp_bond.value_order 
_chem_comp_bond.pdbx_aromatic_flag 
_chem_comp_bond.pdbx_stereo_config 
_chem_comp_bond.pdbx_ordinal 
DA OP3   P      sing N N 1   
DA OP3   HOP3   sing N N 2   
DA P     OP1    doub N N 3   
DA P     OP2    sing N N 4   
DA P     "O5'"  sing N N 5   
DA OP2   HOP2   sing N N 6   
DA "O5'" "C5'"  sing N N 7   
DA "C5'" "C4'"  sing N N 8   
DA "C5'" "H5'"  sing N N 9   
DA "C5'" "H5''" sing N N 10  
DA "C4'" "O4'"  sing N N 11  
DA "C4'" "C3'"  sing N N 12  
DA "C4'" "H4'"  sing N N 13  
DA "O4'" "C1'"  sing N N 14  
DA "C3'" "O3'"  sing N N 15  
DA "C3'" "C2'"  sing N N 16  
DA "C3'" "H3'"  sing N N 17  
DA "O3'" "HO3'" sing N N 18  
DA "C2'" "C1'"  sing N N 19  
DA "C2'" "H2'"  sing N N 20  
DA "C2'" "H2''" sing N N 21  
DA "C1'" N9     sing N N 22  
DA "C1'" "H1'"  sing N N 23  
DA N9    C8     sing Y N 24  
DA N9    C4     sing Y N 25  
DA C8    N7     doub Y N 26  
DA C8    H8     sing N N 27  
DA N7    C5     sing Y N 28  
DA C5    C6     sing Y N 29  
DA C5    C4     doub Y N 30  
DA C6    N6     sing N N 31  
DA C6    N1     doub Y N 32  
DA N6    H61    sing N N 33  
DA N6    H62    sing N N 34  
DA N1    C2     sing Y N 35  
DA C2    N3     doub Y N 36  
DA C2    H2     sing N N 37  
DA N3    C4     sing Y N 38  
DC OP3   P      sing N N 39  
DC OP3   HOP3   sing N N 40  
DC P     OP1    doub N N 41  
DC P     OP2    sing N N 42  
DC P     "O5'"  sing N N 43  
DC OP2   HOP2   sing N N 44  
DC "O5'" "C5'"  sing N N 45  
DC "C5'" "C4'"  sing N N 46  
DC "C5'" "H5'"  sing N N 47  
DC "C5'" "H5''" sing N N 48  
DC "C4'" "O4'"  sing N N 49  
DC "C4'" "C3'"  sing N N 50  
DC "C4'" "H4'"  sing N N 51  
DC "O4'" "C1'"  sing N N 52  
DC "C3'" "O3'"  sing N N 53  
DC "C3'" "C2'"  sing N N 54  
DC "C3'" "H3'"  sing N N 55  
DC "O3'" "HO3'" sing N N 56  
DC "C2'" "C1'"  sing N N 57  
DC "C2'" "H2'"  sing N N 58  
DC "C2'" "H2''" sing N N 59  
DC "C1'" N1     sing N N 60  
DC "C1'" "H1'"  sing N N 61  
DC N1    C2     sing N N 62  
DC N1    C6     sing N N 63  
DC C2    O2     doub N N 64  
DC C2    N3     sing N N 65  
DC N3    C4     doub N N 66  
DC C4    N4     sing N N 67  
DC C4    C5     sing N N 68  
DC N4    H41    sing N N 69  
DC N4    H42    sing N N 70  
DC C5    C6     doub N N 71  
DC C5    H5     sing N N 72  
DC C6    H6     sing N N 73  
DG OP3   P      sing N N 74  
DG OP3   HOP3   sing N N 75  
DG P     OP1    doub N N 76  
DG P     OP2    sing N N 77  
DG P     "O5'"  sing N N 78  
DG OP2   HOP2   sing N N 79  
DG "O5'" "C5'"  sing N N 80  
DG "C5'" "C4'"  sing N N 81  
DG "C5'" "H5'"  sing N N 82  
DG "C5'" "H5''" sing N N 83  
DG "C4'" "O4'"  sing N N 84  
DG "C4'" "C3'"  sing N N 85  
DG "C4'" "H4'"  sing N N 86  
DG "O4'" "C1'"  sing N N 87  
DG "C3'" "O3'"  sing N N 88  
DG "C3'" "C2'"  sing N N 89  
DG "C3'" "H3'"  sing N N 90  
DG "O3'" "HO3'" sing N N 91  
DG "C2'" "C1'"  sing N N 92  
DG "C2'" "H2'"  sing N N 93  
DG "C2'" "H2''" sing N N 94  
DG "C1'" N9     sing N N 95  
DG "C1'" "H1'"  sing N N 96  
DG N9    C8     sing Y N 97  
DG N9    C4     sing Y N 98  
DG C8    N7     doub Y N 99  
DG C8    H8     sing N N 100 
DG N7    C5     sing Y N 101 
DG C5    C6     sing N N 102 
DG C5    C4     doub Y N 103 
DG C6    O6     doub N N 104 
DG C6    N1     sing N N 105 
DG N1    C2     sing N N 106 
DG N1    H1     sing N N 107 
DG C2    N2     sing N N 108 
DG C2    N3     doub N N 109 
DG N2    H21    sing N N 110 
DG N2    H22    sing N N 111 
DG N3    C4     sing N N 112 
DT OP3   P      sing N N 113 
DT OP3   HOP3   sing N N 114 
DT P     OP1    doub N N 115 
DT P     OP2    sing N N 116 
DT P     "O5'"  sing N N 117 
DT OP2   HOP2   sing N N 118 
DT "O5'" "C5'"  sing N N 119 
DT "C5'" "C4'"  sing N N 120 
DT "C5'" "H5'"  sing N N 121 
DT "C5'" "H5''" sing N N 122 
DT "C4'" "O4'"  sing N N 123 
DT "C4'" "C3'"  sing N N 124 
DT "C4'" "H4'"  sing N N 125 
DT "O4'" "C1'"  sing N N 126 
DT "C3'" "O3'"  sing N N 127 
DT "C3'" "C2'"  sing N N 128 
DT "C3'" "H3'"  sing N N 129 
DT "O3'" "HO3'" sing N N 130 
DT "C2'" "C1'"  sing N N 131 
DT "C2'" "H2'"  sing N N 132 
DT "C2'" "H2''" sing N N 133 
DT "C1'" N1     sing N N 134 
DT "C1'" "H1'"  sing N N 135 
DT N1    C2     sing N N 136 
DT N1    C6     sing N N 137 
DT C2    O2     doub N N 138 
DT C2    N3     sing N N 139 
DT N3    C4     sing N N 140 
DT N3    H3     sing N N 141 
DT C4    O4     doub N N 142 
DT C4    C5     sing N N 143 
DT C5    C7     sing N N 144 
DT C5    C6     doub N N 145 
DT C7    H71    sing N N 146 
DT C7    H72    sing N N 147 
DT C7    H73    sing N N 148 
DT C6    H6     sing N N 149 
# 
loop_
_ndb_struct_conf_na.entry_id 
_ndb_struct_conf_na.feature 
9NCI 'double helix'        
9NCI 'b-form double helix' 
# 
loop_
_ndb_struct_na_base_pair.model_number 
_ndb_struct_na_base_pair.i_label_asym_id 
_ndb_struct_na_base_pair.i_label_comp_id 
_ndb_struct_na_base_pair.i_label_seq_id 
_ndb_struct_na_base_pair.i_symmetry 
_ndb_struct_na_base_pair.j_label_asym_id 
_ndb_struct_na_base_pair.j_label_comp_id 
_ndb_struct_na_base_pair.j_label_seq_id 
_ndb_struct_na_base_pair.j_symmetry 
_ndb_struct_na_base_pair.shear 
_ndb_struct_na_base_pair.stretch 
_ndb_struct_na_base_pair.stagger 
_ndb_struct_na_base_pair.buckle 
_ndb_struct_na_base_pair.propeller 
_ndb_struct_na_base_pair.opening 
_ndb_struct_na_base_pair.pair_number 
_ndb_struct_na_base_pair.pair_name 
_ndb_struct_na_base_pair.i_auth_asym_id 
_ndb_struct_na_base_pair.i_auth_seq_id 
_ndb_struct_na_base_pair.i_PDB_ins_code 
_ndb_struct_na_base_pair.j_auth_asym_id 
_ndb_struct_na_base_pair.j_auth_seq_id 
_ndb_struct_na_base_pair.j_PDB_ins_code 
_ndb_struct_na_base_pair.hbond_type_28 
_ndb_struct_na_base_pair.hbond_type_12 
1 A DC 4 1_555 C DG 13 1_555 0.078  -0.359 -1.026 -5.751  9.310   -5.008 1  A_DC105:DG112_C A 105 ? C 112 ? 19 1 
1 A DA 5 1_555 C DT 12 1_555 0.080  -0.429 -1.525 -7.920  -18.243 6.939  2  A_DA106:DT111_C A 106 ? C 111 ? 20 1 
1 A DC 6 1_555 C DG 11 1_555 -0.562 -0.057 -1.939 -7.255  -22.285 28.440 3  A_DC107:DG110_C A 107 ? C 110 ? ?  1 
1 A DC 7 1_555 C DG 10 1_555 0.261  -0.245 -0.906 -3.151  -11.308 5.325  4  A_DC108:DG109_C A 108 ? C 109 ? 19 1 
1 A DT 8 1_555 B DA 3  1_555 -0.097 -0.110 -0.441 -13.907 -25.902 31.874 5  A_DT109:DA107_B A 109 ? B 107 ? 20 1 
1 A DG 9 1_555 B DC 2  1_555 -0.258 -0.170 -0.744 -10.819 -6.035  4.524  6  A_DG110:DC106_B A 110 ? B 106 ? 19 1 
1 C DT 3 1_555 D DA 10 1_555 0.824  0.174  -0.300 -16.670 -32.743 22.575 7  C_DT102:DA122_D C 102 ? D 122 ? ?  1 
1 C DG 4 1_555 D DC 9  1_555 -0.192 -0.254 -1.157 -14.148 -5.357  -1.485 8  C_DG103:DC121_D C 103 ? D 121 ? 19 1 
1 C DA 5 1_555 D DT 8  1_555 0.073  -0.149 -0.720 -7.370  -6.940  -0.776 9  C_DA104:DT120_D C 104 ? D 120 ? 20 1 
1 C DC 6 1_555 D DG 7  1_555 0.173  -0.162 -0.640 -5.661  -4.483  0.161  10 C_DC105:DG119_D C 105 ? D 119 ? 19 1 
1 C DT 7 1_555 D DA 6  1_555 0.008  -0.244 -0.468 -4.667  -6.448  5.323  11 C_DT106:DA118_D C 106 ? D 118 ? 20 1 
1 C DG 8 1_555 D DC 5  1_555 -0.200 -0.120 -0.356 -3.203  -3.968  0.417  12 C_DG107:DC117_D C 107 ? D 117 ? 19 1 
1 C DT 9 1_555 D DA 4  1_555 -0.042 -0.158 -0.314 1.887   -1.403  4.143  13 C_DT108:DA116_D C 108 ? D 116 ? 20 1 
1 B DC 4 1_555 D DG 3  1_555 0.209  -0.189 -0.471 1.081   -7.414  -0.389 14 B_DC111:DG115_D B 111 ? D 115 ? 19 1 
1 B DC 5 1_555 D DG 2  1_555 0.183  -0.109 0.298  1.557   -9.160  0.431  15 B_DC112:DG114_D B 112 ? D 114 ? 19 1 
1 B DG 6 1_555 D DC 1  1_555 -0.178 -0.116 -0.199 3.075   -13.577 3.249  16 B_DG113:DC113_D B 113 ? D 113 ? 19 1 
# 
loop_
_ndb_struct_na_base_pair_step.model_number 
_ndb_struct_na_base_pair_step.i_label_asym_id_1 
_ndb_struct_na_base_pair_step.i_label_comp_id_1 
_ndb_struct_na_base_pair_step.i_label_seq_id_1 
_ndb_struct_na_base_pair_step.i_symmetry_1 
_ndb_struct_na_base_pair_step.j_label_asym_id_1 
_ndb_struct_na_base_pair_step.j_label_comp_id_1 
_ndb_struct_na_base_pair_step.j_label_seq_id_1 
_ndb_struct_na_base_pair_step.j_symmetry_1 
_ndb_struct_na_base_pair_step.i_label_asym_id_2 
_ndb_struct_na_base_pair_step.i_label_comp_id_2 
_ndb_struct_na_base_pair_step.i_label_seq_id_2 
_ndb_struct_na_base_pair_step.i_symmetry_2 
_ndb_struct_na_base_pair_step.j_label_asym_id_2 
_ndb_struct_na_base_pair_step.j_label_comp_id_2 
_ndb_struct_na_base_pair_step.j_label_seq_id_2 
_ndb_struct_na_base_pair_step.j_symmetry_2 
_ndb_struct_na_base_pair_step.shift 
_ndb_struct_na_base_pair_step.slide 
_ndb_struct_na_base_pair_step.rise 
_ndb_struct_na_base_pair_step.tilt 
_ndb_struct_na_base_pair_step.roll 
_ndb_struct_na_base_pair_step.twist 
_ndb_struct_na_base_pair_step.x_displacement 
_ndb_struct_na_base_pair_step.y_displacement 
_ndb_struct_na_base_pair_step.helical_rise 
_ndb_struct_na_base_pair_step.inclination 
_ndb_struct_na_base_pair_step.tip 
_ndb_struct_na_base_pair_step.helical_twist 
_ndb_struct_na_base_pair_step.step_number 
_ndb_struct_na_base_pair_step.step_name 
_ndb_struct_na_base_pair_step.i_auth_asym_id_1 
_ndb_struct_na_base_pair_step.i_auth_seq_id_1 
_ndb_struct_na_base_pair_step.i_PDB_ins_code_1 
_ndb_struct_na_base_pair_step.j_auth_asym_id_1 
_ndb_struct_na_base_pair_step.j_auth_seq_id_1 
_ndb_struct_na_base_pair_step.j_PDB_ins_code_1 
_ndb_struct_na_base_pair_step.i_auth_asym_id_2 
_ndb_struct_na_base_pair_step.i_auth_seq_id_2 
_ndb_struct_na_base_pair_step.i_PDB_ins_code_2 
_ndb_struct_na_base_pair_step.j_auth_asym_id_2 
_ndb_struct_na_base_pair_step.j_auth_seq_id_2 
_ndb_struct_na_base_pair_step.j_PDB_ins_code_2 
1 A DC 4 1_555 C DG 13 1_555 A DA 5 1_555 C DT 12 1_555 1.115  0.504  3.609 5.981  27.871  32.715 -2.625 -0.806 3.232 41.113  
-8.822  43.134 1  AA_DC105DA106:DT111DG112_CC A 105 ? C 112 ? A 106 ? C 111 ? 
1 A DA 5 1_555 C DT 12 1_555 A DC 6 1_555 C DG 11 1_555 0.237  0.001  3.882 3.057  -1.825  29.000 0.474  0.321  3.878 -3.627  
-6.075  29.213 2  AA_DA106DC107:DG110DT111_CC A 106 ? C 111 ? A 107 ? C 110 ? 
1 A DC 6 1_555 C DG 11 1_555 A DC 7 1_555 C DG 10 1_555 -1.543 0.866  4.095 -2.912 1.293   42.473 1.027  1.751  4.211 1.782   
4.012   42.587 3  AA_DC107DC108:DG109DG110_CC A 107 ? C 110 ? A 108 ? C 109 ? 
1 A DC 7 1_555 C DG 10 1_555 A DT 8 1_555 B DA 3  1_555 0.932  1.372  3.812 3.984  -0.933  16.177 5.471  -0.035 3.842 -3.250  
-13.872 16.684 4  AA_DC108DT109:DA107DG109_BC A 108 ? C 109 ? A 109 ? B 107 ? 
1 A DT 8 1_555 B DA 3  1_555 A DG 9 1_555 B DC 2  1_555 0.706  0.832  3.543 -4.702 18.596  24.113 -2.663 -2.402 3.183 37.781  
9.553   30.723 5  AA_DT109DG110:DC106DA107_BB A 109 ? B 107 ? A 110 ? B 106 ? 
1 C DT 3 1_555 D DA 10 1_555 C DG 4 1_555 D DC 9  1_555 -1.963 2.590  3.684 -2.533 12.312  35.437 1.966  2.628  4.436 19.486  
4.009   37.533 6  CC_DT102DG103:DC121DA122_DD C 102 ? D 122 ? C 103 ? D 121 ? 
1 C DG 4 1_555 D DC 9  1_555 C DA 5 1_555 D DT 8  1_555 0.350  0.553  3.372 -7.137 9.009   38.332 -0.270 -1.368 3.300 13.358  
10.583  39.956 7  CC_DG103DA104:DT120DC121_DD C 103 ? D 121 ? C 104 ? D 120 ? 
1 C DA 5 1_555 D DT 8  1_555 C DC 6 1_555 D DG 7  1_555 -0.209 -0.415 2.988 -0.304 2.258   41.301 -0.808 0.266  2.964 3.198   
0.431   41.361 8  CC_DA104DC105:DG119DT120_DD C 104 ? D 120 ? C 105 ? D 119 ? 
1 C DC 6 1_555 D DG 7  1_555 C DT 7 1_555 D DA 6  1_555 -0.107 0.259  3.203 2.632  4.640   29.134 -0.460 0.757  3.183 9.127   
-5.178  29.608 9  CC_DC105DT106:DA118DG119_DD C 105 ? D 119 ? C 106 ? D 118 ? 
1 C DT 7 1_555 D DA 6  1_555 C DG 8 1_555 D DC 5  1_555 -0.276 1.625  3.270 -6.146 4.458   42.325 1.763  -0.251 3.421 6.115   
8.430   42.970 10 CC_DT106DG107:DC117DA118_DD C 106 ? D 118 ? C 107 ? D 117 ? 
1 C DG 8 1_555 D DC 5  1_555 C DT 9 1_555 D DA 4  1_555 0.059  -0.816 3.059 0.667  2.259   30.477 -1.963 0.010  2.993 4.290   
-1.266  30.566 11 CC_DG107DT108:DA116DC117_DD C 107 ? D 117 ? C 108 ? D 116 ? 
1 C DT 9 1_555 D DA 4  1_555 B DC 4 1_555 D DG 3  1_555 0.243  -0.605 3.101 1.462  2.140   31.126 -1.507 -0.190 3.061 3.979   
-2.719  31.231 12 CB_DT108DC111:DG115DA116_DD C 108 ? D 116 ? B 111 ? D 115 ? 
1 B DC 4 1_555 D DG 3  1_555 B DC 5 1_555 D DG 2  1_555 0.591  1.331  3.465 4.386  1.283   39.515 1.797  -0.321 3.548 1.890   
-6.461  39.768 13 BB_DC111DC112:DG114DG115_DD B 111 ? D 115 ? B 112 ? D 114 ? 
1 B DC 5 1_555 D DG 2  1_555 B DG 6 1_555 D DC 1  1_555 0.002  3.929  3.206 5.676  -12.661 38.963 6.667  0.487  1.876 -18.291 
-8.200  41.270 14 BB_DC112DG113:DC113DG114_DD B 112 ? D 114 ? B 113 ? D 113 ? 
# 
loop_
_pdbx_audit_support.funding_organization 
_pdbx_audit_support.country 
_pdbx_audit_support.grant_number 
_pdbx_audit_support.ordinal 
'Office of Naval Research (ONR)'                   'United States' N000141912596 1 
'Department of Energy (DOE, United States)'        'United States' DE-SC0007991  2 
'National Science Foundation (NSF, United States)' 'United States' CCF-2106790   3 
'National Science Foundation (NSF, United States)' 'United States' GCR-2317843   4 
# 
_pdbx_initial_refinement_model.id               1 
_pdbx_initial_refinement_model.entity_id_list   ? 
_pdbx_initial_refinement_model.type             'experimental model' 
_pdbx_initial_refinement_model.source_name      PDB 
_pdbx_initial_refinement_model.accession_code   8D93 
_pdbx_initial_refinement_model.details          'tensegrity triangle' 
# 
_space_group.name_H-M_alt     'H 3' 
_space_group.name_Hall        'H 3' 
_space_group.IT_number        146 
_space_group.crystal_system   trigonal 
_space_group.id               1 
# 
_atom_sites.entry_id                    9NCI 
_atom_sites.Cartn_transf_matrix[1][1]   ? 
_atom_sites.Cartn_transf_matrix[1][2]   ? 
_atom_sites.Cartn_transf_matrix[1][3]   ? 
_atom_sites.Cartn_transf_matrix[2][1]   ? 
_atom_sites.Cartn_transf_matrix[2][2]   ? 
_atom_sites.Cartn_transf_matrix[2][3]   ? 
_atom_sites.Cartn_transf_matrix[3][1]   ? 
_atom_sites.Cartn_transf_matrix[3][2]   ? 
_atom_sites.Cartn_transf_matrix[3][3]   ? 
_atom_sites.Cartn_transf_vector[1]      ? 
_atom_sites.Cartn_transf_vector[2]      ? 
_atom_sites.Cartn_transf_vector[3]      ? 
_atom_sites.Cartn_transform_axes        ? 
_atom_sites.fract_transf_matrix[1][1]   -0.00586380 
_atom_sites.fract_transf_matrix[1][2]   -0.00012396 
_atom_sites.fract_transf_matrix[1][3]   0.00916077 
_atom_sites.fract_transf_matrix[2][1]   -0.01074152 
_atom_sites.fract_transf_matrix[2][2]   0.00166514 
_atom_sites.fract_transf_matrix[2][3]   -0.00039513 
_atom_sites.fract_transf_matrix[3][1]   -0.00164499 
_atom_sites.fract_transf_matrix[3][2]   -0.01089634 
_atom_sites.fract_transf_matrix[3][3]   -0.00120040 
_atom_sites.fract_transf_vector[1]      0.202092 
_atom_sites.fract_transf_vector[2]      0.008236 
_atom_sites.fract_transf_vector[3]      0.154566 
_atom_sites.solution_primary            ? 
_atom_sites.solution_secondary          ? 
_atom_sites.solution_hydrogens          ? 
_atom_sites.special_details             ? 
# 
loop_
_atom_type.symbol 
_atom_type.scat_dispersion_real 
_atom_type.scat_dispersion_imag 
_atom_type.scat_Cromer_Mann_a1 
_atom_type.scat_Cromer_Mann_a2 
_atom_type.scat_Cromer_Mann_a3 
_atom_type.scat_Cromer_Mann_a4 
_atom_type.scat_Cromer_Mann_b1 
_atom_type.scat_Cromer_Mann_b2 
_atom_type.scat_Cromer_Mann_b3 
_atom_type.scat_Cromer_Mann_b4 
_atom_type.scat_Cromer_Mann_c 
_atom_type.scat_source 
_atom_type.scat_dispersion_source 
C ? ? 5.96793  ? ? ? 14.89577 ? ? ? 0.0 
;1-Gaussian fit: Grosse-Kunstleve RW, Sauter NK, Adams PD: Newsletter of the IUCr Commission on Crystallographic Computing 2004, 3, 22-31.
;
? 
N ? ? 6.96715  ? ? ? 11.43723 ? ? ? 0.0 
;1-Gaussian fit: Grosse-Kunstleve RW, Sauter NK, Adams PD: Newsletter of the IUCr Commission on Crystallographic Computing 2004, 3, 22-31.
;
? 
O ? ? 7.96527  ? ? ? 9.05267  ? ? ? 0.0 
;1-Gaussian fit: Grosse-Kunstleve RW, Sauter NK, Adams PD: Newsletter of the IUCr Commission on Crystallographic Computing 2004, 3, 22-31.
;
? 
P ? ? 14.90797 ? ? ? 11.91318 ? ? ? 0.0 
;1-Gaussian fit: Grosse-Kunstleve RW, Sauter NK, Adams PD: Newsletter of the IUCr Commission on Crystallographic Computing 2004, 3, 22-31.
;
? 
# 
loop_
_atom_site.group_PDB 
_atom_site.id 
_atom_site.type_symbol 
_atom_site.label_atom_id 
_atom_site.label_alt_id 
_atom_site.label_comp_id 
_atom_site.label_asym_id 
_atom_site.label_entity_id 
_atom_site.label_seq_id 
_atom_site.pdbx_PDB_ins_code 
_atom_site.Cartn_x 
_atom_site.Cartn_y 
_atom_site.Cartn_z 
_atom_site.occupancy 
_atom_site.B_iso_or_equiv 
_atom_site.pdbx_formal_charge 
_atom_site.auth_seq_id 
_atom_site.auth_comp_id 
_atom_site.auth_asym_id 
_atom_site.auth_atom_id 
_atom_site.pdbx_PDB_model_num 
ATOM 1   P P     . DG A 1 1  ? 4.82788   7.98601   9.20565   1.000 341.85900 ? 102 DG A P     1 
ATOM 2   O OP1   . DG A 1 1  ? 6.26427   7.64182   9.27821   1.000 343.55917 ? 102 DG A OP1   1 
ATOM 3   O OP2   . DG A 1 1  ? 4.14776   7.95521   7.89409   1.000 336.68545 ? 102 DG A OP2   1 
ATOM 4   O "O5'" . DG A 1 1  ? 4.00479   7.05206   10.21036  1.000 343.84902 ? 102 DG A "O5'" 1 
ATOM 5   C "C5'" . DG A 1 1  ? 4.46616   5.73682   10.49762  1.000 344.63401 ? 102 DG A "C5'" 1 
ATOM 6   C "C4'" . DG A 1 1  ? 3.70906   5.13398   11.67041  1.000 344.87198 ? 102 DG A "C4'" 1 
ATOM 7   O "O4'" . DG A 1 1  ? 3.60869   6.11185   12.74282  1.000 347.52184 ? 102 DG A "O4'" 1 
ATOM 8   C "C3'" . DG A 1 1  ? 2.26994   4.72206   11.37943  1.000 340.67603 ? 102 DG A "C3'" 1 
ATOM 9   O "O3'" . DG A 1 1  ? 1.90185   3.66620   12.26482  1.000 341.08727 ? 102 DG A "O3'" 1 
ATOM 10  C "C2'" . DG A 1 1  ? 1.51770   6.00396   11.71483  1.000 340.27314 ? 102 DG A "C2'" 1 
ATOM 11  C "C1'" . DG A 1 1  ? 2.24007   6.38558   12.99356  1.000 344.94299 ? 102 DG A "C1'" 1 
ATOM 12  N N9    . DG A 1 1  ? 2.11649   7.78721   13.40294  1.000 346.29197 ? 102 DG A N9    1 
ATOM 13  C C8    . DG A 1 1  ? 2.73024   8.86590   12.83585  1.000 346.30390 ? 102 DG A C8    1 
ATOM 14  N N7    . DG A 1 1  ? 2.46695   9.99144   13.44007  1.000 347.72334 ? 102 DG A N7    1 
ATOM 15  C C5    . DG A 1 1  ? 1.63478   9.63214   14.48295  1.000 349.15023 ? 102 DG A C5    1 
ATOM 16  C C6    . DG A 1 1  ? 1.02010   10.42831  15.47991  1.000 351.56458 ? 102 DG A C6    1 
ATOM 17  O O6    . DG A 1 1  ? 1.10025   11.65253  15.63935  1.000 352.71414 ? 102 DG A O6    1 
ATOM 18  N N1    . DG A 1 1  ? 0.24677   9.66409   16.34659  1.000 352.91617 ? 102 DG A N1    1 
ATOM 19  C C2    . DG A 1 1  ? 0.08060   8.30071   16.26448  1.000 351.69764 ? 102 DG A C2    1 
ATOM 20  N N2    . DG A 1 1  ? -0.71199  7.73323   17.19854  1.000 353.49441 ? 102 DG A N2    1 
ATOM 21  N N3    . DG A 1 1  ? 0.65351   7.54606   15.33089  1.000 349.17844 ? 102 DG A N3    1 
ATOM 22  C C4    . DG A 1 1  ? 1.40964   8.27287   14.47978  1.000 348.23005 ? 102 DG A C4    1 
ATOM 23  P P     . DA A 1 2  ? 0.67310   2.69352   11.91429  1.000 346.68609 ? 103 DA A P     1 
ATOM 24  O OP1   . DA A 1 2  ? 1.18413   1.30560   11.94007  1.000 347.08804 ? 103 DA A OP1   1 
ATOM 25  O OP2   . DA A 1 2  ? 0.03864   3.20681   10.68162  1.000 346.71127 ? 103 DA A OP2   1 
ATOM 26  O "O5'" . DA A 1 2  ? -0.34030  2.87796   13.14627  1.000 342.43560 ? 103 DA A "O5'" 1 
ATOM 27  C "C5'" . DA A 1 2  ? -0.50867  4.15775   13.76459  1.000 344.61568 ? 103 DA A "C5'" 1 
ATOM 28  C "C4'" . DA A 1 2  ? -1.90831  4.69746   13.52693  1.000 342.53282 ? 103 DA A "C4'" 1 
ATOM 29  O "O4'" . DA A 1 2  ? -1.87689  6.15281   13.52270  1.000 343.50500 ? 103 DA A "O4'" 1 
ATOM 30  C "C3'" . DA A 1 2  ? -2.53185  4.28703   12.19685  1.000 338.19811 ? 103 DA A "C3'" 1 
ATOM 31  O "O3'" . DA A 1 2  ? -3.91324  4.04591   12.36112  1.000 337.29504 ? 103 DA A "O3'" 1 
ATOM 32  C "C2'" . DA A 1 2  ? -2.27521  5.49882   11.30828  1.000 339.20048 ? 103 DA A "C2'" 1 
ATOM 33  C "C1'" . DA A 1 2  ? -2.40452  6.64098   12.30551  1.000 339.94504 ? 103 DA A "C1'" 1 
ATOM 34  N N9    . DA A 1 2  ? -1.65751  7.83773   11.91874  1.000 340.27820 ? 103 DA A N9    1 
ATOM 35  C C8    . DA A 1 2  ? -0.86336  7.99196   10.81759  1.000 343.91621 ? 103 DA A C8    1 
ATOM 36  N N7    . DA A 1 2  ? -0.30752  9.17623   10.72364  1.000 345.63892 ? 103 DA A N7    1 
ATOM 37  C C5    . DA A 1 2  ? -0.77792  9.85272   11.83678  1.000 342.82038 ? 103 DA A C5    1 
ATOM 38  C C6    . DA A 1 2  ? -0.56304  11.16088  12.31574  1.000 344.09433 ? 103 DA A C6    1 
ATOM 39  N N6    . DA A 1 2  ? 0.21983   12.05388  11.69803  1.000 345.73000 ? 103 DA A N6    1 
ATOM 40  N N1    . DA A 1 2  ? -1.18582  11.51718  13.45961  1.000 347.10111 ? 103 DA A N1    1 
ATOM 41  C C2    . DA A 1 2  ? -1.96746  10.62136  14.07574  1.000 347.86154 ? 103 DA A C2    1 
ATOM 42  N N3    . DA A 1 2  ? -2.24515  9.36815   13.72236  1.000 345.77898 ? 103 DA A N3    1 
ATOM 43  C C4    . DA A 1 2  ? -1.61365  9.04238   12.58424  1.000 342.74992 ? 103 DA A C4    1 
ATOM 44  P P     . DG A 1 3  ? -4.57490  2.72460   11.73517  1.000 338.81197 ? 104 DG A P     1 
ATOM 45  O OP1   . DG A 1 3  ? -4.21554  1.59402   12.62042  1.000 340.18580 ? 104 DG A OP1   1 
ATOM 46  O OP2   . DG A 1 3  ? -4.19928  2.67547   10.30431  1.000 335.41354 ? 104 DG A OP2   1 
ATOM 47  O "O5'" . DG A 1 3  ? -6.14889  3.00267   11.82861  1.000 339.04255 ? 104 DG A "O5'" 1 
ATOM 48  C "C5'" . DG A 1 3  ? -6.75886  3.96286   10.96414  1.000 337.36398 ? 104 DG A "C5'" 1 
ATOM 49  C "C4'" . DG A 1 3  ? -6.98573  5.28757   11.67798  1.000 340.21466 ? 104 DG A "C4'" 1 
ATOM 50  O "O4'" . DG A 1 3  ? -5.72768  5.98346   11.81177  1.000 341.24461 ? 104 DG A "O4'" 1 
ATOM 51  C "C3'" . DG A 1 3  ? -7.90551  6.24919   10.94391  1.000 338.66902 ? 104 DG A "C3'" 1 
ATOM 52  O "O3'" . DG A 1 3  ? -9.24446  6.04042   11.36823  1.000 340.65434 ? 104 DG A "O3'" 1 
ATOM 53  C "C2'" . DG A 1 3  ? -7.39738  7.62536   11.37306  1.000 340.40705 ? 104 DG A "C2'" 1 
ATOM 54  C "C1'" . DG A 1 3  ? -5.91572  7.37786   11.66330  1.000 340.96015 ? 104 DG A "C1'" 1 
ATOM 55  N N9    . DG A 1 3  ? -5.00716  7.85889   10.62141  1.000 337.81542 ? 104 DG A N9    1 
ATOM 56  C C8    . DG A 1 3  ? -4.57295  7.16822   9.51350   1.000 334.58289 ? 104 DG A C8    1 
ATOM 57  N N7    . DG A 1 3  ? -3.74661  7.84921   8.76696   1.000 332.82527 ? 104 DG A N7    1 
ATOM 58  C C5    . DG A 1 3  ? -3.62231  9.06881   9.42235   1.000 334.71438 ? 104 DG A C5    1 
ATOM 59  C C6    . DG A 1 3  ? -2.85737  10.21205  9.08539   1.000 334.07633 ? 104 DG A C6    1 
ATOM 60  O O6    . DG A 1 3  ? -2.11789  10.38063  8.10522   1.000 331.65716 ? 104 DG A O6    1 
ATOM 61  N N1    . DG A 1 3  ? -3.01626  11.23191  10.02211  1.000 336.96629 ? 104 DG A N1    1 
ATOM 62  C C2    . DG A 1 3  ? -3.81250  11.15416  11.14042  1.000 340.36978 ? 104 DG A C2    1 
ATOM 63  N N2    . DG A 1 3  ? -3.83989  12.23696  11.92559  1.000 343.40757 ? 104 DG A N2    1 
ATOM 64  N N3    . DG A 1 3  ? -4.53079  10.08975  11.46852  1.000 341.07650 ? 104 DG A N3    1 
ATOM 65  C C4    . DG A 1 3  ? -4.38784  9.08817   10.56780  1.000 337.95698 ? 104 DG A C4    1 
ATOM 66  P P     . DC A 1 4  ? -10.44826 6.09378   10.30725  1.000 337.87538 ? 105 DC A P     1 
ATOM 67  O OP1   . DC A 1 4  ? -11.63805 5.50269   10.95872  1.000 341.30414 ? 105 DC A OP1   1 
ATOM 68  O OP2   . DC A 1 4  ? -9.95119  5.52234   9.03580   1.000 333.48506 ? 105 DC A OP2   1 
ATOM 69  O "O5'" . DC A 1 4  ? -10.69030 7.65944   10.07705  1.000 337.35846 ? 105 DC A "O5'" 1 
ATOM 70  C "C5'" . DC A 1 4  ? -11.18296 8.47653   11.13723  1.000 341.75018 ? 105 DC A "C5'" 1 
ATOM 71  C "C4'" . DC A 1 4  ? -11.73069 9.78358   10.58934  1.000 340.81197 ? 105 DC A "C4'" 1 
ATOM 72  O "O4'" . DC A 1 4  ? -10.79874 10.85382  10.86510  1.000 340.99435 ? 105 DC A "O4'" 1 
ATOM 73  C "C3'" . DC A 1 4  ? -11.95922 9.78834   9.08522   1.000 335.54764 ? 105 DC A "C3'" 1 
ATOM 74  O "O3'" . DC A 1 4  ? -13.32075 9.44977   8.81708   1.000 336.46444 ? 105 DC A "O3'" 1 
ATOM 75  C "C2'" . DC A 1 4  ? -11.64068 11.22624  8.66787   1.000 333.67740 ? 105 DC A "C2'" 1 
ATOM 76  C "C1'" . DC A 1 4  ? -10.66842 11.70812  9.74481   1.000 336.83367 ? 105 DC A "C1'" 1 
ATOM 77  N N1    . DC A 1 4  ? -9.22517  11.72224  9.34421   1.000 334.11383 ? 105 DC A N1    1 
ATOM 78  C C2    . DC A 1 4  ? -8.64141  12.90153  8.85427   1.000 332.13481 ? 105 DC A C2    1 
ATOM 79  O O2    . DC A 1 4  ? -9.33686  13.91577  8.71620   1.000 332.18509 ? 105 DC A O2    1 
ATOM 80  N N3    . DC A 1 4  ? -7.32392  12.89205  8.53059   1.000 330.53677 ? 105 DC A N3    1 
ATOM 81  C C4    . DC A 1 4  ? -6.60343  11.78203  8.69056   1.000 331.03941 ? 105 DC A C4    1 
ATOM 82  N N4    . DC A 1 4  ? -5.31257  11.82197  8.35433   1.000 333.71425 ? 105 DC A N4    1 
ATOM 83  C C5    . DC A 1 4  ? -7.17522  10.58093  9.19878   1.000 332.72479 ? 105 DC A C5    1 
ATOM 84  C C6    . DC A 1 4  ? -8.47202  10.59794  9.51583   1.000 334.15116 ? 105 DC A C6    1 
ATOM 85  P P     . DA A 1 5  ? -13.86053 9.34791   7.30655   1.000 339.13633 ? 106 DA A P     1 
ATOM 86  O OP1   . DA A 1 5  ? -15.09985 8.54018   7.32939   1.000 341.67509 ? 106 DA A OP1   1 
ATOM 87  O OP2   . DA A 1 5  ? -12.73114 8.93675   6.44457   1.000 334.20259 ? 106 DA A OP2   1 
ATOM 88  O "O5'" . DA A 1 5  ? -14.25318 10.85306  6.94079   1.000 338.07056 ? 106 DA A "O5'" 1 
ATOM 89  C "C5'" . DA A 1 5  ? -14.47808 11.22175  5.58961   1.000 332.37724 ? 106 DA A "C5'" 1 
ATOM 90  C "C4'" . DA A 1 5  ? -13.98965 12.63410  5.34371   1.000 330.33949 ? 106 DA A "C4'" 1 
ATOM 91  O "O4'" . DA A 1 5  ? -12.63817 12.76592  5.85566   1.000 330.92983 ? 106 DA A "O4'" 1 
ATOM 92  C "C3'" . DA A 1 5  ? -13.88071 13.03655  3.88495   1.000 323.43617 ? 106 DA A "C3'" 1 
ATOM 93  O "O3'" . DA A 1 5  ? -13.87254 14.46007  3.80777   1.000 322.99732 ? 106 DA A "O3'" 1 
ATOM 94  C "C2'" . DA A 1 5  ? -12.51548 12.45700  3.53418   1.000 320.64640 ? 106 DA A "C2'" 1 
ATOM 95  C "C1'" . DA A 1 5  ? -11.73571 12.88104  4.76762   1.000 325.41972 ? 106 DA A "C1'" 1 
ATOM 96  N N9    . DA A 1 5  ? -10.55234 12.07872  5.06212   1.000 326.04617 ? 106 DA A N9    1 
ATOM 97  C C8    . DA A 1 5  ? -10.51294 10.82438  5.60271   1.000 328.41731 ? 106 DA A C8    1 
ATOM 98  N N7    . DA A 1 5  ? -9.29689  10.36720  5.79141   1.000 328.82258 ? 106 DA A N7    1 
ATOM 99  C C5    . DA A 1 5  ? -8.48435  11.39628  5.34579   1.000 331.12178 ? 106 DA A C5    1 
ATOM 100 C C6    . DA A 1 5  ? -7.08401  11.54056  5.27311   1.000 336.16796 ? 106 DA A C6    1 
ATOM 101 N N6    . DA A 1 5  ? -6.22409  10.59539  5.66906   1.000 339.76984 ? 106 DA A N6    1 
ATOM 102 N N1    . DA A 1 5  ? -6.60149  12.69662  4.76664   1.000 337.53987 ? 106 DA A N1    1 
ATOM 103 C C2    . DA A 1 5  ? -7.46897  13.63790  4.37323   1.000 333.95765 ? 106 DA A C2    1 
ATOM 104 N N3    . DA A 1 5  ? -8.79660  13.61850  4.40006   1.000 329.16651 ? 106 DA A N3    1 
ATOM 105 C C4    . DA A 1 5  ? -9.24482  12.45894  4.89829   1.000 328.02329 ? 106 DA A C4    1 
ATOM 106 P P     . DC A 1 6  ? -14.20265 15.22243  2.43226   1.000 325.46967 ? 107 DC A P     1 
ATOM 107 O OP1   . DC A 1 6  ? -13.51806 16.53412  2.49969   1.000 325.20376 ? 107 DC A OP1   1 
ATOM 108 O OP2   . DC A 1 6  ? -15.66711 15.17699  2.22658   1.000 326.10916 ? 107 DC A OP2   1 
ATOM 109 O "O5'" . DC A 1 6  ? -13.51756 14.31113  1.30917   1.000 319.31905 ? 107 DC A "O5'" 1 
ATOM 110 C "C5'" . DC A 1 6  ? -13.20185 14.85616  0.03721   1.000 312.80532 ? 107 DC A "C5'" 1 
ATOM 111 C "C4'" . DC A 1 6  ? -11.81659 15.47440  0.05023   1.000 311.95221 ? 107 DC A "C4'" 1 
ATOM 112 O "O4'" . DC A 1 6  ? -10.93210 14.66400  0.87027   1.000 315.75944 ? 107 DC A "O4'" 1 
ATOM 113 C "C3'" . DC A 1 6  ? -11.14126 15.58022  -1.31576  1.000 304.81603 ? 107 DC A "C3'" 1 
ATOM 114 O "O3'" . DC A 1 6  ? -10.36492 16.77463  -1.37695  1.000 303.55412 ? 107 DC A "O3'" 1 
ATOM 115 C "C2'" . DC A 1 6  ? -10.25675 14.33831  -1.34016  1.000 305.56191 ? 107 DC A "C2'" 1 
ATOM 116 C "C1'" . DC A 1 6  ? -9.80655  14.28770  0.10993   1.000 312.36601 ? 107 DC A "C1'" 1 
ATOM 117 N N1    . DC A 1 6  ? -9.35535  12.94343  0.55778   1.000 315.25055 ? 107 DC A N1    1 
ATOM 118 C C2    . DC A 1 6  ? -7.99822  12.72323  0.79807   1.000 317.46996 ? 107 DC A C2    1 
ATOM 119 O O2    . DC A 1 6  ? -7.20074  13.65254  0.62796   1.000 320.09280 ? 107 DC A O2    1 
ATOM 120 N N3    . DC A 1 6  ? -7.59381  11.49708  1.20926   1.000 321.06133 ? 107 DC A N3    1 
ATOM 121 C C4    . DC A 1 6  ? -8.48809  10.52181  1.37999   1.000 320.58242 ? 107 DC A C4    1 
ATOM 122 N N4    . DC A 1 6  ? -8.04162  9.32889   1.78660   1.000 323.26956 ? 107 DC A N4    1 
ATOM 123 C C5    . DC A 1 6  ? -9.87930  10.72713  1.14119   1.000 318.85970 ? 107 DC A C5    1 
ATOM 124 C C6    . DC A 1 6  ? -10.26525 11.94205  0.73573   1.000 316.35073 ? 107 DC A C6    1 
ATOM 125 P P     . DC A 1 7  ? -10.44141 17.72975  -2.66779  1.000 298.78969 ? 108 DC A P     1 
ATOM 126 O OP1   . DC A 1 7  ? -10.80061 19.09005  -2.20554  1.000 299.10154 ? 108 DC A OP1   1 
ATOM 127 O OP2   . DC A 1 7  ? -11.27292 17.04656  -3.68382  1.000 289.30153 ? 108 DC A OP2   1 
ATOM 128 O "O5'" . DC A 1 7  ? -8.93843  17.75976  -3.21097  1.000 304.47881 ? 108 DC A "O5'" 1 
ATOM 129 C "C5'" . DC A 1 7  ? -8.21133  16.54864  -3.34667  1.000 309.30451 ? 108 DC A "C5'" 1 
ATOM 130 C "C4'" . DC A 1 7  ? -7.03121  16.73123  -4.27988  1.000 313.32889 ? 108 DC A "C4'" 1 
ATOM 131 O "O4'" . DC A 1 7  ? -6.18870  15.55803  -4.21935  1.000 318.67408 ? 108 DC A "O4'" 1 
ATOM 132 C "C3'" . DC A 1 7  ? -7.39178  16.86287  -5.74463  1.000 309.74638 ? 108 DC A "C3'" 1 
ATOM 133 O "O3'" . DC A 1 7  ? -6.32143  17.48508  -6.44489  1.000 312.33994 ? 108 DC A "O3'" 1 
ATOM 134 C "C2'" . DC A 1 7  ? -7.55060  15.40260  -6.15170  1.000 310.77713 ? 108 DC A "C2'" 1 
ATOM 135 C "C1'" . DC A 1 7  ? -6.43537  14.73339  -5.34638  1.000 318.97658 ? 108 DC A "C1'" 1 
ATOM 136 N N1    . DC A 1 7  ? -6.78696  13.37929  -4.85172  1.000 320.66668 ? 108 DC A N1    1 
ATOM 137 C C2    . DC A 1 7  ? -5.78854  12.56227  -4.31619  1.000 329.34177 ? 108 DC A C2    1 
ATOM 138 O O2    . DC A 1 7  ? -4.61967  12.96091  -4.29298  1.000 335.32673 ? 108 DC A O2    1 
ATOM 139 N N3    . DC A 1 7  ? -6.11893  11.32798  -3.86906  1.000 330.21794 ? 108 DC A N3    1 
ATOM 140 C C4    . DC A 1 7  ? -7.38525  10.91476  -3.92251  1.000 322.82199 ? 108 DC A C4    1 
ATOM 141 N N4    . DC A 1 7  ? -7.65955  9.69086   -3.45834  1.000 323.54969 ? 108 DC A N4    1 
ATOM 142 C C5    . DC A 1 7  ? -8.42309  11.73777  -4.45492  1.000 313.86084 ? 108 DC A C5    1 
ATOM 143 C C6    . DC A 1 7  ? -8.08222  12.95166  -4.90260  1.000 313.10500 ? 108 DC A C6    1 
ATOM 144 P P     . DT A 1 8  ? -6.59551  18.25477  -7.82766  1.000 305.48196 ? 109 DT A P     1 
ATOM 145 O OP1   . DT A 1 8  ? -5.36951  19.00254  -8.17906  1.000 309.20639 ? 109 DT A OP1   1 
ATOM 146 O OP2   . DT A 1 8  ? -7.88172  18.97481  -7.70024  1.000 298.52184 ? 109 DT A OP2   1 
ATOM 147 O "O5'" . DT A 1 8  ? -6.77906  17.07607  -8.89039  1.000 299.90565 ? 109 DT A "O5'" 1 
ATOM 148 C "C5'" . DT A 1 8  ? -5.75431  16.81245  -9.84247  1.000 299.11255 ? 109 DT A "C5'" 1 
ATOM 149 C "C4'" . DT A 1 8  ? -4.68323  15.90922  -9.25850  1.000 310.67702 ? 109 DT A "C4'" 1 
ATOM 150 O "O4'" . DT A 1 8  ? -5.30136  14.95205  -8.38520  1.000 315.68802 ? 109 DT A "O4'" 1 
ATOM 151 C "C3'" . DT A 1 8  ? -3.92404  15.09164  -10.29121 1.000 308.52858 ? 109 DT A "C3'" 1 
ATOM 152 O "O3'" . DT A 1 8  ? -2.72841  15.77542  -10.66782 1.000 306.08183 ? 109 DT A "O3'" 1 
ATOM 153 C "C2'" . DT A 1 8  ? -3.61577  13.76612  -9.57848  1.000 319.65555 ? 109 DT A "C2'" 1 
ATOM 154 C "C1'" . DT A 1 8  ? -4.54230  13.76809  -8.35592  1.000 322.91664 ? 109 DT A "C1'" 1 
ATOM 155 N N1    . DT A 1 8  ? -5.48923  12.62382  -8.30998  1.000 320.80491 ? 109 DT A N1    1 
ATOM 156 C C2    . DT A 1 8  ? -5.07748  11.43450  -7.76847  1.000 328.89221 ? 109 DT A C2    1 
ATOM 157 O O2    . DT A 1 8  ? -3.95758  11.25825  -7.32565  1.000 337.51269 ? 109 DT A O2    1 
ATOM 158 N N3    . DT A 1 8  ? -6.02793  10.44859  -7.76620  1.000 325.22102 ? 109 DT A N3    1 
ATOM 159 C C4    . DT A 1 8  ? -7.32345  10.53599  -8.23981  1.000 313.76100 ? 109 DT A C4    1 
ATOM 160 O O4    . DT A 1 8  ? -8.10430  9.59176   -8.19303  1.000 309.90627 ? 109 DT A O4    1 
ATOM 161 C C5    . DT A 1 8  ? -7.69230  11.81796  -8.78979  1.000 305.54008 ? 109 DT A C5    1 
ATOM 162 C C7    . DT A 1 8  ? -9.07117  12.03849  -9.33482  1.000 291.78703 ? 109 DT A C7    1 
ATOM 163 C C6    . DT A 1 8  ? -6.76909  12.78812  -8.79557  1.000 309.67570 ? 109 DT A C6    1 
ATOM 164 P P     . DG A 1 9  ? -2.61076  16.47119  -12.11315 1.000 293.25115 ? 110 DG A P     1 
ATOM 165 O OP1   . DG A 1 9  ? -1.31840  16.05521  -12.70140 1.000 293.29429 ? 110 DG A OP1   1 
ATOM 166 O OP2   . DG A 1 9  ? -2.90824  17.91252  -11.96036 1.000 290.93756 ? 110 DG A OP2   1 
ATOM 167 O "O5'" . DG A 1 9  ? -3.80553  15.82096  -12.95538 1.000 286.93324 ? 110 DG A "O5'" 1 
ATOM 168 C "C5'" . DG A 1 9  ? -3.51878  14.94235  -14.03412 1.000 284.71691 ? 110 DG A "C5'" 1 
ATOM 169 C "C4'" . DG A 1 9  ? -3.05163  13.59629  -13.51842 1.000 292.57231 ? 110 DG A "C4'" 1 
ATOM 170 O "O4'" . DG A 1 9  ? -4.08039  13.00556  -12.71356 1.000 297.68832 ? 110 DG A "O4'" 1 
ATOM 171 C "C3'" . DG A 1 9  ? -2.73848  12.56220  -14.59775 1.000 291.91057 ? 110 DG A "C3'" 1 
ATOM 172 O "O3'" . DG A 1 9  ? -1.33322  12.44012  -14.74380 1.000 293.98234 ? 110 DG A "O3'" 1 
ATOM 173 C "C2'" . DG A 1 9  ? -3.37792  11.25539  -14.07991 1.000 298.49354 ? 110 DG A "C2'" 1 
ATOM 174 C "C1'" . DG A 1 9  ? -3.84790  11.62989  -12.67790 1.000 302.77728 ? 110 DG A "C1'" 1 
ATOM 175 N N9    . DG A 1 9  ? -5.06925  10.96709  -12.24130 1.000 303.16275 ? 110 DG A N9    1 
ATOM 176 C C8    . DG A 1 9  ? -6.35117  11.46598  -12.28881 1.000 297.09343 ? 110 DG A C8    1 
ATOM 177 N N7    . DG A 1 9  ? -7.24974  10.65264  -11.80220 1.000 298.65975 ? 110 DG A N7    1 
ATOM 178 C C5    . DG A 1 9  ? -6.50982  9.54371   -11.39673 1.000 305.59549 ? 110 DG A C5    1 
ATOM 179 C C6    . DG A 1 9  ? -6.94370  8.33184   -10.79117 1.000 309.32580 ? 110 DG A C6    1 
ATOM 180 O O6    . DG A 1 9  ? -8.09048  7.98311   -10.48279 1.000 307.75854 ? 110 DG A O6    1 
ATOM 181 N N1    . DG A 1 9  ? -5.86553  7.47859   -10.54542 1.000 315.92767 ? 110 DG A N1    1 
ATOM 182 C C2    . DG A 1 9  ? -4.55441  7.75721   -10.84666 1.000 319.42125 ? 110 DG A C2    1 
ATOM 183 N N2    . DG A 1 9  ? -3.64781  6.81984   -10.53637 1.000 324.43834 ? 110 DG A N2    1 
ATOM 184 N N3    . DG A 1 9  ? -4.14315  8.88517   -11.40967 1.000 316.37046 ? 110 DG A N3    1 
ATOM 185 C C4    . DG A 1 9  ? -5.17873  9.72462   -11.65485 1.000 308.86988 ? 110 DG A C4    1 
ATOM 186 P P     . DT A 1 10 ? -0.69226  12.25099  -16.20218 1.000 293.85045 ? 111 DT A P     1 
ATOM 187 O OP1   . DT A 1 10 ? 0.49478   13.12685  -16.30891 1.000 290.79466 ? 111 DT A OP1   1 
ATOM 188 O OP2   . DT A 1 10 ? -1.79085  12.37027  -17.18448 1.000 283.22605 ? 111 DT A OP2   1 
ATOM 189 O "O5'" . DT A 1 10 ? -0.20815  10.73354  -16.19966 1.000 294.43348 ? 111 DT A "O5'" 1 
ATOM 190 C "C5'" . DT A 1 10 ? -0.03970  10.05065  -17.41844 1.000 283.35017 ? 111 DT A "C5'" 1 
ATOM 191 C "C4'" . DT A 1 10 ? -0.42625  8.59643   -17.26478 1.000 287.19064 ? 111 DT A "C4'" 1 
ATOM 192 O "O4'" . DT A 1 10 ? -1.46513  8.47114   -16.25693 1.000 298.69588 ? 111 DT A "O4'" 1 
ATOM 193 C "C3'" . DT A 1 10 ? -0.97927  7.94440   -18.52915 1.000 275.36772 ? 111 DT A "C3'" 1 
ATOM 194 O "O3'" . DT A 1 10 ? -0.42659  6.63009   -18.66293 1.000 273.34475 ? 111 DT A "O3'" 1 
ATOM 195 C "C2'" . DT A 1 10 ? -2.49010  7.93715   -18.28360 1.000 279.62315 ? 111 DT A "C2'" 1 
ATOM 196 C "C1'" . DT A 1 10 ? -2.54350  7.72832   -16.78112 1.000 294.96019 ? 111 DT A "C1'" 1 
ATOM 197 N N1    . DT A 1 10 ? -3.79440  8.20809   -16.14917 1.000 303.19448 ? 111 DT A N1    1 
ATOM 198 C C2    . DT A 1 10 ? -4.28167  7.54928   -15.04468 1.000 315.24246 ? 111 DT A C2    1 
ATOM 199 O O2    . DT A 1 10 ? -3.74238  6.57296   -14.55769 1.000 320.01206 ? 111 DT A O2    1 
ATOM 200 N N3    . DT A 1 10 ? -5.43272  8.07521   -14.52697 1.000 314.97783 ? 111 DT A N3    1 
ATOM 201 C C4    . DT A 1 10 ? -6.12947  9.17380   -14.99266 1.000 303.68948 ? 111 DT A C4    1 
ATOM 202 O O4    . DT A 1 10 ? -7.15889  9.56936   -14.45950 1.000 301.01680 ? 111 DT A O4    1 
ATOM 203 C C5    . DT A 1 10 ? -5.56285  9.82008   -16.15424 1.000 294.12664 ? 111 DT A C5    1 
ATOM 204 C C7    . DT A 1 10 ? -6.23008  11.02546  -16.74884 1.000 279.76468 ? 111 DT A C7    1 
ATOM 205 C C6    . DT A 1 10 ? -4.43415  9.31195   -16.66949 1.000 295.69974 ? 111 DT A C6    1 
ATOM 206 P P     . DA A 1 11 ? -1.33629  5.37205   -19.07846 1.000 293.81909 ? 112 DA A P     1 
ATOM 207 O OP1   . DA A 1 11 ? -2.07411  5.70037   -20.31817 1.000 288.24138 ? 112 DA A OP1   1 
ATOM 208 O OP2   . DA A 1 11 ? -2.05661  4.94777   -17.86089 1.000 306.69042 ? 112 DA A OP2   1 
ATOM 209 O "O5'" . DA A 1 11 ? -0.27135  4.22212   -19.40413 1.000 292.04896 ? 112 DA A "O5'" 1 
ATOM 210 C "C5'" . DA A 1 11 ? -0.00127  3.19866   -18.44350 1.000 296.84901 ? 112 DA A "C5'" 1 
ATOM 211 C "C4'" . DA A 1 11 ? -1.01087  2.06883   -18.56191 1.000 297.22543 ? 112 DA A "C4'" 1 
ATOM 212 O "O4'" . DA A 1 11 ? -2.12689  2.32366   -17.67606 1.000 305.34605 ? 112 DA A "O4'" 1 
ATOM 213 C "C3'" . DA A 1 11 ? -1.62179  1.91162   -19.94266 1.000 292.37373 ? 112 DA A "C3'" 1 
ATOM 214 O "O3'" . DA A 1 11 ? -0.81497  1.04620   -20.73268 1.000 288.79635 ? 112 DA A "O3'" 1 
ATOM 215 C "C2'" . DA A 1 11 ? -2.98374  1.28987   -19.64222 1.000 294.78480 ? 112 DA A "C2'" 1 
ATOM 216 C "C1'" . DA A 1 11 ? -3.33307  1.87914   -18.27210 1.000 300.50164 ? 112 DA A "C1'" 1 
ATOM 217 N N9    . DA A 1 11 ? -4.28419  2.99463   -18.32322 1.000 301.79775 ? 112 DA A N9    1 
ATOM 218 C C8    . DA A 1 11 ? -4.36286  3.97709   -19.27455 1.000 296.98266 ? 112 DA A C8    1 
ATOM 219 N N7    . DA A 1 11 ? -5.31756  4.85175   -19.05649 1.000 298.67960 ? 112 DA A N7    1 
ATOM 220 C C5    . DA A 1 11 ? -5.91681  4.40499   -17.89046 1.000 306.93960 ? 112 DA A C5    1 
ATOM 221 C C6    . DA A 1 11 ? -6.99937  4.89414   -17.13356 1.000 311.45199 ? 112 DA A C6    1 
ATOM 222 N N6    . DA A 1 11 ? -7.69552  5.98579   -17.46126 1.000 306.83296 ? 112 DA A N6    1 
ATOM 223 N N1    . DA A 1 11 ? -7.33842  4.21219   -16.01986 1.000 318.26187 ? 112 DA A N1    1 
ATOM 224 C C2    . DA A 1 11 ? -6.63953  3.11877   -15.69563 1.000 321.75873 ? 112 DA A C2    1 
ATOM 225 N N3    . DA A 1 11 ? -5.60551  2.56608   -16.32578 1.000 317.58650 ? 112 DA A N3    1 
ATOM 226 C C4    . DA A 1 11 ? -5.29110  3.26435   -17.42769 1.000 309.71024 ? 112 DA A C4    1 
ATOM 227 P P     . DA B 2 1  ? -13.11190 -1.83702  -7.31355  1.000 326.56234 ? 105 DA B P     1 
ATOM 228 O OP1   . DA B 2 1  ? -14.46676 -1.80795  -7.90853  1.000 328.09339 ? 105 DA B OP1   1 
ATOM 229 O OP2   . DA B 2 1  ? -12.95610 -1.69931  -5.84837  1.000 325.07363 ? 105 DA B OP2   1 
ATOM 230 O "O5'" . DA B 2 1  ? -12.19184 -0.72971  -8.01513  1.000 325.05030 ? 105 DA B "O5'" 1 
ATOM 231 C "C5'" . DA B 2 1  ? -11.78994 -0.88549  -9.37295  1.000 326.09950 ? 105 DA B "C5'" 1 
ATOM 232 C "C4'" . DA B 2 1  ? -10.41486 -1.52617  -9.46849  1.000 325.99705 ? 105 DA B "C4'" 1 
ATOM 233 O "O4'" . DA B 2 1  ? -9.65592  -0.86687  -10.50926 1.000 325.51372 ? 105 DA B "O4'" 1 
ATOM 234 C "C3'" . DA B 2 1  ? -9.54275  -1.37537  -8.23733  1.000 324.17243 ? 105 DA B "C3'" 1 
ATOM 235 O "O3'" . DA B 2 1  ? -8.47482  -2.32071  -8.31060  1.000 324.76142 ? 105 DA B "O3'" 1 
ATOM 236 C "C2'" . DA B 2 1  ? -9.03648  0.04700   -8.41857  1.000 322.17255 ? 105 DA B "C2'" 1 
ATOM 237 C "C1'" . DA B 2 1  ? -8.74916  0.05491   -9.91885  1.000 323.21605 ? 105 DA B "C1'" 1 
ATOM 238 N N9    . DA B 2 1  ? -8.94346  1.34889   -10.55311 1.000 322.27259 ? 105 DA B N9    1 
ATOM 239 C C8    . DA B 2 1  ? -10.09284 2.08126   -10.59760 1.000 322.22950 ? 105 DA B C8    1 
ATOM 240 N N7    . DA B 2 1  ? -9.97563  3.20859   -11.25720 1.000 321.36466 ? 105 DA B N7    1 
ATOM 241 C C5    . DA B 2 1  ? -8.65858  3.20618   -11.68539 1.000 320.79556 ? 105 DA B C5    1 
ATOM 242 C C6    . DA B 2 1  ? -7.89761  4.12619   -12.43066 1.000 319.82390 ? 105 DA B C6    1 
ATOM 243 N N6    . DA B 2 1  ? -8.38355  5.27383   -12.90475 1.000 319.24326 ? 105 DA B N6    1 
ATOM 244 N N1    . DA B 2 1  ? -6.60714  3.81949   -12.67122 1.000 319.53152 ? 105 DA B N1    1 
ATOM 245 C C2    . DA B 2 1  ? -6.11832  2.66894   -12.19870 1.000 320.20003 ? 105 DA B C2    1 
ATOM 246 N N3    . DA B 2 1  ? -6.73070  1.73354   -11.48090 1.000 321.12353 ? 105 DA B N3    1 
ATOM 247 C C4    . DA B 2 1  ? -8.01011  2.06609   -11.25784 1.000 321.35995 ? 105 DA B C4    1 
ATOM 248 P P     . DC B 2 2  ? -7.28044  -2.30945  -7.23234  1.000 328.02015 ? 106 DC B P     1 
ATOM 249 O OP1   . DC B 2 2  ? -6.64493  -3.64529  -7.28309  1.000 329.47071 ? 106 DC B OP1   1 
ATOM 250 O OP2   . DC B 2 2  ? -7.82222  -1.80276  -5.95318  1.000 326.69877 ? 106 DC B OP2   1 
ATOM 251 O "O5'" . DC B 2 2  ? -6.24162  -1.23415  -7.80993  1.000 326.45844 ? 106 DC B "O5'" 1 
ATOM 252 C "C5'" . DC B 2 2  ? -5.19613  -0.73461  -6.97823  1.000 324.59299 ? 106 DC B "C5'" 1 
ATOM 253 C "C4'" . DC B 2 2  ? -4.06152  -0.16382  -7.81204  1.000 323.88716 ? 106 DC B "C4'" 1 
ATOM 254 O "O4'" . DC B 2 2  ? -4.59831  0.77181   -8.78142  1.000 323.72224 ? 106 DC B "O4'" 1 
ATOM 255 C "C3'" . DC B 2 2  ? -3.05439  0.66174   -7.03680  1.000 321.74759 ? 106 DC B "C3'" 1 
ATOM 256 O "O3'" . DC B 2 2  ? -1.87728  0.80899   -7.83152  1.000 321.58761 ? 106 DC B "O3'" 1 
ATOM 257 C "C2'" . DC B 2 2  ? -3.81197  1.97627   -6.93274  1.000 320.39351 ? 106 DC B "C2'" 1 
ATOM 258 C "C1'" . DC B 2 2  ? -4.27685  2.09483   -8.37366  1.000 321.57235 ? 106 DC B "C1'" 1 
ATOM 259 N N1    . DC B 2 2  ? -5.47084  2.94421   -8.59111  1.000 321.36625 ? 106 DC B N1    1 
ATOM 260 C C2    . DC B 2 2  ? -5.36596  4.05733   -9.42303  1.000 320.61920 ? 106 DC B C2    1 
ATOM 261 O O2    . DC B 2 2  ? -4.27314  4.32409   -9.92849  1.000 320.07059 ? 106 DC B O2    1 
ATOM 262 N N3    . DC B 2 2  ? -6.46191  4.81433   -9.65171  1.000 320.57555 ? 106 DC B N3    1 
ATOM 263 C C4    . DC B 2 2  ? -7.62567  4.49007   -9.08710  1.000 321.24671 ? 106 DC B C4    1 
ATOM 264 N N4    . DC B 2 2  ? -8.68173  5.26978   -9.34548  1.000 321.26411 ? 106 DC B N4    1 
ATOM 265 C C5    . DC B 2 2  ? -7.75786  3.34651   -8.24147  1.000 322.00849 ? 106 DC B C5    1 
ATOM 266 C C6    . DC B 2 2  ? -6.66427  2.60596   -8.02717  1.000 322.04658 ? 106 DC B C6    1 
ATOM 267 P P     . DA B 2 3  ? -0.59289  1.59606   -7.27083  1.000 333.31997 ? 107 DA B P     1 
ATOM 268 O OP1   . DA B 2 3  ? 0.49955   1.41422   -8.25220  1.000 333.81090 ? 107 DA B OP1   1 
ATOM 269 O OP2   . DA B 2 3  ? -0.40006  1.19829   -5.85964  1.000 332.76617 ? 107 DA B OP2   1 
ATOM 270 O "O5'" . DA B 2 3  ? -1.02818  3.13566   -7.30585  1.000 331.60463 ? 107 DA B "O5'" 1 
ATOM 271 C "C5'" . DA B 2 3  ? -0.35598  4.04848   -8.16976  1.000 330.81122 ? 107 DA B "C5'" 1 
ATOM 272 C "C4'" . DA B 2 3  ? 0.52463   5.01668   -7.38378  1.000 328.70418 ? 107 DA B "C4'" 1 
ATOM 273 O "O4'" . DA B 2 3  ? -0.24354  6.17478   -6.98762  1.000 327.38142 ? 107 DA B "O4'" 1 
ATOM 274 C "C3'" . DA B 2 3  ? 1.12001   4.47436   -6.09599  1.000 328.25146 ? 107 DA B "C3'" 1 
ATOM 275 O "O3'" . DA B 2 3  ? 2.35405   5.13255   -5.81450  1.000 326.82763 ? 107 DA B "O3'" 1 
ATOM 276 C "C2'" . DA B 2 3  ? 0.05247   4.81595   -5.05059  1.000 327.56304 ? 107 DA B "C2'" 1 
ATOM 277 C "C1'" . DA B 2 3  ? -0.62612  6.06331   -5.62928  1.000 326.74872 ? 107 DA B "C1'" 1 
ATOM 278 N N9    . DA B 2 3  ? -2.08989  6.01143   -5.56740  1.000 327.42817 ? 107 DA B N9    1 
ATOM 279 C C8    . DA B 2 3  ? -2.85601  5.16269   -4.81519  1.000 328.27930 ? 107 DA B C8    1 
ATOM 280 N N7    . DA B 2 3  ? -4.14950  5.33494   -4.97198  1.000 328.83325 ? 107 DA B N7    1 
ATOM 281 C C5    . DA B 2 3  ? -4.23721  6.35976   -5.89954  1.000 328.33948 ? 107 DA B C5    1 
ATOM 282 C C6    . DA B 2 3  ? -5.33764  7.01428   -6.49199  1.000 328.63989 ? 107 DA B C6    1 
ATOM 283 N N6    . DA B 2 3  ? -6.61052  6.71104   -6.21809  1.000 329.54087 ? 107 DA B N6    1 
ATOM 284 N N1    . DA B 2 3  ? -5.07475  7.99579   -7.37989  1.000 328.03971 ? 107 DA B N1    1 
ATOM 285 C C2    . DA B 2 3  ? -3.79918  8.29397   -7.65298  1.000 327.18515 ? 107 DA B C2    1 
ATOM 286 N N3    . DA B 2 3  ? -2.68755  7.75447   -7.16066  1.000 326.84186 ? 107 DA B N3    1 
ATOM 287 C C4    . DA B 2 3  ? -2.97676  6.78348   -6.28263  1.000 327.46721 ? 107 DA B C4    1 
ATOM 288 P P     . DC B 2 4  ? 3.75148   4.46399   -6.24478  1.000 320.50668 ? 111 DC B P     1 
ATOM 289 O OP1   . DC B 2 4  ? 4.83745   5.37225   -5.81530  1.000 318.81605 ? 111 DC B OP1   1 
ATOM 290 O OP2   . DC B 2 4  ? 3.64013   4.07868   -7.66760  1.000 321.96298 ? 111 DC B OP2   1 
ATOM 291 O "O5'" . DC B 2 4  ? 3.82794   3.12466   -5.37276  1.000 321.59456 ? 111 DC B "O5'" 1 
ATOM 292 C "C5'" . DC B 2 4  ? 3.80356   3.19978   -3.95068  1.000 320.63450 ? 111 DC B "C5'" 1 
ATOM 293 C "C4'" . DC B 2 4  ? 4.84331   2.27765   -3.32991  1.000 321.17519 ? 111 DC B "C4'" 1 
ATOM 294 O "O4'" . DC B 2 4  ? 4.45464   0.89331   -3.51923  1.000 323.16705 ? 111 DC B "O4'" 1 
ATOM 295 C "C3'" . DC B 2 4  ? 6.24986   2.39481   -3.90362  1.000 321.05387 ? 111 DC B "C3'" 1 
ATOM 296 O "O3'" . DC B 2 4  ? 7.19565   2.20900   -2.86515  1.000 320.54461 ? 111 DC B "O3'" 1 
ATOM 297 C "C2'" . DC B 2 4  ? 6.29757   1.24790   -4.91139  1.000 323.12733 ? 111 DC B "C2'" 1 
ATOM 298 C "C1'" . DC B 2 4  ? 5.47761   0.19427   -4.19962  1.000 324.26136 ? 111 DC B "C1'" 1 
ATOM 299 N N1    . DC B 2 4  ? 4.82226   -0.79784  -5.09495  1.000 326.27471 ? 111 DC B N1    1 
ATOM 300 C C2    . DC B 2 4  ? 5.48878   -1.98165  -5.44273  1.000 327.95391 ? 111 DC B C2    1 
ATOM 301 O O2    . DC B 2 4  ? 6.63853   -2.17622  -5.03194  1.000 327.75290 ? 111 DC B O2    1 
ATOM 302 N N3    . DC B 2 4  ? 4.85063   -2.88125  -6.23548  1.000 329.84409 ? 111 DC B N3    1 
ATOM 303 C C4    . DC B 2 4  ? 3.60835   -2.63371  -6.66044  1.000 330.08720 ? 111 DC B C4    1 
ATOM 304 N N4    . DC B 2 4  ? 3.01497   -3.54405  -7.43737  1.000 332.05097 ? 111 DC B N4    1 
ATOM 305 C C5    . DC B 2 4  ? 2.91518   -1.44051  -6.30508  1.000 328.42424 ? 111 DC B C5    1 
ATOM 306 C C6    . DC B 2 4  ? 3.55186   -0.56313  -5.52814  1.000 326.55054 ? 111 DC B C6    1 
ATOM 307 P P     . DC B 2 5  ? 8.22552   3.38117   -2.48870  1.000 305.71464 ? 112 DC B P     1 
ATOM 308 O OP1   . DC B 2 5  ? 8.63429   3.17991   -1.07948  1.000 305.20093 ? 112 DC B OP1   1 
ATOM 309 O OP2   . DC B 2 5  ? 7.60544   4.66326   -2.89429  1.000 304.40715 ? 112 DC B OP2   1 
ATOM 310 O "O5'" . DC B 2 5  ? 9.47275   3.10399   -3.45084  1.000 306.42953 ? 112 DC B "O5'" 1 
ATOM 311 C "C5'" . DC B 2 5  ? 9.99001   1.78279   -3.57734  1.000 308.17122 ? 112 DC B "C5'" 1 
ATOM 312 C "C4'" . DC B 2 5  ? 10.61637  1.57640   -4.94482  1.000 309.14260 ? 112 DC B "C4'" 1 
ATOM 313 O "O4'" . DC B 2 5  ? 9.68854   0.88201   -5.81209  1.000 310.64772 ? 112 DC B "O4'" 1 
ATOM 314 C "C3'" . DC B 2 5  ? 11.01333  2.86220   -5.67060  1.000 307.83358 ? 112 DC B "C3'" 1 
ATOM 315 O "O3'" . DC B 2 5  ? 12.38406  2.79823   -6.04344  1.000 308.04551 ? 112 DC B "O3'" 1 
ATOM 316 C "C2'" . DC B 2 5  ? 10.08035  2.91038   -6.89130  1.000 308.57804 ? 112 DC B "C2'" 1 
ATOM 317 C "C1'" . DC B 2 5  ? 9.74163   1.44138   -7.10007  1.000 310.66962 ? 112 DC B "C1'" 1 
ATOM 318 N N1    . DC B 2 5  ? 8.41431   1.20538   -7.75500  1.000 311.58296 ? 112 DC B N1    1 
ATOM 319 C C2    . DC B 2 5  ? 8.14822   -0.03947  -8.34307  1.000 313.67746 ? 112 DC B C2    1 
ATOM 320 O O2    . DC B 2 5  ? 9.02173   -0.91190  -8.32083  1.000 314.72110 ? 112 DC B O2    1 
ATOM 321 N N3    . DC B 2 5  ? 6.93809   -0.24981  -8.92139  1.000 314.58221 ? 112 DC B N3    1 
ATOM 322 C C4    . DC B 2 5  ? 6.02251   0.71968   -8.91832  1.000 313.48660 ? 112 DC B C4    1 
ATOM 323 N N4    . DC B 2 5  ? 4.84354   0.46808   -9.50062  1.000 314.53260 ? 112 DC B N4    1 
ATOM 324 C C5    . DC B 2 5  ? 6.27266   1.99272   -8.32024  1.000 311.34399 ? 112 DC B C5    1 
ATOM 325 C C6    . DC B 2 5  ? 7.47280   2.19151   -7.76147  1.000 310.45851 ? 112 DC B C6    1 
ATOM 326 P P     . DG B 2 6  ? 13.50976  3.40271   -5.06733  1.000 304.01737 ? 113 DG B P     1 
ATOM 327 O OP1   . DG B 2 6  ? 13.16168  3.03171   -3.67714  1.000 303.77829 ? 113 DG B OP1   1 
ATOM 328 O OP2   . DG B 2 6  ? 13.68004  4.82936   -5.41979  1.000 302.36481 ? 113 DG B OP2   1 
ATOM 329 O "O5'" . DG B 2 6  ? 14.83896  2.61562   -5.48024  1.000 305.29538 ? 113 DG B "O5'" 1 
ATOM 330 C "C5'" . DG B 2 6  ? 14.97185  1.23022   -5.16705  1.000 306.99715 ? 113 DG B "C5'" 1 
ATOM 331 C "C4'" . DG B 2 6  ? 15.40511  0.42405   -6.38387  1.000 308.77865 ? 113 DG B "C4'" 1 
ATOM 332 O "O4'" . DG B 2 6  ? 14.33094  0.38553   -7.35815  1.000 309.34323 ? 113 DG B "O4'" 1 
ATOM 333 C "C3'" . DG B 2 6  ? 16.61536  0.96455   -7.13330  1.000 308.52988 ? 113 DG B "C3'" 1 
ATOM 334 O "O3'" . DG B 2 6  ? 17.32544  -0.11557  -7.72355  1.000 310.42613 ? 113 DG B "O3'" 1 
ATOM 335 C "C2'" . DG B 2 6  ? 15.97128  1.85190   -8.19405  1.000 307.87715 ? 113 DG B "C2'" 1 
ATOM 336 C "C1'" . DG B 2 6  ? 14.73894  1.03001   -8.55072  1.000 309.16899 ? 113 DG B "C1'" 1 
ATOM 337 N N9    . DG B 2 6  ? 13.61396  1.81720   -9.04018  1.000 308.40757 ? 113 DG B N9    1 
ATOM 338 C C8    . DG B 2 6  ? 13.48104  3.18478   -9.02847  1.000 306.58501 ? 113 DG B C8    1 
ATOM 339 N N7    . DG B 2 6  ? 12.34580  3.59992   -9.52341  1.000 306.41921 ? 113 DG B N7    1 
ATOM 340 C C5    . DG B 2 6  ? 11.68523  2.43026   -9.88162  1.000 308.24289 ? 113 DG B C5    1 
ATOM 341 C C6    . DG B 2 6  ? 10.40910  2.24095   -10.46875 1.000 309.03104 ? 113 DG B C6    1 
ATOM 342 O O6    . DG B 2 6  ? 9.57675   3.09477   -10.80519 1.000 308.26858 ? 113 DG B O6    1 
ATOM 343 N N1    . DG B 2 6  ? 10.13018  0.89002   -10.66199 1.000 311.00507 ? 113 DG B N1    1 
ATOM 344 C C2    . DG B 2 6  ? 10.97314  -0.14316  -10.33254 1.000 312.08564 ? 113 DG B C2    1 
ATOM 345 N N2    . DG B 2 6  ? 10.53077  -1.37969  -10.59418 1.000 314.02735 ? 113 DG B N2    1 
ATOM 346 N N3    . DG B 2 6  ? 12.16324  0.02021   -9.77976  1.000 311.39226 ? 113 DG B N3    1 
ATOM 347 C C4    . DG B 2 6  ? 12.45144  1.32826   -9.58431  1.000 309.46306 ? 113 DG B C4    1 
ATOM 348 P P     . DT B 2 7  ? 18.92677  -0.07099  -7.83006  1.000 311.79867 ? 114 DT B P     1 
ATOM 349 O OP1   . DT B 2 7  ? 19.42309  -1.46490  -7.82452  1.000 313.86573 ? 114 DT B OP1   1 
ATOM 350 O OP2   . DT B 2 7  ? 19.40644  0.87712   -6.79974  1.000 309.99213 ? 114 DT B OP2   1 
ATOM 351 O "O5'" . DT B 2 7  ? 19.19646  0.57528   -9.27014  1.000 311.73767 ? 114 DT B "O5'" 1 
ATOM 352 C "C5'" . DT B 2 7  ? 19.53035  -0.25469  -10.38567 1.000 313.61281 ? 114 DT B "C5'" 1 
ATOM 353 C "C4'" . DT B 2 7  ? 18.33766  -1.08120  -10.84196 1.000 314.92334 ? 114 DT B "C4'" 1 
ATOM 354 O "O4'" . DT B 2 7  ? 17.11430  -0.42130  -10.46285 1.000 313.63633 ? 114 DT B "O4'" 1 
ATOM 355 C "C3'" . DT B 2 7  ? 18.23057  -1.26434  -12.34366 1.000 316.13253 ? 114 DT B "C3'" 1 
ATOM 356 O "O3'" . DT B 2 7  ? 19.00054  -2.39069  -12.74805 1.000 318.11890 ? 114 DT B "O3'" 1 
ATOM 357 C "C2'" . DT B 2 7  ? 16.73391  -1.50564  -12.54983 1.000 316.51100 ? 114 DT B "C2'" 1 
ATOM 358 C "C1'" . DT B 2 7  ? 16.09028  -0.74675  -11.38302 1.000 314.62720 ? 114 DT B "C1'" 1 
ATOM 359 N N1    . DT B 2 7  ? 15.38949  0.51958   -11.77367 1.000 313.09300 ? 114 DT B N1    1 
ATOM 360 C C2    . DT B 2 7  ? 14.08498  0.46352   -12.20770 1.000 313.48261 ? 114 DT B C2    1 
ATOM 361 O O2    . DT B 2 7  ? 13.45859  -0.57712  -12.31222 1.000 315.02953 ? 114 DT B O2    1 
ATOM 362 N N3    . DT B 2 7  ? 13.53328  1.67918   -12.51766 1.000 312.05958 ? 114 DT B N3    1 
ATOM 363 C C4    . DT B 2 7  ? 14.14095  2.92086   -12.43729 1.000 310.30372 ? 114 DT B C4    1 
ATOM 364 O O4    . DT B 2 7  ? 13.56115  3.95746   -12.74827 1.000 309.18743 ? 114 DT B O4    1 
ATOM 365 C C5    . DT B 2 7  ? 15.50737  2.90948   -11.97256 1.000 309.96824 ? 114 DT B C5    1 
ATOM 366 C C7    . DT B 2 7  ? 16.27123  4.19453   -11.84403 1.000 308.18168 ? 114 DT B C7    1 
ATOM 367 C C6    . DT B 2 7  ? 16.05780  1.72454   -11.66468 1.000 311.37108 ? 114 DT B C6    1 
ATOM 368 P P     . DC C 3 1  ? -0.39318  -17.44566 22.92411  1.000 423.04142 ? 100 DC C P     1 
ATOM 369 O OP1   . DC C 3 1  ? 0.56505   -18.48798 22.49383  1.000 428.59039 ? 100 DC C OP1   1 
ATOM 370 O OP2   . DC C 3 1  ? -1.58702  -17.16119 22.09737  1.000 416.53277 ? 100 DC C OP2   1 
ATOM 371 O "O5'" . DC C 3 1  ? 0.39497   -16.06801 23.14825  1.000 417.97067 ? 100 DC C "O5'" 1 
ATOM 372 C "C5'" . DC C 3 1  ? 1.81405   -16.01824 22.99001  1.000 419.55833 ? 100 DC C "C5'" 1 
ATOM 373 C "C4'" . DC C 3 1  ? 2.19173   -15.65703 21.56331  1.000 412.85964 ? 100 DC C "C4'" 1 
ATOM 374 O "O4'" . DC C 3 1  ? 1.22259   -16.23408 20.64661  1.000 410.72819 ? 100 DC C "O4'" 1 
ATOM 375 C "C3'" . DC C 3 1  ? 2.20223   -14.15924 21.25014  1.000 403.99355 ? 100 DC C "C3'" 1 
ATOM 376 O "O3'" . DC C 3 1  ? 3.17108   -13.89270 20.25314  1.000 400.60765 ? 100 DC C "O3'" 1 
ATOM 377 C "C2'" . DC C 3 1  ? 0.80348   -13.94925 20.69721  1.000 398.52151 ? 100 DC C "C2'" 1 
ATOM 378 C "C1'" . DC C 3 1  ? 0.67422   -15.20490 19.85455  1.000 401.56933 ? 100 DC C "C1'" 1 
ATOM 379 N N1    . DC C 3 1  ? -0.73794  -15.54085 19.47107  1.000 399.72338 ? 100 DC C N1    1 
ATOM 380 C C2    . DC C 3 1  ? -1.09377  -16.86158 19.14482  1.000 404.85396 ? 100 DC C C2    1 
ATOM 381 O O2    . DC C 3 1  ? -0.24179  -17.75628 19.19030  1.000 411.02826 ? 100 DC C O2    1 
ATOM 382 N N3    . DC C 3 1  ? -2.37630  -17.12288 18.79375  1.000 403.16125 ? 100 DC C N3    1 
ATOM 383 C C4    . DC C 3 1  ? -3.27412  -16.13999 18.75196  1.000 396.77931 ? 100 DC C C4    1 
ATOM 384 N N4    . DC C 3 1  ? -4.52456  -16.45066 18.39915  1.000 395.65017 ? 100 DC C N4    1 
ATOM 385 C C5    . DC C 3 1  ? -2.92992  -14.79416 19.06729  1.000 391.52388 ? 100 DC C C5    1 
ATOM 386 C C6    . DC C 3 1  ? -1.66548  -14.54278 19.41547  1.000 393.15759 ? 100 DC C C6    1 
ATOM 387 P P     . DC C 3 2  ? 4.46537   -13.00274 20.58216  1.000 399.75446 ? 101 DC C P     1 
ATOM 388 O OP1   . DC C 3 2  ? 4.89322   -13.34217 21.95719  1.000 407.57705 ? 101 DC C OP1   1 
ATOM 389 O OP2   . DC C 3 2  ? 4.16689   -11.59560 20.22822  1.000 390.88698 ? 101 DC C OP2   1 
ATOM 390 O "O5'" . DC C 3 2  ? 5.56180   -13.56259 19.56150  1.000 400.87287 ? 101 DC C "O5'" 1 
ATOM 391 C "C5'" . DC C 3 2  ? 6.11469   -14.85881 19.76773  1.000 409.46645 ? 101 DC C "C5'" 1 
ATOM 392 C "C4'" . DC C 3 2  ? 5.76309   -15.80832 18.62935  1.000 409.47481 ? 101 DC C "C4'" 1 
ATOM 393 O "O4'" . DC C 3 2  ? 4.32129   -15.89002 18.46355  1.000 406.44125 ? 101 DC C "O4'" 1 
ATOM 394 C "C3'" . DC C 3 2  ? 6.32961   -15.43291 17.25124  1.000 403.59373 ? 101 DC C "C3'" 1 
ATOM 395 O "O3'" . DC C 3 2  ? 6.99151   -16.56791 16.67988  1.000 408.96133 ? 101 DC C "O3'" 1 
ATOM 396 C "C2'" . DC C 3 2  ? 5.08388   -15.04040 16.45213  1.000 396.19183 ? 101 DC C "C2'" 1 
ATOM 397 C "C1'" . DC C 3 2  ? 4.03909   -15.93533 17.08638  1.000 401.16522 ? 101 DC C "C1'" 1 
ATOM 398 N N1    . DC C 3 2  ? 2.63655   -15.48353 16.86132  1.000 395.49992 ? 101 DC C N1    1 
ATOM 399 C C2    . DC C 3 2  ? 1.66453   -16.41980 16.49037  1.000 397.45165 ? 101 DC C C2    1 
ATOM 400 O O2    . DC C 3 2  ? 1.98845   -17.60649 16.35930  1.000 403.82755 ? 101 DC C O2    1 
ATOM 401 N N3    . DC C 3 2  ? 0.39126   -15.99774 16.28912  1.000 392.54682 ? 101 DC C N3    1 
ATOM 402 C C4    . DC C 3 2  ? 0.08121   -14.70915 16.44036  1.000 386.01628 ? 101 DC C C4    1 
ATOM 403 N N4    . DC C 3 2  ? -1.18799  -14.34253 16.23042  1.000 381.69059 ? 101 DC C N4    1 
ATOM 404 C C5    . DC C 3 2  ? 1.06052   -13.73849 16.81138  1.000 383.88630 ? 101 DC C C5    1 
ATOM 405 C C6    . DC C 3 2  ? 2.31356   -14.16661 17.01028  1.000 388.73144 ? 101 DC C C6    1 
ATOM 406 P P     . DT C 3 3  ? 7.45221   -16.57361 15.13704  1.000 405.97994 ? 102 DT C P     1 
ATOM 407 O OP1   . DT C 3 3  ? 8.60004   -17.50047 15.02902  1.000 413.17555 ? 102 DT C OP1   1 
ATOM 408 O OP2   . DT C 3 3  ? 7.60623   -15.17569 14.67310  1.000 397.21372 ? 102 DT C OP2   1 
ATOM 409 O "O5'" . DT C 3 3  ? 6.21271   -17.23529 14.36829  1.000 404.29722 ? 102 DT C "O5'" 1 
ATOM 410 C "C5'" . DT C 3 3  ? 5.85789   -18.59960 14.61989  1.000 411.92655 ? 102 DT C "C5'" 1 
ATOM 411 C "C4'" . DT C 3 3  ? 4.74238   -19.05406 13.69054  1.000 409.05640 ? 102 DT C "C4'" 1 
ATOM 412 O "O4'" . DT C 3 3  ? 3.54903   -18.25291 13.93549  1.000 403.25956 ? 102 DT C "O4'" 1 
ATOM 413 C "C3'" . DT C 3 3  ? 5.05223   -18.90415 12.19735  1.000 403.82881 ? 102 DT C "C3'" 1 
ATOM 414 O "O3'" . DT C 3 3  ? 4.57919   -20.03563 11.45346  1.000 406.81279 ? 102 DT C "O3'" 1 
ATOM 415 C "C2'" . DT C 3 3  ? 4.29089   -17.63875 11.81919  1.000 394.25284 ? 102 DT C "C2'" 1 
ATOM 416 C "C1'" . DT C 3 3  ? 3.06571   -17.76377 12.70514  1.000 395.66756 ? 102 DT C "C1'" 1 
ATOM 417 N N1    . DT C 3 3  ? 2.35539   -16.46122 12.92158  1.000 388.25909 ? 102 DT C N1    1 
ATOM 418 C C2    . DT C 3 3  ? 0.99512   -16.39712 12.72055  1.000 385.14730 ? 102 DT C C2    1 
ATOM 419 O O2    . DT C 3 3  ? 0.32328   -17.35850 12.39378  1.000 388.15284 ? 102 DT C O2    1 
ATOM 420 N N3    . DT C 3 3  ? 0.44273   -15.16008 12.92882  1.000 378.63933 ? 102 DT C N3    1 
ATOM 421 C C4    . DT C 3 3  ? 1.10016   -14.00124 13.29950  1.000 374.93747 ? 102 DT C C4    1 
ATOM 422 O O4    . DT C 3 3  ? 0.51252   -12.93517 13.46210  1.000 369.35318 ? 102 DT C O4    1 
ATOM 423 C C5    . DT C 3 3  ? 2.52797   -14.13349 13.48309  1.000 378.38593 ? 102 DT C C5    1 
ATOM 424 C C7    . DT C 3 3  ? 3.35121   -12.94450 13.88325  1.000 375.09282 ? 102 DT C C7    1 
ATOM 425 C C6    . DT C 3 3  ? 3.08002   -15.34192 13.28089  1.000 384.79855 ? 102 DT C C6    1 
ATOM 426 P P     . DG C 3 4  ? 4.40454   -19.89998 9.86103   1.000 404.41782 ? 103 DG C P     1 
ATOM 427 O OP1   . DG C 3 4  ? 5.60937   -19.17761 9.39089   1.000 401.15289 ? 103 DG C OP1   1 
ATOM 428 O OP2   . DG C 3 4  ? 3.03218   -19.40838 9.58790   1.000 398.42551 ? 103 DG C OP2   1 
ATOM 429 O "O5'" . DG C 3 4  ? 4.50001   -21.38728 9.28349   1.000 411.21992 ? 103 DG C "O5'" 1 
ATOM 430 C "C5'" . DG C 3 4  ? 5.21934   -21.61856 8.06534   1.000 410.14633 ? 103 DG C "C5'" 1 
ATOM 431 C "C4'" . DG C 3 4  ? 4.31131   -21.55434 6.83821   1.000 404.41615 ? 103 DG C "C4'" 1 
ATOM 432 O "O4'" . DG C 3 4  ? 3.25064   -20.58069 7.03261   1.000 397.62133 ? 103 DG C "O4'" 1 
ATOM 433 C "C3'" . DG C 3 4  ? 5.00911   -21.14641 5.54829   1.000 399.56491 ? 103 DG C "C3'" 1 
ATOM 434 O "O3'" . DG C 3 4  ? 4.41574   -21.81733 4.44091   1.000 399.20236 ? 103 DG C "O3'" 1 
ATOM 435 C "C2'" . DG C 3 4  ? 4.77674   -19.63677 5.49824   1.000 390.48308 ? 103 DG C "C2'" 1 
ATOM 436 C "C1'" . DG C 3 4  ? 3.39670   -19.49495 6.12550   1.000 389.16412 ? 103 DG C "C1'" 1 
ATOM 437 N N9    . DG C 3 4  ? 3.24970   -18.26881 6.89622   1.000 384.44994 ? 103 DG C N9    1 
ATOM 438 C C8    . DG C 3 4  ? 4.24826   -17.59027 7.54492   1.000 384.35403 ? 103 DG C C8    1 
ATOM 439 N N7    . DG C 3 4  ? 3.83377   -16.54341 8.19064   1.000 380.01081 ? 103 DG C N7    1 
ATOM 440 C C5    . DG C 3 4  ? 2.47077   -16.51360 7.95009   1.000 376.97181 ? 103 DG C C5    1 
ATOM 441 C C6    . DG C 3 4  ? 1.49757   -15.59575 8.38793   1.000 372.07020 ? 103 DG C C6    1 
ATOM 442 O O6    . DG C 3 4  ? 1.66134   -14.59439 9.10274   1.000 369.33377 ? 103 DG C O6    1 
ATOM 443 N N1    . DG C 3 4  ? 0.22816   -15.92593 7.92136   1.000 370.66462 ? 103 DG C N1    1 
ATOM 444 C C2    . DG C 3 4  ? -0.06258  -17.01638 7.12350   1.000 373.63730 ? 103 DG C C2    1 
ATOM 445 N N2    . DG C 3 4  ? -1.35098  -17.16850 6.76945   1.000 371.84548 ? 103 DG C N2    1 
ATOM 446 N N3    . DG C 3 4  ? 0.84846   -17.88885 6.70323   1.000 378.25603 ? 103 DG C N3    1 
ATOM 447 C C4    . DG C 3 4  ? 2.08986   -17.57629 7.15382   1.000 379.67683 ? 103 DG C C4    1 
ATOM 448 P P     . DA C 3 5  ? 4.69907   -21.32550 2.93579   1.000 407.79513 ? 104 DA C P     1 
ATOM 449 O OP1   . DA C 3 5  ? 4.36411   -22.44596 2.02904   1.000 411.23337 ? 104 DA C OP1   1 
ATOM 450 O OP2   . DA C 3 5  ? 6.05149   -20.72380 2.87944   1.000 406.61383 ? 104 DA C OP2   1 
ATOM 451 O "O5'" . DA C 3 5  ? 3.62779   -20.16009 2.72213   1.000 398.85510 ? 104 DA C "O5'" 1 
ATOM 452 C "C5'" . DA C 3 5  ? 3.10774   -19.89698 1.43654   1.000 393.19120 ? 104 DA C "C5'" 1 
ATOM 453 C "C4'" . DA C 3 5  ? 1.59470   -19.83224 1.48443   1.000 390.76900 ? 104 DA C "C4'" 1 
ATOM 454 O "O4'" . DA C 3 5  ? 1.17716   -19.05945 2.63441   1.000 388.94887 ? 104 DA C "O4'" 1 
ATOM 455 C "C3'" . DA C 3 5  ? 0.95006   -19.12035 0.32452   1.000 383.11664 ? 104 DA C "C3'" 1 
ATOM 456 O "O3'" . DA C 3 5  ? -0.42627  -19.46070 0.31151   1.000 383.25104 ? 104 DA C "O3'" 1 
ATOM 457 C "C2'" . DA C 3 5  ? 1.17124   -17.66299 0.72886   1.000 376.59013 ? 104 DA C "C2'" 1 
ATOM 458 C "C1'" . DA C 3 5  ? 0.87612   -17.73227 2.22851   1.000 380.38296 ? 104 DA C "C1'" 1 
ATOM 459 N N9    . DA C 3 5  ? 1.66919   -16.83045 3.06418   1.000 378.85005 ? 104 DA C N9    1 
ATOM 460 C C8    . DA C 3 5  ? 2.99174   -16.96212 3.38663   1.000 382.27097 ? 104 DA C C8    1 
ATOM 461 N N7    . DA C 3 5  ? 3.43734   -16.02745 4.19142   1.000 380.22075 ? 104 DA C N7    1 
ATOM 462 C C5    . DA C 3 5  ? 2.32800   -15.23466 4.42865   1.000 375.16039 ? 104 DA C C5    1 
ATOM 463 C C6    . DA C 3 5  ? 2.14385   -14.07531 5.20570   1.000 371.17525 ? 104 DA C C6    1 
ATOM 464 N N6    . DA C 3 5  ? 3.12585   -13.50397 5.91000   1.000 371.68909 ? 104 DA C N6    1 
ATOM 465 N N1    . DA C 3 5  ? 0.91077   -13.52491 5.22975   1.000 366.89454 ? 104 DA C N1    1 
ATOM 466 C C2    . DA C 3 5  ? -0.06882  -14.10627 4.52167   1.000 366.66451 ? 104 DA C C2    1 
ATOM 467 N N3    . DA C 3 5  ? -0.01408  -15.19651 3.75161   1.000 370.14021 ? 104 DA C N3    1 
ATOM 468 C C4    . DA C 3 5  ? 1.22389   -15.72011 3.75150   1.000 374.33177 ? 104 DA C C4    1 
ATOM 469 P P     . DC C 3 6  ? -1.40095  -18.91811 -0.83937  1.000 378.98800 ? 105 DC C P     1 
ATOM 470 O OP1   . DC C 3 6  ? -2.56325  -19.83360 -0.88714  1.000 382.64295 ? 105 DC C OP1   1 
ATOM 471 O OP2   . DC C 3 6  ? -0.59759  -18.67882 -2.06002  1.000 375.73469 ? 105 DC C OP2   1 
ATOM 472 O "O5'" . DC C 3 6  ? -1.89917  -17.52051 -0.25749  1.000 372.49281 ? 105 DC C "O5'" 1 
ATOM 473 C "C5'" . DC C 3 6  ? -1.96869  -16.39436 -1.09199  1.000 364.67619 ? 105 DC C "C5'" 1 
ATOM 474 C "C4'" . DC C 3 6  ? -3.00185  -15.42106 -0.57000  1.000 360.08462 ? 105 DC C "C4'" 1 
ATOM 475 O "O4'" . DC C 3 6  ? -2.50009  -14.76518 0.62383   1.000 360.04744 ? 105 DC C "O4'" 1 
ATOM 476 C "C3'" . DC C 3 6  ? -3.32725  -14.28781 -1.50664  1.000 352.10702 ? 105 DC C "C3'" 1 
ATOM 477 O "O3'" . DC C 3 6  ? -4.58690  -13.75252 -1.14168  1.000 349.48976 ? 105 DC C "O3'" 1 
ATOM 478 C "C2'" . DC C 3 6  ? -2.18006  -13.32293 -1.21284  1.000 348.98373 ? 105 DC C "C2'" 1 
ATOM 479 C "C1'" . DC C 3 6  ? -2.04462  -13.45722 0.30065   1.000 353.27145 ? 105 DC C "C1'" 1 
ATOM 480 N N1    . DC C 3 6  ? -0.64094  -13.31457 0.83399   1.000 355.17039 ? 105 DC C N1    1 
ATOM 481 C C2    . DC C 3 6  ? -0.32954  -12.30074 1.75815   1.000 352.87961 ? 105 DC C C2    1 
ATOM 482 O O2    . DC C 3 6  ? -1.20882  -11.49320 2.09902   1.000 349.04653 ? 105 DC C O2    1 
ATOM 483 N N3    . DC C 3 6  ? 0.93681   -12.21647 2.24684   1.000 355.08644 ? 105 DC C N3    1 
ATOM 484 C C4    . DC C 3 6  ? 1.86024   -13.10082 1.85855   1.000 359.49609 ? 105 DC C C4    1 
ATOM 485 N N4    . DC C 3 6  ? 3.09553   -12.98368 2.36598   1.000 361.83993 ? 105 DC C N4    1 
ATOM 486 C C5    . DC C 3 6  ? 1.56243   -14.14209 0.93305   1.000 361.93982 ? 105 DC C C5    1 
ATOM 487 C C6    . DC C 3 6  ? 0.31433   -14.21614 0.45908   1.000 359.68766 ? 105 DC C C6    1 
ATOM 488 P P     . DT C 3 7  ? -5.08593  -12.34025 -1.71659  1.000 347.66089 ? 106 DT C P     1 
ATOM 489 O OP1   . DT C 3 7  ? -6.56301  -12.38121 -1.69564  1.000 347.23135 ? 106 DT C OP1   1 
ATOM 490 O OP2   . DT C 3 7  ? -4.37996  -12.05991 -2.98817  1.000 343.99731 ? 106 DT C OP2   1 
ATOM 491 O "O5'" . DT C 3 7  ? -4.59801  -11.30099 -0.60717  1.000 345.58061 ? 106 DT C "O5'" 1 
ATOM 492 C "C5'" . DT C 3 7  ? -5.41339  -10.19822 -0.26122  1.000 340.94828 ? 106 DT C "C5'" 1 
ATOM 493 C "C4'" . DT C 3 7  ? -4.65797  -8.90227  -0.46045  1.000 335.14398 ? 106 DT C "C4'" 1 
ATOM 494 O "O4'" . DT C 3 7  ? -3.27570  -9.08197  -0.03831  1.000 337.68251 ? 106 DT C "O4'" 1 
ATOM 495 C "C3'" . DT C 3 7  ? -4.58541  -8.41478  -1.91345  1.000 329.84405 ? 106 DT C "C3'" 1 
ATOM 496 O "O3'" . DT C 3 7  ? -4.68360  -6.99243  -1.94846  1.000 323.66453 ? 106 DT C "O3'" 1 
ATOM 497 C "C2'" . DT C 3 7  ? -3.19839  -8.87996  -2.33991  1.000 331.67168 ? 106 DT C "C2'" 1 
ATOM 498 C "C1'" . DT C 3 7  ? -2.44036  -8.59927  -1.06036  1.000 333.75766 ? 106 DT C "C1'" 1 
ATOM 499 N N1    . DT C 3 7  ? -1.09499  -9.24220  -0.96902  1.000 337.82939 ? 106 DT C N1    1 
ATOM 500 C C2    . DT C 3 7  ? -0.17683  -8.71425  -0.09873  1.000 338.29736 ? 106 DT C C2    1 
ATOM 501 O O2    . DT C 3 7  ? -0.41362  -7.75558  0.61413   1.000 335.55468 ? 106 DT C O2    1 
ATOM 502 N N3    . DT C 3 7  ? 1.03036   -9.34696  -0.07995  1.000 342.36571 ? 106 DT C N3    1 
ATOM 503 C C4    . DT C 3 7  ? 1.41706   -10.43539 -0.83441  1.000 345.96860 ? 106 DT C C4    1 
ATOM 504 O O4    . DT C 3 7  ? 2.53484   -10.93201 -0.73914  1.000 349.79650 ? 106 DT C O4    1 
ATOM 505 C C5    . DT C 3 7  ? 0.41374   -10.94520 -1.74250  1.000 345.19885 ? 106 DT C C5    1 
ATOM 506 C C7    . DT C 3 7  ? 0.72300   -12.12507 -2.61835  1.000 349.08788 ? 106 DT C C7    1 
ATOM 507 C C6    . DT C 3 7  ? -0.78172  -10.32378 -1.77203  1.000 341.15964 ? 106 DT C C6    1 
ATOM 508 P P     . DG C 3 8  ? -5.67781  -6.26484  -2.98126  1.000 333.85638 ? 107 DG C P     1 
ATOM 509 O OP1   . DG C 3 8  ? -7.05745  -6.47584  -2.49478  1.000 335.40468 ? 107 DG C OP1   1 
ATOM 510 O OP2   . DG C 3 8  ? -5.30856  -6.68831  -4.34967  1.000 332.93152 ? 107 DG C OP2   1 
ATOM 511 O "O5'" . DG C 3 8  ? -5.33022  -4.71070  -2.81826  1.000 328.01647 ? 107 DG C "O5'" 1 
ATOM 512 C "C5'" . DG C 3 8  ? -5.77565  -4.00231  -1.66457  1.000 327.54610 ? 107 DG C "C5'" 1 
ATOM 513 C "C4'" . DG C 3 8  ? -4.63477  -3.23398  -1.01248  1.000 326.32177 ? 107 DG C "C4'" 1 
ATOM 514 O "O4'" . DG C 3 8  ? -3.49913  -4.11605  -0.80267  1.000 330.71354 ? 107 DG C "O4'" 1 
ATOM 515 C "C3'" . DG C 3 8  ? -4.10059  -2.04886  -1.80994  1.000 320.24021 ? 107 DG C "C3'" 1 
ATOM 516 O "O3'" . DG C 3 8  ? -3.74793  -0.99813  -0.91272  1.000 318.41613 ? 107 DG C "O3'" 1 
ATOM 517 C "C2'" . DG C 3 8  ? -2.87463  -2.63618  -2.51234  1.000 321.45283 ? 107 DG C "C2'" 1 
ATOM 518 C "C1'" . DG C 3 8  ? -2.35312  -3.59730  -1.45484  1.000 327.78498 ? 107 DG C "C1'" 1 
ATOM 519 N N9    . DG C 3 8  ? -1.59459  -4.72664  -1.99479  1.000 331.56184 ? 107 DG C N9    1 
ATOM 520 C C8    . DG C 3 8  ? -2.06069  -5.69353  -2.84963  1.000 333.37646 ? 107 DG C C8    1 
ATOM 521 N N7    . DG C 3 8  ? -1.16787  -6.59160  -3.15718  1.000 337.04748 ? 107 DG C N7    1 
ATOM 522 C C5    . DG C 3 8  ? -0.03936  -6.21136  -2.44660  1.000 337.84413 ? 107 DG C C5    1 
ATOM 523 C C6    . DG C 3 8  ? 1.23837   -6.81150  -2.38530  1.000 341.65876 ? 107 DG C C6    1 
ATOM 524 O O6    . DG C 3 8  ? 1.63149   -7.83455  -2.96200  1.000 345.21476 ? 107 DG C O6    1 
ATOM 525 N N1    . DG C 3 8  ? 2.10374   -6.10492  -1.55282  1.000 341.37541 ? 107 DG C N1    1 
ATOM 526 C C2    . DG C 3 8  ? 1.77086   -4.95873  -0.86659  1.000 337.80803 ? 107 DG C C2    1 
ATOM 527 N N2    . DG C 3 8  ? 2.73587   -4.41333  -0.10965  1.000 338.33685 ? 107 DG C N2    1 
ATOM 528 N N3    . DG C 3 8  ? 0.57263   -4.38489  -0.91601  1.000 334.23218 ? 107 DG C N3    1 
ATOM 529 C C4    . DG C 3 8  ? -0.28097  -5.06331  -1.72360  1.000 334.47202 ? 107 DG C C4    1 
ATOM 530 P P     . DT C 3 9  ? -3.37303  0.46245   -1.46679  1.000 326.83907 ? 108 DT C P     1 
ATOM 531 O OP1   . DT C 3 9  ? -3.66857  1.43920   -0.39509  1.000 325.68777 ? 108 DT C OP1   1 
ATOM 532 O OP2   . DT C 3 9  ? -3.99989  0.62198   -2.79789  1.000 323.21882 ? 108 DT C OP2   1 
ATOM 533 O "O5'" . DT C 3 9  ? -1.78739  0.39643   -1.64570  1.000 327.36191 ? 108 DT C "O5'" 1 
ATOM 534 C "C5'" . DT C 3 9  ? -0.96864  0.04664   -0.53496  1.000 331.60557 ? 108 DT C "C5'" 1 
ATOM 535 C "C4'" . DT C 3 9  ? 0.49608   0.28648   -0.84615  1.000 330.97590 ? 108 DT C "C4'" 1 
ATOM 536 O "O4'" . DT C 3 9  ? 1.11898   -0.96120  -1.24409  1.000 335.20139 ? 108 DT C "O4'" 1 
ATOM 537 C "C3'" . DT C 3 9  ? 0.75796   1.28280   -1.97880  1.000 324.94709 ? 108 DT C "C3'" 1 
ATOM 538 O "O3'" . DT C 3 9  ? 1.85744   2.14038   -1.65594  1.000 323.43404 ? 108 DT C "O3'" 1 
ATOM 539 C "C2'" . DT C 3 9  ? 1.09378   0.37411   -3.15743  1.000 325.86817 ? 108 DT C "C2'" 1 
ATOM 540 C "C1'" . DT C 3 9  ? 1.80272   -0.77526  -2.45791  1.000 332.27369 ? 108 DT C "C1'" 1 
ATOM 541 N N1    . DT C 3 9  ? 1.76689   -2.05230  -3.22339  1.000 335.45888 ? 108 DT C N1    1 
ATOM 542 C C2    . DT C 3 9  ? 2.88198   -2.85858  -3.23681  1.000 339.62882 ? 108 DT C C2    1 
ATOM 543 O O2    . DT C 3 9  ? 3.91033   -2.58282  -2.64476  1.000 340.90911 ? 108 DT C O2    1 
ATOM 544 N N3    . DT C 3 9  ? 2.75229   -4.00379  -3.97198  1.000 342.52513 ? 108 DT C N3    1 
ATOM 545 C C4    . DT C 3 9  ? 1.64295   -4.42008  -4.68397  1.000 341.68844 ? 108 DT C C4    1 
ATOM 546 O O4    . DT C 3 9  ? 1.62673   -5.47203  -5.31543  1.000 344.71969 ? 108 DT C O4    1 
ATOM 547 C C5    . DT C 3 9  ? 0.50495   -3.52721  -4.63069  1.000 337.26905 ? 108 DT C C5    1 
ATOM 548 C C7    . DT C 3 9  ? -0.75749  -3.86879  -5.36567  1.000 336.26969 ? 108 DT C C7    1 
ATOM 549 C C6    . DT C 3 9  ? 0.62238   -2.40015  -3.91198  1.000 334.41735 ? 108 DT C C6    1 
ATOM 550 P P     . DG C 3 10 ? 2.03802   2.74381   -0.17551  1.000 353.59423 ? 109 DG C P     1 
ATOM 551 O OP1   . DG C 3 10 ? 2.95927   1.83909   0.54858   1.000 359.37870 ? 109 DG C OP1   1 
ATOM 552 O OP2   . DG C 3 10 ? 0.70600   3.06807   0.38387   1.000 352.79125 ? 109 DG C OP2   1 
ATOM 553 O "O5'" . DG C 3 10 ? 2.77935   4.14104   -0.41845  1.000 348.81019 ? 109 DG C "O5'" 1 
ATOM 554 C "C5'" . DG C 3 10 ? 2.03195   5.35419   -0.38974  1.000 344.23928 ? 109 DG C "C5'" 1 
ATOM 555 C "C4'" . DG C 3 10 ? 2.38846   6.24566   -1.56649  1.000 338.86988 ? 109 DG C "C4'" 1 
ATOM 556 O "O4'" . DG C 3 10 ? 1.25663   6.31881   -2.47284  1.000 335.83365 ? 109 DG C "O4'" 1 
ATOM 557 C "C3'" . DG C 3 10 ? 2.67548   7.69200   -1.20480  1.000 335.38736 ? 109 DG C "C3'" 1 
ATOM 558 O "O3'" . DG C 3 10 ? 3.44052   8.29773   -2.24199  1.000 331.70561 ? 109 DG C "O3'" 1 
ATOM 559 C "C2'" . DG C 3 10 ? 1.26766   8.26426   -1.15657  1.000 332.83911 ? 109 DG C "C2'" 1 
ATOM 560 C "C1'" . DG C 3 10 ? 0.65980   7.60528   -2.38417  1.000 331.70317 ? 109 DG C "C1'" 1 
ATOM 561 N N9    . DG C 3 10 ? -0.79236  7.43493   -2.33403  1.000 331.66354 ? 109 DG C N9    1 
ATOM 562 C C8    . DG C 3 10 ? -1.48057  6.40864   -1.73539  1.000 335.83776 ? 109 DG C C8    1 
ATOM 563 N N7    . DG C 3 10 ? -2.77477  6.49940   -1.87063  1.000 334.86232 ? 109 DG C N7    1 
ATOM 564 C C5    . DG C 3 10 ? -2.96050  7.65566   -2.61963  1.000 329.76029 ? 109 DG C C5    1 
ATOM 565 C C6    . DG C 3 10 ? -4.15486  8.26403   -3.08147  1.000 326.89334 ? 109 DG C C6    1 
ATOM 566 O O6    . DG C 3 10 ? -5.32737  7.89270   -2.91385  1.000 328.28068 ? 109 DG C O6    1 
ATOM 567 N N1    . DG C 3 10 ? -3.89431  9.42516   -3.80477  1.000 322.18064 ? 109 DG C N1    1 
ATOM 568 C C2    . DG C 3 10 ? -2.63915  9.93208   -4.05902  1.000 320.38600 ? 109 DG C C2    1 
ATOM 569 N N2    . DG C 3 10 ? -2.59880  11.07212  -4.76497  1.000 315.91190 ? 109 DG C N2    1 
ATOM 570 N N3    . DG C 3 10 ? -1.51313  9.37582   -3.62868  1.000 323.01819 ? 109 DG C N3    1 
ATOM 571 C C4    . DG C 3 10 ? -1.74761  8.24195   -2.91943  1.000 327.69816 ? 109 DG C C4    1 
ATOM 572 P P     . DG C 3 11 ? 4.51573   9.44277   -1.90256  1.000 347.53402 ? 110 DG C P     1 
ATOM 573 O OP1   . DG C 3 11 ? 5.38577   9.60748   -3.08904  1.000 345.06260 ? 110 DG C OP1   1 
ATOM 574 O OP2   . DG C 3 11 ? 5.12197   9.10442   -0.59535  1.000 352.17734 ? 110 DG C OP2   1 
ATOM 575 O "O5'" . DG C 3 11 ? 3.62942   10.76247  -1.69823  1.000 343.49609 ? 110 DG C "O5'" 1 
ATOM 576 C "C5'" . DG C 3 11 ? 2.68071   11.16770  -2.69036  1.000 339.47705 ? 110 DG C "C5'" 1 
ATOM 577 C "C4'" . DG C 3 11 ? 1.65378   12.10998  -2.08289  1.000 337.71019 ? 110 DG C "C4'" 1 
ATOM 578 O "O4'" . DG C 3 11 ? 0.43131   11.39302  -1.83746  1.000 339.60558 ? 110 DG C "O4'" 1 
ATOM 579 C "C3'" . DG C 3 11 ? 2.06380   12.69633  -0.73700  1.000 339.45975 ? 110 DG C "C3'" 1 
ATOM 580 O "O3'" . DG C 3 11 ? 2.56677   14.01872  -0.91808  1.000 335.93553 ? 110 DG C "O3'" 1 
ATOM 581 C "C2'" . DG C 3 11 ? 0.78050   12.68013  0.11506   1.000 340.84280 ? 110 DG C "C2'" 1 
ATOM 582 C "C1'" . DG C 3 11 ? -0.26035  11.99319  -0.76757  1.000 340.15524 ? 110 DG C "C1'" 1 
ATOM 583 N N9    . DG C 3 11 ? -1.00105  10.94514  -0.07331  1.000 344.27631 ? 110 DG C N9    1 
ATOM 584 C C8    . DG C 3 11 ? -0.49490  10.03316  0.81858   1.000 349.05890 ? 110 DG C C8    1 
ATOM 585 N N7    . DG C 3 11 ? -1.38488  9.19625   1.26946   1.000 352.13697 ? 110 DG C N7    1 
ATOM 586 C C5    . DG C 3 11 ? -2.56099  9.58054   0.64098   1.000 349.20367 ? 110 DG C C5    1 
ATOM 587 C C6    . DG C 3 11 ? -3.86465  9.04322   0.74332   1.000 350.67028 ? 110 DG C C6    1 
ATOM 588 O O6    . DG C 3 11 ? -4.25030  8.08933   1.43311   1.000 354.91839 ? 110 DG C O6    1 
ATOM 589 N N1    . DG C 3 11 ? -4.76897  9.72812   -0.06310  1.000 346.87454 ? 110 DG C N1    1 
ATOM 590 C C2    . DG C 3 11 ? -4.45254  10.79722  -0.86662  1.000 342.26320 ? 110 DG C C2    1 
ATOM 591 N N2    . DG C 3 11 ? -5.46212  11.32716  -1.56985  1.000 339.43365 ? 110 DG C N2    1 
ATOM 592 N N3    . DG C 3 11 ? -3.23388  11.31219  -0.97273  1.000 340.76866 ? 110 DG C N3    1 
ATOM 593 C C4    . DG C 3 11 ? -2.34100  10.65555  -0.19286  1.000 344.39396 ? 110 DG C C4    1 
ATOM 594 P P     . DT C 3 12 ? 3.04386   14.89325  0.34447   1.000 348.22180 ? 111 DT C P     1 
ATOM 595 O OP1   . DT C 3 12 ? 3.89653   15.98731  -0.17236  1.000 344.88707 ? 111 DT C OP1   1 
ATOM 596 O OP2   . DT C 3 12 ? 3.58163   13.96992  1.36709   1.000 353.39702 ? 111 DT C OP2   1 
ATOM 597 O "O5'" . DT C 3 12 ? 1.68470   15.53166  0.89464   1.000 347.26485 ? 111 DT C "O5'" 1 
ATOM 598 C "C5'" . DT C 3 12 ? 0.81882   16.20221  -0.00832  1.000 343.18975 ? 111 DT C "C5'" 1 
ATOM 599 C "C4'" . DT C 3 12 ? -0.53647  16.48114  0.61736   1.000 343.59492 ? 111 DT C "C4'" 1 
ATOM 600 O "O4'" . DT C 3 12 ? -1.28043  15.26085  0.78018   1.000 346.55495 ? 111 DT C "O4'" 1 
ATOM 601 C "C3'" . DT C 3 12 ? -0.51112  17.05939  2.01690   1.000 345.67359 ? 111 DT C "C3'" 1 
ATOM 602 O "O3'" . DT C 3 12 ? -0.22832  18.47845  1.98688   1.000 342.68440 ? 111 DT C "O3'" 1 
ATOM 603 C "C2'" . DT C 3 12 ? -1.92485  16.74653  2.52126   1.000 347.25194 ? 111 DT C "C2'" 1 
ATOM 604 C "C1'" . DT C 3 12 ? -2.34186  15.52989  1.67557   1.000 347.84861 ? 111 DT C "C1'" 1 
ATOM 605 N N1    . DT C 3 12 ? -2.64319  14.31148  2.48849   1.000 352.56884 ? 111 DT C N1    1 
ATOM 606 C C2    . DT C 3 12 ? -3.92350  13.81105  2.48391   1.000 353.59025 ? 111 DT C C2    1 
ATOM 607 O O2    . DT C 3 12 ? -4.82590  14.30551  1.83375   1.000 350.89116 ? 111 DT C O2    1 
ATOM 608 N N3    . DT C 3 12 ? -4.11440  12.70565  3.27226   1.000 358.16603 ? 111 DT C N3    1 
ATOM 609 C C4    . DT C 3 12 ? -3.16470  12.06103  4.04656   1.000 361.84976 ? 111 DT C C4    1 
ATOM 610 O O4    . DT C 3 12 ? -3.42926  11.06951  4.71910   1.000 366.06996 ? 111 DT C O4    1 
ATOM 611 C C5    . DT C 3 12 ? -1.84094  12.64172  4.01291   1.000 360.63506 ? 111 DT C C5    1 
ATOM 612 C C7    . DT C 3 12 ? -0.73003  12.03166  4.81760   1.000 364.70919 ? 111 DT C C7    1 
ATOM 613 C C6    . DT C 3 12 ? -1.64727  13.72923  3.24707   1.000 356.06052 ? 111 DT C C6    1 
ATOM 614 P P     . DG C 3 13 ? -1.33414  19.57067  1.55305   1.000 339.89176 ? 112 DG C P     1 
ATOM 615 O OP1   . DG C 3 13 ? -2.14769  19.07106  0.42289   1.000 338.14338 ? 112 DG C OP1   1 
ATOM 616 O OP2   . DG C 3 13 ? -0.60179  20.84713  1.40596   1.000 337.24939 ? 112 DG C OP2   1 
ATOM 617 O "O5'" . DG C 3 13 ? -2.26392  19.74299  2.84336   1.000 342.56525 ? 112 DG C "O5'" 1 
ATOM 618 C "C5'" . DG C 3 13 ? -1.84231  20.57699  3.91363   1.000 343.70446 ? 112 DG C "C5'" 1 
ATOM 619 C "C4'" . DG C 3 13 ? -3.02567  21.01906  4.75800   1.000 344.95670 ? 112 DG C "C4'" 1 
ATOM 620 O "O4'" . DG C 3 13 ? -4.16355  20.16699  4.47641   1.000 345.79534 ? 112 DG C "O4'" 1 
ATOM 621 C "C3'" . DG C 3 13 ? -2.79640  20.94185  6.26411   1.000 348.99034 ? 112 DG C "C3'" 1 
ATOM 622 O "O3'" . DG C 3 13 ? -2.39734  22.23269  6.77565   1.000 348.14344 ? 112 DG C "O3'" 1 
ATOM 623 C "C2'" . DG C 3 13 ? -4.14553  20.48631  6.81475   1.000 351.21123 ? 112 DG C "C2'" 1 
ATOM 624 C "C1'" . DG C 3 13 ? -4.70592  19.65260  5.67750   1.000 349.80337 ? 112 DG C "C1'" 1 
ATOM 625 N N9    . DG C 3 13 ? -4.37991  18.23301  5.75892   1.000 352.72453 ? 112 DG C N9    1 
ATOM 626 C C8    . DG C 3 13 ? -3.18055  17.63942  5.45078   1.000 353.18577 ? 112 DG C C8    1 
ATOM 627 N N7    . DG C 3 13 ? -3.18795  16.34513  5.59696   1.000 356.30421 ? 112 DG C N7    1 
ATOM 628 C C5    . DG C 3 13 ? -4.47602  16.06173  6.02800   1.000 357.92565 ? 112 DG C C5    1 
ATOM 629 C C6    . DG C 3 13 ? -5.07479  14.82560  6.34941   1.000 361.48389 ? 112 DG C C6    1 
ATOM 630 O O6    . DG C 3 13 ? -4.56879  13.69902  6.33056   1.000 364.08675 ? 112 DG C O6    1 
ATOM 631 N N1    . DG C 3 13 ? -6.39834  14.98213  6.75427   1.000 362.22880 ? 112 DG C N1    1 
ATOM 632 C C2    . DG C 3 13 ? -7.06678  16.17781  6.81794   1.000 359.89267 ? 112 DG C C2    1 
ATOM 633 N N2    . DG C 3 13 ? -8.34615  16.12101  7.22230   1.000 361.34571 ? 112 DG C N2    1 
ATOM 634 N N3    . DG C 3 13 ? -6.51831  17.34794  6.51707   1.000 356.62208 ? 112 DG C N3    1 
ATOM 635 C C4    . DG C 3 13 ? -5.22411  17.21228  6.13081   1.000 355.76400 ? 112 DG C C4    1 
ATOM 636 P P     . DC C 3 14 ? -3.47841  23.34948  7.20837   1.000 343.83447 ? 113 DC C P     1 
ATOM 637 O OP1   . DC C 3 14 ? -4.56142  23.41890  6.19969   1.000 341.16888 ? 113 DC C OP1   1 
ATOM 638 O OP2   . DC C 3 14 ? -2.70556  24.57614  7.49823   1.000 342.76154 ? 113 DC C OP2   1 
ATOM 639 O "O5'" . DC C 3 14 ? -4.04832  22.82765  8.61305   1.000 348.47166 ? 113 DC C "O5'" 1 
ATOM 640 C "C5'" . DC C 3 14 ? -5.28626  23.32014  9.11190   1.000 349.18655 ? 113 DC C "C5'" 1 
ATOM 641 C "C4'" . DC C 3 14 ? -5.89113  22.34564  10.10931  1.000 353.54274 ? 113 DC C "C4'" 1 
ATOM 642 O "O4'" . DC C 3 14 ? -5.96913  21.03719  9.51410   1.000 354.06062 ? 113 DC C "O4'" 1 
ATOM 643 C "C3'" . DC C 3 14 ? -5.07902  22.13922  11.37476  1.000 357.40962 ? 113 DC C "C3'" 1 
ATOM 644 O "O3'" . DC C 3 14 ? -5.43874  23.11774  12.34703  1.000 358.71085 ? 113 DC C "O3'" 1 
ATOM 645 C "C2'" . DC C 3 14 ? -5.47978  20.72660  11.82456  1.000 361.11831 ? 113 DC C "C2'" 1 
ATOM 646 C "C1'" . DC C 3 14 ? -5.99540  20.06271  10.53771  1.000 358.62930 ? 113 DC C "C1'" 1 
ATOM 647 N N1    . DC C 3 14 ? -5.18625  18.88100  10.09766  1.000 359.53960 ? 113 DC C N1    1 
ATOM 648 C C2    . DC C 3 14 ? -5.80031  17.62983  9.96639   1.000 361.63885 ? 113 DC C C2    1 
ATOM 649 O O2    . DC C 3 14 ? -7.00676  17.52108  10.21848  1.000 362.65166 ? 113 DC C O2    1 
ATOM 650 N N3    . DC C 3 14 ? -5.05441  16.57032  9.56420   1.000 362.71411 ? 113 DC C N3    1 
ATOM 651 C C4    . DC C 3 14 ? -3.75620  16.72900  9.30142   1.000 361.78729 ? 113 DC C C4    1 
ATOM 652 N N4    . DC C 3 14 ? -3.06189  15.65559  8.90903   1.000 363.18972 ? 113 DC C N4    1 
ATOM 653 C C5    . DC C 3 14 ? -3.11310  17.99555  9.42875   1.000 359.60723 ? 113 DC C C5    1 
ATOM 654 C C6    . DC C 3 14 ? -3.85735  19.03128  9.83042   1.000 358.56805 ? 113 DC C C6    1 
ATOM 655 P P     . DC D 4 1  ? 7.72596   -4.95274  -18.84152 1.000 323.34222 ? 113 DC D P     1 
ATOM 656 O OP1   . DC D 4 1  ? 7.34140   -6.36808  -18.63680 1.000 323.04125 ? 113 DC D OP1   1 
ATOM 657 O OP2   . DC D 4 1  ? 9.06511   -4.49060  -18.41227 1.000 327.72645 ? 113 DC D OP2   1 
ATOM 658 O "O5'" . DC D 4 1  ? 6.62385   -3.98459  -18.19667 1.000 317.36510 ? 113 DC D "O5'" 1 
ATOM 659 C "C5'" . DC D 4 1  ? 6.96373   -3.15732  -17.09010 1.000 316.76904 ? 113 DC D "C5'" 1 
ATOM 660 C "C4'" . DC D 4 1  ? 6.82934   -3.92374  -15.79082 1.000 315.64552 ? 113 DC D "C4'" 1 
ATOM 661 O "O4'" . DC D 4 1  ? 7.35293   -3.12270  -14.70101 1.000 316.15986 ? 113 DC D "O4'" 1 
ATOM 662 C "C3'" . DC D 4 1  ? 5.39828   -4.28337  -15.40685 1.000 310.00092 ? 113 DC D "C3'" 1 
ATOM 663 O "O3'" . DC D 4 1  ? 5.36979   -5.55812  -14.77690 1.000 310.60929 ? 113 DC D "O3'" 1 
ATOM 664 C "C2'" . DC D 4 1  ? 5.01433   -3.16581  -14.44007 1.000 306.69454 ? 113 DC D "C2'" 1 
ATOM 665 C "C1'" . DC D 4 1  ? 6.34199   -2.88470  -13.74494 1.000 311.21410 ? 113 DC D "C1'" 1 
ATOM 666 N N1    . DC D 4 1  ? 6.47725   -1.47679  -13.25176 1.000 310.37994 ? 113 DC D N1    1 
ATOM 667 C C2    . DC D 4 1  ? 7.67304   -1.05927  -12.64823 1.000 314.64632 ? 113 DC D C2    1 
ATOM 668 O O2    . DC D 4 1  ? 8.60307   -1.86020  -12.52092 1.000 318.98787 ? 113 DC D O2    1 
ATOM 669 N N3    . DC D 4 1  ? 7.77464   0.21969   -12.20731 1.000 314.08824 ? 113 DC D N3    1 
ATOM 670 C C4    . DC D 4 1  ? 6.75164   1.05926   -12.35017 1.000 309.49196 ? 113 DC D C4    1 
ATOM 671 N N4    . DC D 4 1  ? 6.90259   2.31223   -11.90335 1.000 309.35385 ? 113 DC D N4    1 
ATOM 672 C C5    . DC D 4 1  ? 5.52760   0.65516   -12.96325 1.000 305.06071 ? 113 DC D C5    1 
ATOM 673 C C6    . DC D 4 1  ? 5.43523   -0.60759  -13.39515 1.000 305.70335 ? 113 DC D C6    1 
ATOM 674 P P     . DG D 4 2  ? 5.17379   -6.89534  -15.64984 1.000 323.49626 ? 114 DG D P     1 
ATOM 675 O OP1   . DG D 4 2  ? 4.60456   -6.52130  -16.96219 1.000 326.21427 ? 114 DG D OP1   1 
ATOM 676 O OP2   . DG D 4 2  ? 4.45848   -7.88364  -14.81334 1.000 324.02054 ? 114 DG D OP2   1 
ATOM 677 O "O5'" . DG D 4 2  ? 6.66646   -7.42853  -15.86844 1.000 326.49080 ? 114 DG D "O5'" 1 
ATOM 678 C "C5'" . DG D 4 2  ? 7.04023   -8.71473  -15.38475 1.000 329.11195 ? 114 DG D "C5'" 1 
ATOM 679 C "C4'" . DG D 4 2  ? 7.57832   -8.62869  -13.96765 1.000 330.07009 ? 114 DG D "C4'" 1 
ATOM 680 O "O4'" . DG D 4 2  ? 7.26093   -7.32750  -13.39619 1.000 326.85458 ? 114 DG D "O4'" 1 
ATOM 681 C "C3'" . DG D 4 2  ? 7.00221   -9.66334  -12.99494 1.000 328.50782 ? 114 DG D "C3'" 1 
ATOM 682 O "O3'" . DG D 4 2  ? 8.02178   -10.11052 -12.11714 1.000 332.77348 ? 114 DG D "O3'" 1 
ATOM 683 C "C2'" . DG D 4 2  ? 5.94904   -8.85519  -12.24540 1.000 322.83631 ? 114 DG D "C2'" 1 
ATOM 684 C "C1'" . DG D 4 2  ? 6.67102   -7.52437  -12.13413 1.000 324.01558 ? 114 DG D "C1'" 1 
ATOM 685 N N9    . DG D 4 2  ? 5.81467   -6.38470  -11.80387 1.000 319.12568 ? 114 DG D N9    1 
ATOM 686 C C8    . DG D 4 2  ? 4.47235   -6.23653  -12.06435 1.000 313.78423 ? 114 DG D C8    1 
ATOM 687 N N7    . DG D 4 2  ? 3.97895   -5.10139  -11.64175 1.000 310.43160 ? 114 DG D N7    1 
ATOM 688 C C5    . DG D 4 2  ? 5.06416   -4.45915  -11.05924 1.000 313.82552 ? 114 DG D C5    1 
ATOM 689 C C6    . DG D 4 2  ? 5.14318   -3.18492  -10.42791 1.000 312.76157 ? 114 DG D C6    1 
ATOM 690 O O6    . DG D 4 2  ? 4.24515   -2.35316  -10.25312 1.000 308.41867 ? 114 DG D O6    1 
ATOM 691 N N1    . DG D 4 2  ? 6.43452   -2.91868  -9.97827  1.000 317.66735 ? 114 DG D N1    1 
ATOM 692 C C2    . DG D 4 2  ? 7.50533   -3.76436  -10.11986 1.000 322.84309 ? 114 DG D C2    1 
ATOM 693 N N2    . DG D 4 2  ? 8.67612   -3.34424  -9.62379  1.000 327.30952 ? 114 DG D N2    1 
ATOM 694 N N3    . DG D 4 2  ? 7.44176   -4.95509  -10.70721 1.000 323.83158 ? 114 DG D N3    1 
ATOM 695 C C4    . DG D 4 2  ? 6.19380   -5.22716  -11.15165 1.000 319.15347 ? 114 DG D C4    1 
ATOM 696 P P     . DG D 4 3  ? 8.16146   -11.66929 -11.75822 1.000 345.39717 ? 115 DG D P     1 
ATOM 697 O OP1   . DG D 4 3  ? 8.08004   -12.44084 -13.02005 1.000 348.35843 ? 115 DG D OP1   1 
ATOM 698 O OP2   . DG D 4 3  ? 7.21166   -11.94680 -10.65739 1.000 343.94538 ? 115 DG D OP2   1 
ATOM 699 O "O5'" . DG D 4 3  ? 9.64117   -11.78988 -11.15990 1.000 345.15661 ? 115 DG D "O5'" 1 
ATOM 700 C "C5'" . DG D 4 3  ? 9.84336   -11.75562 -9.74854  1.000 345.63806 ? 115 DG D "C5'" 1 
ATOM 701 C "C4'" . DG D 4 3  ? 10.78317  -10.62820 -9.35997  1.000 347.97141 ? 115 DG D "C4'" 1 
ATOM 702 O "O4'" . DG D 4 3  ? 10.13995  -9.35286  -9.61639  1.000 343.54307 ? 115 DG D "O4'" 1 
ATOM 703 C "C3'" . DG D 4 3  ? 11.14866  -10.58300 -7.88861  1.000 349.50767 ? 115 DG D "C3'" 1 
ATOM 704 O "O3'" . DG D 4 3  ? 12.36701  -9.86618  -7.72455  1.000 353.90923 ? 115 DG D "O3'" 1 
ATOM 705 C "C2'" . DG D 4 3  ? 9.97126   -9.81028  -7.31849  1.000 343.43780 ? 115 DG D "C2'" 1 
ATOM 706 C "C1'" . DG D 4 3  ? 9.78727   -8.73970  -8.38698  1.000 341.19577 ? 115 DG D "C1'" 1 
ATOM 707 N N9    . DG D 4 3  ? 8.42005   -8.24966  -8.50802  1.000 334.79522 ? 115 DG D N9    1 
ATOM 708 C C8    . DG D 4 3  ? 7.38051   -8.88289  -9.13764  1.000 331.94403 ? 115 DG D C8    1 
ATOM 709 N N7    . DG D 4 3  ? 6.26594   -8.21348  -9.10484  1.000 329.96732 ? 115 DG D N7    1 
ATOM 710 C C5    . DG D 4 3  ? 6.58515   -7.05194  -8.42282  1.000 326.29305 ? 115 DG D C5    1 
ATOM 711 C C6    . DG D 4 3  ? 5.76959   -5.95194  -8.08785  1.000 323.20538 ? 115 DG D C6    1 
ATOM 712 O O6    . DG D 4 3  ? 4.57149   -5.78601  -8.34569  1.000 323.20242 ? 115 DG D O6    1 
ATOM 713 N N1    . DG D 4 3  ? 6.47548   -4.98100  -7.38844  1.000 323.06999 ? 115 DG D N1    1 
ATOM 714 C C2    . DG D 4 3  ? 7.80524   -5.06402  -7.04957  1.000 328.76656 ? 115 DG D C2    1 
ATOM 715 N N2    . DG D 4 3  ? 8.31086   -4.02165  -6.37017  1.000 330.06990 ? 115 DG D N2    1 
ATOM 716 N N3    . DG D 4 3  ? 8.58709   -6.09653  -7.35946  1.000 333.10088 ? 115 DG D N3    1 
ATOM 717 C C4    . DG D 4 3  ? 7.90784   -7.05144  -8.04630  1.000 331.22751 ? 115 DG D C4    1 
ATOM 718 P P     . DA D 4 4  ? 13.24066  -10.03967 -6.38645  1.000 364.03037 ? 116 DA D P     1 
ATOM 719 O OP1   . DA D 4 4  ? 14.57852  -10.52704 -6.78811  1.000 370.60195 ? 116 DA D OP1   1 
ATOM 720 O OP2   . DA D 4 4  ? 12.43385  -10.81440 -5.41711  1.000 361.79957 ? 116 DA D OP2   1 
ATOM 721 O "O5'" . DA D 4 4  ? 13.39443  -8.54515  -5.83410  1.000 363.05702 ? 116 DA D "O5'" 1 
ATOM 722 C "C5'" . DA D 4 4  ? 12.29111  -7.64744  -5.89612  1.000 357.00590 ? 116 DA D "C5'" 1 
ATOM 723 C "C4'" . DA D 4 4  ? 12.02123  -7.02468  -4.53997  1.000 355.67906 ? 116 DA D "C4'" 1 
ATOM 724 O "O4'" . DA D 4 4  ? 10.67047  -6.49053  -4.51019  1.000 349.06855 ? 116 DA D "O4'" 1 
ATOM 725 C "C3'" . DA D 4 4  ? 12.09649  -7.98485  -3.36474  1.000 357.75622 ? 116 DA D "C3'" 1 
ATOM 726 O "O3'" . DA D 4 4  ? 12.46719  -7.26620  -2.19668  1.000 359.46757 ? 116 DA D "O3'" 1 
ATOM 727 C "C2'" . DA D 4 4  ? 10.66099  -8.49162  -3.27862  1.000 351.94700 ? 116 DA D "C2'" 1 
ATOM 728 C "C1'" . DA D 4 4  ? 9.88276   -7.21992  -3.58580  1.000 346.83246 ? 116 DA D "C1'" 1 
ATOM 729 N N9    . DA D 4 4  ? 8.57390   -7.45631  -4.19141  1.000 341.05826 ? 116 DA D N9    1 
ATOM 730 C C8    . DA D 4 4  ? 8.19587   -8.52059  -4.96142  1.000 340.40003 ? 116 DA D C8    1 
ATOM 731 N N7    . DA D 4 4  ? 6.95386   -8.45822  -5.38212  1.000 334.91283 ? 116 DA D N7    1 
ATOM 732 C C5    . DA D 4 4  ? 6.48435   -7.27052  -4.84952  1.000 331.66787 ? 116 DA D C5    1 
ATOM 733 C C6    . DA D 4 4  ? 5.23314   -6.62554  -4.92151  1.000 325.68363 ? 116 DA D C6    1 
ATOM 734 N N6    . DA D 4 4  ? 4.18650   -7.11693  -5.59565  1.000 322.36378 ? 116 DA D N6    1 
ATOM 735 N N1    . DA D 4 4  ? 5.09945   -5.45128  -4.27164  1.000 324.06742 ? 116 DA D N1    1 
ATOM 736 C C2    . DA D 4 4  ? 6.14872   -4.96160  -3.60061  1.000 328.25774 ? 116 DA D C2    1 
ATOM 737 N N3    . DA D 4 4  ? 7.36802   -5.47645  -3.45783  1.000 334.05661 ? 116 DA D N3    1 
ATOM 738 C C4    . DA D 4 4  ? 7.47202   -6.64025  -4.11458  1.000 335.42012 ? 116 DA D C4    1 
ATOM 739 P P     . DC D 4 5  ? 13.16491  -8.01610  -0.95898  1.000 370.78544 ? 117 DC D P     1 
ATOM 740 O OP1   . DC D 4 5  ? 14.52332  -7.45031  -0.80928  1.000 376.69365 ? 117 DC D OP1   1 
ATOM 741 O OP2   . DC D 4 5  ? 12.98693  -9.47466  -1.13769  1.000 371.55129 ? 117 DC D OP2   1 
ATOM 742 O "O5'" . DC D 4 5  ? 12.27889  -7.56494  0.29103   1.000 367.37471 ? 117 DC D "O5'" 1 
ATOM 743 C "C5'" . DC D 4 5  ? 10.86235  -7.55086  0.17392   1.000 360.70245 ? 117 DC D "C5'" 1 
ATOM 744 C "C4'" . DC D 4 5  ? 10.29787  -6.19202  0.54085   1.000 357.01803 ? 117 DC D "C4'" 1 
ATOM 745 O "O4'" . DC D 4 5  ? 9.16751   -5.89365  -0.32152  1.000 350.77019 ? 117 DC D "O4'" 1 
ATOM 746 C "C3'" . DC D 4 5  ? 9.72572   -6.11026  1.93947   1.000 355.84763 ? 117 DC D "C3'" 1 
ATOM 747 O "O3'" . DC D 4 5  ? 9.61002   -4.74278  2.32324   1.000 354.43522 ? 117 DC D "O3'" 1 
ATOM 748 C "C2'" . DC D 4 5  ? 8.36247   -6.73843  1.71053   1.000 350.06685 ? 117 DC D "C2'" 1 
ATOM 749 C "C1'" . DC D 4 5  ? 7.96262   -6.05788  0.41189   1.000 346.22926 ? 117 DC D "C1'" 1 
ATOM 750 N N1    . DC D 4 5  ? 7.00287   -6.83284  -0.43225  1.000 342.09769 ? 117 DC D N1    1 
ATOM 751 C C2    . DC D 4 5  ? 5.72218   -6.31867  -0.67664  1.000 335.79899 ? 117 DC D C2    1 
ATOM 752 O O2    . DC D 4 5  ? 5.40058   -5.23654  -0.17170  1.000 333.68595 ? 117 DC D O2    1 
ATOM 753 N N3    . DC D 4 5  ? 4.87088   -7.02255  -1.46632  1.000 332.40973 ? 117 DC D N3    1 
ATOM 754 C C4    . DC D 4 5  ? 5.25917   -8.18557  -1.99427  1.000 335.10754 ? 117 DC D C4    1 
ATOM 755 N N4    . DC D 4 5  ? 4.38854   -8.84756  -2.76599  1.000 331.89777 ? 117 DC D N4    1 
ATOM 756 C C5    . DC D 4 5  ? 6.55962   -8.72246  -1.75759  1.000 341.45500 ? 117 DC D C5    1 
ATOM 757 C C6    . DC D 4 5  ? 7.39102   -8.01830  -0.98245  1.000 344.72325 ? 117 DC D C6    1 
ATOM 758 P P     . DA D 4 6  ? 9.07334   -4.33747  3.78478   1.000 360.88450 ? 118 DA D P     1 
ATOM 759 O OP1   . DA D 4 6  ? 9.95805   -3.26810  4.29665   1.000 364.80557 ? 118 DA D OP1   1 
ATOM 760 O OP2   . DA D 4 6  ? 8.89837   -5.57348  4.57838   1.000 362.34297 ? 118 DA D OP2   1 
ATOM 761 O "O5'" . DA D 4 6  ? 7.62101   -3.72382  3.49964   1.000 353.33329 ? 118 DA D "O5'" 1 
ATOM 762 C "C5'" . DA D 4 6  ? 7.16324   -2.58473  4.23320   1.000 351.29342 ? 118 DA D "C5'" 1 
ATOM 763 C "C4'" . DA D 4 6  ? 5.83054   -2.86893  4.90535   1.000 346.42678 ? 118 DA D "C4'" 1 
ATOM 764 O "O4'" . DA D 4 6  ? 5.12956   -3.90198  4.16558   1.000 343.19931 ? 118 DA D "O4'" 1 
ATOM 765 C "C3'" . DA D 4 6  ? 5.92557   -3.41571  6.32500   1.000 349.39085 ? 118 DA D "C3'" 1 
ATOM 766 O "O3'" . DA D 4 6  ? 4.68945   -3.22193  6.98817   1.000 344.71381 ? 118 DA D "O3'" 1 
ATOM 767 C "C2'" . DA D 4 6  ? 6.11286   -4.89261  6.03844   1.000 351.13330 ? 118 DA D "C2'" 1 
ATOM 768 C "C1'" . DA D 4 6  ? 5.03816   -5.05955  4.97569   1.000 344.96740 ? 118 DA D "C1'" 1 
ATOM 769 N N9    . DA D 4 6  ? 5.19268   -6.24021  4.13354   1.000 345.75242 ? 118 DA D N9    1 
ATOM 770 C C8    . DA D 4 6  ? 6.23499   -7.12400  4.12196   1.000 351.32359 ? 118 DA D C8    1 
ATOM 771 N N7    . DA D 4 6  ? 6.09167   -8.09793  3.25121   1.000 350.74743 ? 118 DA D N7    1 
ATOM 772 C C5    . DA D 4 6  ? 4.87465   -7.83196  2.65224   1.000 344.42567 ? 118 DA D C5    1 
ATOM 773 C C6    . DA D 4 6  ? 4.14809   -8.49429  1.64448   1.000 341.09586 ? 118 DA D C6    1 
ATOM 774 N N6    . DA D 4 6  ? 4.57515   -9.60725  1.03623   1.000 343.80413 ? 118 DA D N6    1 
ATOM 775 N N1    . DA D 4 6  ? 2.95974   -7.97074  1.28860   1.000 335.10232 ? 118 DA D N1    1 
ATOM 776 C C2    . DA D 4 6  ? 2.53273   -6.86031  1.90131   1.000 332.54995 ? 118 DA D C2    1 
ATOM 777 N N3    . DA D 4 6  ? 3.12439   -6.15034  2.85823   1.000 335.21851 ? 118 DA D N3    1 
ATOM 778 C C4    . DA D 4 6  ? 4.30404   -6.69408  3.19030   1.000 341.24070 ? 118 DA D C4    1 
ATOM 779 P P     . DG D 4 7  ? 4.23111   -1.78396  7.53877   1.000 347.16053 ? 119 DG D P     1 
ATOM 780 O OP1   . DG D 4 7  ? 4.97334   -0.69518  6.86431   1.000 348.65916 ? 119 DG D OP1   1 
ATOM 781 O OP2   . DG D 4 7  ? 4.30658   -1.88125  9.01203   1.000 350.10851 ? 119 DG D OP2   1 
ATOM 782 O "O5'" . DG D 4 7  ? 2.67907   -1.71960  7.12976   1.000 339.58411 ? 119 DG D "O5'" 1 
ATOM 783 C "C5'" . DG D 4 7  ? 2.15179   -2.63393  6.14718   1.000 336.54594 ? 119 DG D "C5'" 1 
ATOM 784 C "C4'" . DG D 4 7  ? 1.22516   -3.66742  6.78438   1.000 334.39503 ? 119 DG D "C4'" 1 
ATOM 785 O "O4'" . DG D 4 7  ? 1.37137   -4.94470  6.09617   1.000 335.26422 ? 119 DG D "O4'" 1 
ATOM 786 C "C3'" . DG D 4 7  ? 1.50225   -3.96416  8.26521   1.000 338.17159 ? 119 DG D "C3'" 1 
ATOM 787 O "O3'" . DG D 4 7  ? 0.29249   -4.26704  8.99084   1.000 334.47212 ? 119 DG D "O3'" 1 
ATOM 788 C "C2'" . DG D 4 7  ? 2.36678   -5.21213  8.17006   1.000 342.99407 ? 119 DG D "C2'" 1 
ATOM 789 C "C1'" . DG D 4 7  ? 1.63318   -5.93917  7.05874   1.000 338.83683 ? 119 DG D "C1'" 1 
ATOM 790 N N9    . DG D 4 7  ? 2.40073   -7.02279  6.45075   1.000 342.45558 ? 119 DG D N9    1 
ATOM 791 C C8    . DG D 4 7  ? 3.67872   -7.40926  6.77390   1.000 348.92540 ? 119 DG D C8    1 
ATOM 792 N N7    . DG D 4 7  ? 4.10832   -8.41967  6.07331   1.000 350.99384 ? 119 DG D N7    1 
ATOM 793 C C5    . DG D 4 7  ? 3.04442   -8.73082  5.23710   1.000 345.62267 ? 119 DG D C5    1 
ATOM 794 C C6    . DG D 4 7  ? 2.92517   -9.74240  4.25458   1.000 345.21151 ? 119 DG D C6    1 
ATOM 795 O O6    . DG D 4 7  ? 3.77026   -10.58292 3.91691   1.000 349.57617 ? 119 DG D O6    1 
ATOM 796 N N1    . DG D 4 7  ? 1.68108   -9.71478  3.62745   1.000 339.21977 ? 119 DG D N1    1 
ATOM 797 C C2    . DG D 4 7  ? 0.67214   -8.82424  3.91673   1.000 334.15744 ? 119 DG D C2    1 
ATOM 798 N N2    . DG D 4 7  ? -0.45982  -8.96287  3.20609   1.000 328.97148 ? 119 DG D N2    1 
ATOM 799 N N3    . DG D 4 7  ? 0.76770   -7.86918  4.84067   1.000 334.40959 ? 119 DG D N3    1 
ATOM 800 C C4    . DG D 4 7  ? 1.97965   -7.88122  5.45609   1.000 340.30375 ? 119 DG D C4    1 
ATOM 801 P P     . DT D 4 8  ? -1.10340  -3.49272  8.76252   1.000 333.76584 ? 120 DT D P     1 
ATOM 802 O OP1   . DT D 4 8  ? -0.94144  -2.17706  8.10390   1.000 332.24431 ? 120 DT D OP1   1 
ATOM 803 O OP2   . DT D 4 8  ? -1.76284  -3.50823  10.08453  1.000 333.25323 ? 120 DT D OP2   1 
ATOM 804 O "O5'" . DT D 4 8  ? -1.93628  -4.50498  7.84013   1.000 329.83938 ? 120 DT D "O5'" 1 
ATOM 805 C "C5'" . DT D 4 8  ? -2.15548  -5.85991  8.28558   1.000 331.07224 ? 120 DT D "C5'" 1 
ATOM 806 C "C4'" . DT D 4 8  ? -3.13190  -6.60134  7.37874   1.000 326.62726 ? 120 DT D "C4'" 1 
ATOM 807 O "O4'" . DT D 4 8  ? -2.40896  -7.54324  6.54489   1.000 329.54102 ? 120 DT D "O4'" 1 
ATOM 808 C "C3'" . DT D 4 8  ? -4.13421  -7.47759  8.09920   1.000 324.75536 ? 120 DT D "C3'" 1 
ATOM 809 O "O3'" . DT D 4 8  ? -5.17634  -7.81484  7.19486   1.000 319.81982 ? 120 DT D "O3'" 1 
ATOM 810 C "C2'" . DT D 4 8  ? -3.27186  -8.69502  8.40913   1.000 330.28011 ? 120 DT D "C2'" 1 
ATOM 811 C "C1'" . DT D 4 8  ? -2.56664  -8.86229  7.07024   1.000 331.37904 ? 120 DT D "C1'" 1 
ATOM 812 N N1    . DT D 4 8  ? -1.21671  -9.46948  7.14115   1.000 337.79518 ? 120 DT D N1    1 
ATOM 813 C C2    . DT D 4 8  ? -0.88354  -10.46827 6.25472   1.000 339.36441 ? 120 DT D C2    1 
ATOM 814 O O2    . DT D 4 8  ? -1.66534  -10.91987 5.43649   1.000 335.83105 ? 120 DT D O2    1 
ATOM 815 N N3    . DT D 4 8  ? 0.39931   -10.93140 6.36871   1.000 345.48143 ? 120 DT D N3    1 
ATOM 816 C C4    . DT D 4 8  ? 1.36685   -10.49652 7.25764   1.000 350.17832 ? 120 DT D C4    1 
ATOM 817 O O4    . DT D 4 8  ? 2.49721   -10.97207 7.28426   1.000 355.72564 ? 120 DT D O4    1 
ATOM 818 C C5    . DT D 4 8  ? 0.95624   -9.43359  8.14779   1.000 348.32517 ? 120 DT D C5    1 
ATOM 819 C C7    . DT D 4 8  ? 1.91642   -8.88016  9.15837   1.000 353.38192 ? 120 DT D C7    1 
ATOM 820 C C6    . DT D 4 8  ? -0.29811  -8.97439  8.04113   1.000 342.25700 ? 120 DT D C6    1 
ATOM 821 P P     . DC D 4 9  ? -6.63941  -8.20129  7.73262   1.000 327.67760 ? 121 DC D P     1 
ATOM 822 O OP1   . DC D 4 9  ? -7.60838  -7.30827  7.05805   1.000 321.91796 ? 121 DC D OP1   1 
ATOM 823 O OP2   . DC D 4 9  ? -6.58316  -8.25514  9.20852   1.000 330.10516 ? 121 DC D OP2   1 
ATOM 824 O "O5'" . DC D 4 9  ? -6.86602  -9.69695  7.20484   1.000 328.25221 ? 121 DC D "O5'" 1 
ATOM 825 C "C5'" . DC D 4 9  ? -6.26134  -10.80214 7.88311   1.000 333.14881 ? 121 DC D "C5'" 1 
ATOM 826 C "C4'" . DC D 4 9  ? -6.88561  -12.12108 7.44051   1.000 332.33489 ? 121 DC D "C4'" 1 
ATOM 827 O "O4'" . DC D 4 9  ? -5.85386  -13.05172 7.03807   1.000 337.30273 ? 121 DC D "O4'" 1 
ATOM 828 C "C3'" . DC D 4 9  ? -7.65901  -12.86464 8.50952   1.000 332.19326 ? 121 DC D "C3'" 1 
ATOM 829 O "O3'" . DC D 4 9  ? -8.65116  -13.71392 7.87504   1.000 329.17380 ? 121 DC D "O3'" 1 
ATOM 830 C "C2'" . DC D 4 9  ? -6.54850  -13.64322 9.23634   1.000 338.83480 ? 121 DC D "C2'" 1 
ATOM 831 C "C1'" . DC D 4 9  ? -5.50631  -13.88814 8.13299   1.000 341.62296 ? 121 DC D "C1'" 1 
ATOM 832 N N1    . DC D 4 9  ? -4.11470  -13.54070 8.52763   1.000 346.97523 ? 121 DC D N1    1 
ATOM 833 C C2    . DC D 4 9  ? -3.02627  -14.13946 7.87088   1.000 351.35785 ? 121 DC D C2    1 
ATOM 834 O O2    . DC D 4 9  ? -3.22580  -14.99846 7.00215   1.000 350.91380 ? 121 DC D O2    1 
ATOM 835 N N3    . DC D 4 9  ? -1.77049  -13.79404 8.23355   1.000 356.30565 ? 121 DC D N3    1 
ATOM 836 C C4    . DC D 4 9  ? -1.58262  -12.87622 9.18227   1.000 357.00709 ? 121 DC D C4    1 
ATOM 837 N N4    . DC D 4 9  ? -0.32515  -12.56022 9.49792   1.000 362.20036 ? 121 DC D N4    1 
ATOM 838 C C5    . DC D 4 9  ? -2.67067  -12.24446 9.85126   1.000 352.65576 ? 121 DC D C5    1 
ATOM 839 C C6    . DC D 4 9  ? -3.90569  -12.60270 9.49495   1.000 347.70379 ? 121 DC D C6    1 
ATOM 840 P P     . DA D 4 10 ? -8.96339  -15.20939 8.38174   1.000 325.08111 ? 122 DA D P     1 
ATOM 841 O OP1   . DA D 4 10 ? -10.15314 -15.67327 7.63058   1.000 320.73673 ? 122 DA D OP1   1 
ATOM 842 O OP2   . DA D 4 10 ? -9.00596  -15.22353 9.86210   1.000 327.11082 ? 122 DA D OP2   1 
ATOM 843 O "O5'" . DA D 4 10 ? -7.69677  -16.04258 7.87508   1.000 330.68192 ? 122 DA D "O5'" 1 
ATOM 844 C "C5'" . DA D 4 10 ? -7.86387  -17.22522 7.11972   1.000 331.51373 ? 122 DA D "C5'" 1 
ATOM 845 C "C4'" . DA D 4 10 ? -7.30574  -18.41107 7.88273   1.000 337.11003 ? 122 DA D "C4'" 1 
ATOM 846 O "O4'" . DA D 4 10 ? -6.22147  -17.94785 8.73516   1.000 341.35403 ? 122 DA D "O4'" 1 
ATOM 847 C "C3'" . DA D 4 10 ? -8.29732  -19.10667 8.81844   1.000 336.34292 ? 122 DA D "C3'" 1 
ATOM 848 O "O3'" . DA D 4 10 ? -8.00448  -20.50372 8.89763   1.000 340.76956 ? 122 DA D "O3'" 1 
ATOM 849 C "C2'" . DA D 4 10 ? -8.02635  -18.41402 10.14593  1.000 337.80687 ? 122 DA D "C2'" 1 
ATOM 850 C "C1'" . DA D 4 10 ? -6.51918  -18.26847 10.07656  1.000 343.01384 ? 122 DA D "C1'" 1 
ATOM 851 N N9    . DA D 4 10 ? -5.97616  -17.22342 10.94867  1.000 344.32190 ? 122 DA D N9    1 
ATOM 852 C C8    . DA D 4 10 ? -6.66646  -16.48855 11.87156  1.000 341.80086 ? 122 DA D C8    1 
ATOM 853 N N7    . DA D 4 10 ? -5.91682  -15.62912 12.52482  1.000 344.21284 ? 122 DA D N7    1 
ATOM 854 C C5    . DA D 4 10 ? -4.65721  -15.83012 11.99981  1.000 348.56436 ? 122 DA D C5    1 
ATOM 855 C C6    . DA D 4 10 ? -3.41694  -15.22270 12.27572  1.000 352.88662 ? 122 DA D C6    1 
ATOM 856 N N6    . DA D 4 10 ? -3.26299  -14.26316 13.18509  1.000 353.55706 ? 122 DA D N6    1 
ATOM 857 N N1    . DA D 4 10 ? -2.34899  -15.65242 11.57351  1.000 356.68888 ? 122 DA D N1    1 
ATOM 858 C C2    . DA D 4 10 ? -2.51290  -16.61513 10.66080  1.000 356.21694 ? 122 DA D C2    1 
ATOM 859 N N3    . DA D 4 10 ? -3.62867  -17.25712 10.31748  1.000 352.45679 ? 122 DA D N3    1 
ATOM 860 C C4    . DA D 4 10 ? -4.67120  -16.81111 11.03054  1.000 348.68709 ? 122 DA D C4    1 
# 
loop_
_atom_site_anisotrop.id 
_atom_site_anisotrop.type_symbol 
_atom_site_anisotrop.pdbx_label_atom_id 
_atom_site_anisotrop.pdbx_label_alt_id 
_atom_site_anisotrop.pdbx_label_comp_id 
_atom_site_anisotrop.pdbx_label_asym_id 
_atom_site_anisotrop.pdbx_label_seq_id 
_atom_site_anisotrop.pdbx_PDB_ins_code 
_atom_site_anisotrop.U[1][1] 
_atom_site_anisotrop.U[2][2] 
_atom_site_anisotrop.U[3][3] 
_atom_site_anisotrop.U[1][2] 
_atom_site_anisotrop.U[1][3] 
_atom_site_anisotrop.U[2][3] 
_atom_site_anisotrop.pdbx_auth_seq_id 
_atom_site_anisotrop.pdbx_auth_comp_id 
_atom_site_anisotrop.pdbx_auth_asym_id 
_atom_site_anisotrop.pdbx_auth_atom_id 
1   P P     . DG A 1  ? 5.54892 3.25531 4.18485 -0.64296 -1.96610 -0.05205 102 DG A P     
2   O OP1   . DG A 1  ? 5.53041 3.27995 4.24332 -0.59730 -2.06925 0.00843  102 DG A OP1   
3   O OP2   . DG A 1  ? 5.38691 3.24157 4.16403 -0.66411 -1.85181 -0.02355 102 DG A OP2   
4   O "O5'" . DG A 1  ? 5.77081 3.25110 4.04278 -0.63819 -1.90215 -0.11689 102 DG A "O5'" 
5   C "C5'" . DG A 1  ? 5.87366 3.26165 3.95922 -0.59562 -1.89507 -0.09521 102 DG A "C5'" 
6   C "C4'" . DG A 1  ? 6.06649 3.22486 3.81221 -0.59742 -1.85572 -0.16097 102 DG A "C4'" 
7   O "O4'" . DG A 1  ? 6.15464 3.21092 3.83868 -0.60929 -1.93381 -0.22101 102 DG A "O4'" 
8   C "C3'" . DG A 1  ? 6.06503 3.18658 3.69253 -0.63392 -1.70705 -0.19284 102 DG A "C3'" 
9   O "O3'" . DG A 1  ? 6.24064 3.16553 3.55359 -0.62039 -1.66608 -0.21982 102 DG A "O3'" 
10  C "C2'" . DG A 1  ? 6.04045 3.16396 3.72442 -0.67348 -1.70920 -0.24973 102 DG A "C2'" 
11  C "C1'" . DG A 1  ? 6.18410 3.17165 3.75051 -0.64663 -1.83614 -0.28134 102 DG A "C1'" 
12  N N9    . DG A 1  ? 6.16733 3.16009 3.83010 -0.66623 -1.90545 -0.32587 102 DG A N9    
13  C C8    . DG A 1  ? 6.02131 3.16390 3.97276 -0.67782 -1.98916 -0.29962 102 DG A C8    
14  N N7    . DG A 1  ? 6.05326 3.14351 4.01514 -0.69287 -2.04706 -0.35392 102 DG A N7    
15  C C5    . DG A 1  ? 6.23786 3.13494 3.89331 -0.68585 -1.99472 -0.42061 102 DG A C5    
16  C C6    . DG A 1  ? 6.36162 3.12193 3.87432 -0.68762 -2.01716 -0.49904 102 DG A C6    
17  O O6    . DG A 1  ? 6.31396 3.11843 3.96914 -0.68749 -2.07641 -0.51833 102 DG A O6    
18  N N1    . DG A 1  ? 6.53976 3.13111 3.73834 -0.67258 -1.93233 -0.54059 102 DG A N1    
19  C C2    . DG A 1  ? 6.59312 3.13823 3.63155 -0.66576 -1.84712 -0.51260 102 DG A C2    
20  N N2    . DG A 1  ? 6.77510 3.14579 3.51029 -0.65622 -1.77369 -0.55632 102 DG A N2    
21  N N3    . DG A 1  ? 6.47901 3.14180 3.64638 -0.66449 -1.83205 -0.44320 102 DG A N3    
22  C C4    . DG A 1  ? 6.30750 3.14460 3.77905 -0.67213 -1.90605 -0.40133 102 DG A C4    
23  P P     . DA A 2  ? 6.37905 3.25229 3.54115 -0.64781 -1.51473 -0.22813 103 DA A P     
24  O OP1   . DA A 2  ? 6.46365 3.25396 3.47017 -0.61016 -1.50833 -0.19130 103 DA A OP1   
25  O OP2   . DA A 2  ? 6.24393 3.29408 3.63544 -0.68474 -1.44334 -0.21450 103 DA A OP2   
26  O "O5'" . DA A 2  ? 6.46618 3.16218 3.38262 -0.67092 -1.47331 -0.29893 103 DA A "O5'" 
27  C "C5'" . DA A 2  ? 6.48249 3.16897 3.44236 -0.68227 -1.52628 -0.34878 103 DA A "C5'" 
28  C "C4'" . DA A 2  ? 6.43449 3.15773 3.42247 -0.73056 -1.41747 -0.38789 103 DA A "C4'" 
29  O "O4'" . DA A 2  ? 6.36080 3.16330 3.52753 -0.74177 -1.47931 -0.41752 103 DA A "O4'" 
30  C "C3'" . DA A 2  ? 6.28355 3.14824 3.41820 -0.76293 -1.31275 -0.35225 103 DA A "C3'" 
31  O "O3'" . DA A 2  ? 6.33130 3.14132 3.34305 -0.80055 -1.19070 -0.38536 103 DA A "O3'" 
32  C "C2'" . DA A 2  ? 6.12875 3.18368 3.57564 -0.77647 -1.35667 -0.33990 103 DA A "C2'" 
33  C "C1'" . DA A 2  ? 6.17469 3.15752 3.58415 -0.77743 -1.41865 -0.39932 103 DA A "C1'" 
34  N N9    . DA A 2  ? 6.05207 3.15962 3.71732 -0.77534 -1.52240 -0.38755 103 DA A N9    
35  C C8    . DA A 2  ? 5.95437 3.23574 3.87714 -0.77183 -1.56174 -0.32484 103 DA A C8    
36  N N7    . DA A 2  ? 5.88187 3.24527 4.00557 -0.77510 -1.65769 -0.32260 103 DA A N7    
37  C C5    . DA A 2  ? 5.93913 3.16562 3.92085 -0.77882 -1.68731 -0.39429 103 DA A C5    
38  C C6    . DA A 2  ? 5.93037 3.14381 3.99984 -0.78238 -1.78679 -0.43078 103 DA A C6    
39  N N6    . DA A 2  ? 5.81246 3.16456 4.15915 -0.79004 -1.87845 -0.39301 103 DA A N6    
40  N N1    . DA A 2  ? 6.09413 3.14209 3.95206 -0.77615 -1.78907 -0.50601 103 DA A N1    
41  C C2    . DA A 2  ? 6.23843 3.15409 3.82462 -0.76932 -1.69230 -0.53619 103 DA A C2    
42  N N3    . DA A 2  ? 6.24464 3.15969 3.73370 -0.77196 -1.59480 -0.50316 103 DA A N3    
43  C C4    . DA A 2  ? 6.08514 3.15643 3.78137 -0.77613 -1.60085 -0.43447 103 DA A C4    
44  P P     . DG A 3  ? 6.38178 3.18008 3.31144 -0.82204 -1.07702 -0.35401 104 DG A P     
45  O OP1   . DG A 3  ? 6.55005 3.16661 3.20886 -0.79410 -1.08733 -0.34655 104 DG A OP1   
46  O OP2   . DG A 3  ? 6.20010 3.17410 3.36999 -0.82332 -1.07762 -0.30474 104 DG A OP2   
47  O "O5'" . DG A 3  ? 6.39878 3.19253 3.29076 -0.87316 -0.95742 -0.39450 104 DG A "O5'" 
48  C "C5'" . DG A 3  ? 6.24463 3.20116 3.37249 -0.90537 -0.92468 -0.40434 104 DG A "C5'" 
49  C "C4'" . DG A 3  ? 6.27430 3.22262 3.42968 -0.90404 -0.96189 -0.45836 104 DG A "C4'" 
50  O "O4'" . DG A 3  ? 6.24431 3.21926 3.50217 -0.86842 -1.09592 -0.45128 104 DG A "O4'" 
51  C "C3'" . DG A 3  ? 6.13948 3.23025 3.49815 -0.94096 -0.90736 -0.47758 104 DG A "C3'" 
52  O "O3'" . DG A 3  ? 6.22730 3.25980 3.45621 -0.97105 -0.79377 -0.51016 104 DG A "O3'" 
53  C "C2'" . DG A 3  ? 6.12254 3.23182 3.57955 -0.92110 -1.00776 -0.51111 104 DG A "C2'" 
54  C "C1'" . DG A 3  ? 6.15137 3.21635 3.58723 -0.87950 -1.13022 -0.48149 104 DG A "C1'" 
55  N N9    . DG A 3  ? 5.96645 3.19504 3.67395 -0.87442 -1.20327 -0.43473 104 DG A N9    
56  C C8    . DG A 3  ? 5.84891 3.18697 3.67674 -0.87275 -1.18629 -0.37291 104 DG A C8    
57  N N7    . DG A 3  ? 5.69841 3.17861 3.76883 -0.86388 -1.25991 -0.33588 104 DG A N7    
58  C C5    . DG A 3  ? 5.71314 3.17229 3.83219 -0.86459 -1.33641 -0.37625 104 DG A C5    
59  C C6    . DG A 3  ? 5.58962 3.15819 3.94556 -0.86190 -1.43774 -0.35885 104 DG A C6    
60  O O6    . DG A 3  ? 5.43339 3.15389 4.01419 -0.85761 -1.47401 -0.29829 104 DG A O6    
61  N N1    . DG A 3  ? 5.66933 3.15226 3.98159 -0.86317 -1.49890 -0.41802 104 DG A N1    
62  C C2    . DG A 3  ? 5.85073 3.16757 3.91420 -0.86048 -1.46051 -0.48536 104 DG A C2    
63  N N2    . DG A 3  ? 5.91826 3.16489 3.96477 -0.85402 -1.53281 -0.53911 104 DG A N2    
64  N N3    . DG A 3  ? 5.96396 3.18703 3.80836 -0.86244 -1.35873 -0.49711 104 DG A N3    
65  C C4    . DG A 3  ? 5.88329 3.18379 3.77375 -0.86758 -1.30419 -0.44030 104 DG A C4    
66  P P     . DC A 4  ? 6.09449 3.26304 3.48019 -1.02118 -0.68494 -0.50389 105 DC A P     
67  O OP1   . DC A 4  ? 6.23225 3.30567 3.43008 -1.04736 -0.57295 -0.52463 105 DC A OP1   
68  O OP2   . DC A 4  ? 5.95280 3.23022 3.48789 -1.02634 -0.69477 -0.44846 105 DC A OP2   
69  O "O5'" . DC A 4  ? 5.98316 3.26396 3.57097 -1.02464 -0.71583 -0.53926 105 DC A "O5'" 
70  C "C5'" . DC A 4  ? 6.09916 3.29966 3.58613 -1.01319 -0.71414 -0.59835 105 DC A "C5'" 
71  C "C4'" . DC A 4  ? 5.97132 3.30223 3.67577 -1.02787 -0.71132 -0.62523 105 DC A "C4'" 
72  O "O4'" . DC A 4  ? 5.94630 3.27618 3.73375 -0.99706 -0.83623 -0.64287 105 DC A "O4'" 
73  C "C3'" . DC A 4  ? 5.76268 3.27314 3.71347 -1.06082 -0.67866 -0.58487 105 DC A "C3'" 
74  O "O3'" . DC A 4  ? 5.76667 3.31106 3.70639 -1.09873 -0.55446 -0.59386 105 DC A "O3'" 
75  C "C2'" . DC A 4  ? 5.62908 3.24571 3.80344 -1.05361 -0.75444 -0.59900 105 DC A "C2'" 
76  C "C1'" . DC A 4  ? 5.74347 3.24128 3.81340 -1.01297 -0.86753 -0.62415 105 DC A "C1'" 
77  N N1    . DC A 4  ? 5.65733 3.19710 3.84036 -0.99337 -0.98288 -0.57744 105 DC A N1    
78  C C2    . DC A 4  ? 5.52174 3.16389 3.93398 -0.99076 -1.07285 -0.57005 105 DC A C2    
79  O O2    . DC A 4  ? 5.47080 3.16353 3.98718 -1.00409 -1.05709 -0.60455 105 DC A O2    
80  N N3    . DC A 4  ? 5.45076 3.13715 3.97098 -0.97341 -1.17452 -0.52133 105 DC A N3    
81  C C4    . DC A 4  ? 5.51476 3.14535 3.91789 -0.95421 -1.18884 -0.48560 105 DC A C4    
82  N N4    . DC A 4  ? 5.48839 3.17657 4.01466 -0.93423 -1.28747 -0.43514 105 DC A N4    
83  C C5    . DC A 4  ? 5.65571 3.17089 3.81542 -0.95439 -1.10245 -0.49657 105 DC A C5    
84  C C6    . DC A 4  ? 5.72117 3.19456 3.78049 -0.97637 -1.00216 -0.54082 105 DC A C6    
85  P P     . DA A 5  ? 5.66972 3.38421 3.83171 -1.13676 -0.50127 -0.55924 106 DA A P     
86  O OP1   . DA A 5  ? 5.73958 3.43296 3.80956 -1.17455 -0.38067 -0.56156 106 DA A OP1   
87  O OP2   . DA A 5  ? 5.55478 3.32730 3.81609 -1.12276 -0.56908 -0.50513 106 DA A OP2   
88  O "O5'" . DA A 5  ? 5.54868 3.37874 3.91772 -1.13957 -0.52006 -0.59057 106 DA A "O5'" 
89  C "C5'" . DA A 5  ? 5.34147 3.33654 3.95081 -1.16146 -0.50945 -0.56399 106 DA A "C5'" 
90  C "C4'" . DA A 5  ? 5.22685 3.30125 4.02328 -1.14485 -0.59378 -0.57576 106 DA A "C4'" 
91  O "O4'" . DA A 5  ? 5.26969 3.27843 4.02571 -1.11041 -0.70491 -0.56379 106 DA A "O4'" 
92  C "C3'" . DA A 5  ? 4.99672 3.24247 4.04992 -1.15887 -0.60557 -0.53503 106 DA A "C3'" 
93  O "O3'" . DA A 5  ? 4.91738 3.22558 4.12947 -1.15264 -0.65762 -0.55876 106 DA A "O3'" 
94  C "C2'" . DA A 5  ? 4.95614 3.20511 4.02187 -1.13605 -0.67899 -0.47933 106 DA A "C2'" 
95  C "C1'" . DA A 5  ? 5.09473 3.22366 4.04606 -1.10618 -0.76447 -0.50733 106 DA A "C1'" 
96  N N9    . DA A 5  ? 5.15839 3.21907 4.01081 -1.07944 -0.82549 -0.47174 106 DA A N9    
97  C C8    . DA A 5  ? 5.29946 3.24410 3.93480 -1.07321 -0.78993 -0.46635 106 DA A C8    
98  N N7    . DA A 5  ? 5.33299 3.23637 3.92439 -1.04274 -0.86633 -0.43287 106 DA A N7    
99  C C5    . DA A 5  ? 5.25788 3.26338 4.05986 -1.03082 -0.95704 -0.41241 106 DA A C5    
100 C C6    . DA A 5  ? 5.28462 3.31778 4.17046 -1.00125 -1.06454 -0.37005 106 DA A C6    
101 N N6    . DA A 5  ? 5.40020 3.35480 4.15470 -0.97266 -1.10027 -0.34371 106 DA A N6    
102 N N1    . DA A 5  ? 5.18630 3.33453 4.30414 -1.00253 -1.13468 -0.35218 106 DA A N1    
103 C C2    . DA A 5  ? 5.07472 3.29527 4.31888 -1.02877 -1.10056 -0.37888 106 DA A C2    
104 N N3    . DA A 5  ? 5.04050 3.24465 4.22168 -1.05353 -1.00311 -0.42228 106 DA A N3    
105 C C4    . DA A 5  ? 5.13483 3.23299 4.09558 -1.05425 -0.93363 -0.43583 106 DA A C4    
106 P P     . DC A 6  ? 4.80023 3.28517 4.28096 -1.17083 -0.65051 -0.53414 107 DC A P     
107 O OP1   . DC A 6  ? 4.73992 3.25524 4.36110 -1.15399 -0.75023 -0.53962 107 DC A OP1   
108 O OP2   . DC A 6  ? 4.79535 3.31632 4.27900 -1.19908 -0.54546 -0.56423 107 DC A OP2   
109 O "O5'" . DC A 6  ? 4.67288 3.23641 4.22338 -1.17113 -0.65369 -0.46242 107 DC A "O5'" 
110 C "C5'" . DC A 6  ? 4.46289 3.17723 4.24506 -1.17199 -0.68054 -0.41729 107 DC A "C5'" 
111 C "C4'" . DC A 6  ? 4.41013 3.14851 4.29411 -1.14563 -0.79216 -0.38218 107 DC A "C4'" 
112 O "O4'" . DC A 6  ? 4.55313 3.17772 4.26658 -1.12297 -0.83212 -0.37368 107 DC A "O4'" 
113 C "C3'" . DC A 6  ? 4.20148 3.08979 4.29034 -1.13741 -0.81746 -0.30962 107 DC A "C3'" 
114 O "O3'" . DC A 6  ? 4.10892 3.05509 4.36966 -1.12890 -0.90950 -0.29072 107 DC A "O3'" 
115 C "C2'" . DC A 6  ? 4.26133 3.10965 4.23899 -1.11321 -0.82640 -0.26592 107 DC A "C2'" 
116 C "C1'" . DC A 6  ? 4.45390 3.15330 4.26128 -1.10161 -0.87818 -0.30363 107 DC A "C1'" 
117 N N1    . DC A 6  ? 4.59019 3.18839 4.19950 -1.08349 -0.86659 -0.29039 107 DC A N1    
118 C C2    . DC A 6  ? 4.62558 3.20627 4.23056 -1.05057 -0.95037 -0.25043 107 DC A C2    
119 O O2    . DC A 6  ? 4.57775 3.23221 4.35211 -1.04104 -1.03248 -0.22412 107 DC A O2    
120 N N3    . DC A 6  ? 4.76477 3.24866 4.18544 -1.03064 -0.94138 -0.23908 107 DC A N3    
121 C C4    . DC A 6  ? 4.84397 3.24631 4.09040 -1.04624 -0.85420 -0.26423 107 DC A C4    
122 N N4    . DC A 6  ? 4.97249 3.27253 4.03774 -1.02573 -0.85160 -0.25032 107 DC A N4    
123 C C5    . DC A 6  ? 4.81184 3.23498 4.06840 -1.08430 -0.76808 -0.30202 107 DC A C5    
124 C C6    . DC A 6  ? 4.68565 3.20916 4.12506 -1.09979 -0.77714 -0.31478 107 DC A C6    
125 P P     . DC A 7  ? 3.90299 3.02521 4.42444 -1.12833 -0.90765 -0.24880 108 DC A P     
126 O OP1   . DC A 7  ? 3.87898 3.01383 4.47168 -1.11672 -0.92323 -0.29036 108 DC A OP1   
127 O OP2   . DC A 7  ? 3.75817 2.94269 4.29129 -1.14590 -0.82206 -0.23553 108 DC A OP2   
128 O "O5'" . DC A 7  ? 3.90420 3.10816 4.55645 -1.10188 -0.98474 -0.16594 108 DC A "O5'" 
129 C "C5'" . DC A 7  ? 4.00295 3.18367 4.56553 -1.08626 -0.98692 -0.12400 108 DC A "C5'" 
130 C "C4'" . DC A 7  ? 3.94663 3.26138 4.69706 -1.06132 -1.03677 -0.03439 108 DC A "C4'" 
131 O "O4'" . DC A 7  ? 4.06077 3.34520 4.70220 -1.02753 -1.04032 0.00348  108 DC A "O4'" 
132 C "C3'" . DC A 7  ? 3.80076 3.26212 4.70606 -1.06001 -0.98351 0.01203  108 DC A "C3'" 
133 O "O3'" . DC A 7  ? 3.72014 3.31109 4.83627 -1.04184 -1.04268 0.09241  108 DC A "O3'" 
134 C "C2'" . DC A 7  ? 3.87364 3.30768 4.62679 -1.03890 -0.91297 0.02353  108 DC A "C2'" 
135 C "C1'" . DC A 7  ? 4.04080 3.39639 4.68247 -1.01078 -0.96704 0.04081  108 DC A "C1'" 
136 N N1    . DC A 7  ? 4.18617 3.41437 4.58333 -1.00396 -0.91575 0.00764  108 DC A N1    
137 C C2    . DC A 7  ? 4.35568 3.51748 4.64032 -0.97058 -0.95443 0.03088  108 DC A C2    
138 O O2    . DC A 7  ? 4.37396 3.59401 4.77293 -0.94657 -1.02980 0.08059  108 DC A O2    
139 N N3    . DC A 7  ? 4.48331 3.52135 4.54212 -0.96527 -0.90906 0.00276  108 DC A N3    
140 C C4    . DC A 7  ? 4.44248 3.42665 4.39662 -0.99586 -0.82918 -0.04454 108 DC A C4    
141 N N4    . DC A 7  ? 4.56638 3.42459 4.30245 -0.99356 -0.78931 -0.06609 108 DC A N4    
142 C C5    . DC A 7  ? 4.26434 3.32237 4.33857 -1.03080 -0.78897 -0.06886 108 DC A C5    
143 C C6    . DC A 7  ? 4.14392 3.31986 4.43278 -1.03165 -0.83423 -0.04315 108 DC A C6    
144 P P     . DT A 8  ? 3.51522 3.27333 4.81837 -1.01901 -0.99287 0.13911  109 DT A P     
145 O OP1   . DT A 8  ? 3.46768 3.33237 4.94838 -0.98746 -1.05243 0.21695  109 DT A OP1   
146 O OP2   . DT A 8  ? 3.44265 3.18285 4.71697 -1.02772 -0.93412 0.06897  109 DT A OP2   
147 O "O5'" . DT A 8  ? 3.44076 3.24220 4.71208 -1.01463 -0.93604 0.17737  109 DT A "O5'" 
148 C "C5'" . DT A 8  ? 3.35540 3.27544 4.73407 -0.97120 -0.94434 0.26988  109 DT A "C5'" 
149 C "C4'" . DT A 8  ? 3.55576 3.42160 4.82696 -0.93671 -0.97737 0.29458  109 DT A "C4'" 
150 O "O4'" . DT A 8  ? 3.75376 3.46112 4.77982 -0.94691 -0.94456 0.22121  109 DT A "O4'" 
151 C "C3'" . DT A 8  ? 3.49067 3.44892 4.78309 -0.87879 -0.94888 0.37475  109 DT A "C3'" 
152 O "O3'" . DT A 8  ? 3.34584 3.43638 4.84750 -0.85673 -1.00670 0.46216  109 DT A "O3'" 
153 C "C2'" . DT A 8  ? 3.74887 3.58101 4.81557 -0.85327 -0.94232 0.35096  109 DT A "C2'" 
154 C "C1'" . DT A 8  ? 3.89683 3.56988 4.80265 -0.90275 -0.94079 0.25266  109 DT A "C1'" 
155 N N1    . DT A 8  ? 3.97808 3.54257 4.66847 -0.90717 -0.86607 0.20070  109 DT A N1    
156 C C2    . DT A 8  ? 4.17932 3.63716 4.67992 -0.88087 -0.86428 0.19496  109 DT A C2    
157 O O2    . DT A 8  ? 4.29131 3.74260 4.79004 -0.85025 -0.92084 0.22951  109 DT A O2    
158 N N3    . DT A 8  ? 4.22744 3.58542 4.54406 -0.89261 -0.79669 0.14932  109 DT A N3    
159 C C4    . DT A 8  ? 4.08269 3.44379 4.39501 -0.92836 -0.73360 0.11015  109 DT A C4    
160 O O4    . DT A 8  ? 4.11875 3.38715 4.26913 -0.94094 -0.67977 0.07448  109 DT A O4    
161 C C5    . DT A 8  ? 3.87074 3.35067 4.38772 -0.95119 -0.73923 0.11647  109 DT A C5    
162 C C7    . DT A 8  ? 3.68320 3.18198 4.22140 -0.98798 -0.67781 0.07691  109 DT A C7    
163 C C6    . DT A 8  ? 3.83514 3.40605 4.52507 -0.93945 -0.80389 0.16064  109 DT A C6    
164 P P     . DG A 9  ? 3.04954 3.32134 4.77134 -0.83952 -0.98224 0.54257  110 DG A P     
165 O OP1   . DG A 9  ? 2.98668 3.36835 4.78880 -0.77891 -0.99271 0.64160  110 DG A OP1   
166 O OP2   . DG A 9  ? 2.94959 3.26000 4.84471 -0.88982 -1.02704 0.53296  110 DG A OP2   
167 O "O5'" . DG A 9  ? 3.01553 3.26677 4.61986 -0.83265 -0.88859 0.50609  110 DG A "O5'" 
168 C "C5'" . DG A 9  ? 2.97924 3.29247 4.54623 -0.77188 -0.83573 0.56030  110 DG A "C5'" 
169 C "C4'" . DG A 9  ? 3.17945 3.39141 4.54556 -0.73468 -0.82973 0.54802  110 DG A "C4'" 
170 O "O4'" . DG A 9  ? 3.36685 3.41565 4.52830 -0.77381 -0.80570 0.45127  110 DG A "O4'" 
171 C "C3'" . DG A 9  ? 3.17981 3.43497 4.47649 -0.66195 -0.77645 0.59819  110 DG A "C3'" 
172 O "O3'" . DG A 9  ? 3.14700 3.49300 4.52998 -0.60532 -0.80828 0.68390  110 DG A "O3'" 
173 C "C2'" . DG A 9  ? 3.40980 3.49324 4.43836 -0.66308 -0.74300 0.52455  110 DG A "C2'" 
174 C "C1'" . DG A 9  ? 3.52235 3.48886 4.49294 -0.73148 -0.77923 0.44811  110 DG A "C1'" 
175 N N9    . DG A 9  ? 3.63962 3.46249 4.41669 -0.76955 -0.73560 0.36222  110 DG A N9    
176 C C8    . DG A 9  ? 3.56515 3.36906 4.35399 -0.82412 -0.70348 0.30486  110 DG A C8    
177 N N7    . DG A 9  ? 3.69188 3.36287 4.29296 -0.85124 -0.66610 0.23886  110 DG A N7    
178 C C5    . DG A 9  ? 3.85905 3.44625 4.30594 -0.81256 -0.67639 0.25171  110 DG A C5    
179 C C6    . DG A 9  ? 4.03630 3.46571 4.25096 -0.82043 -0.64996 0.20467  110 DG A C6    
180 O O6    . DG A 9  ? 4.08447 3.42109 4.18786 -0.86645 -0.60924 0.14414  110 DG A O6    
181 N N1    . DG A 9  ? 4.16686 3.55219 4.28476 -0.76711 -0.67613 0.23943  110 DG A N1    
182 C C2    . DG A 9  ? 4.13605 3.62619 4.37431 -0.71277 -0.71946 0.31116  110 DG A C2    
183 N N2    . DG A 9  ? 4.25769 3.68951 4.37998 -0.66207 -0.73991 0.33605  110 DG A N2    
184 N N3    . DG A 9  ? 3.97061 3.61546 4.43457 -0.70820 -0.74207 0.35950  110 DG A N3    
185 C C4    . DG A 9  ? 3.83496 3.51430 4.38638 -0.76040 -0.71911 0.32489  110 DG A C4    
186 P P     . DT A 10 ? 3.06261 3.56222 4.54015 -0.52576 -0.76708 0.78224  111 DT A P     
187 O OP1   . DT A 10 ? 2.89317 3.54762 4.60808 -0.51141 -0.81483 0.87642  111 DT A OP1   
188 O OP2   . DT A 10 ? 2.92778 3.44219 4.39133 -0.53300 -0.70853 0.75984  111 DT A OP2   
189 O "O5'" . DT A 10 ? 3.16505 3.58569 4.43639 -0.45497 -0.74342 0.78500  111 DT A "O5'" 
190 C "C5'" . DT A 10 ? 3.02054 3.49820 4.24728 -0.37557 -0.68772 0.83331  111 DT A "C5'" 
191 C "C4'" . DT A 10 ? 3.21347 3.52991 4.16855 -0.34540 -0.65791 0.77608  111 DT A "C4'" 
192 O "O4'" . DT A 10 ? 3.45630 3.61264 4.28013 -0.42612 -0.66750 0.67471  111 DT A "O4'" 
193 C "C3'" . DT A 10 ? 3.09743 3.41159 3.95370 -0.29205 -0.59493 0.77918  111 DT A "C3'" 
194 O "O3'" . DT A 10 ? 3.15519 3.39793 3.83273 -0.21271 -0.58071 0.79021  111 DT A "O3'" 
195 C "C2'" . DT A 10 ? 3.22620 3.41812 3.98008 -0.37022 -0.57729 0.68222  111 DT A "C2'" 
196 C "C1'" . DT A 10 ? 3.49469 3.55637 4.15609 -0.42794 -0.61663 0.62131  111 DT A "C1'" 
197 N N1    . DT A 10 ? 3.63237 3.61345 4.27418 -0.52131 -0.61504 0.53839  111 DT A N1    
198 C C2    . DT A 10 ? 3.89948 3.71512 4.36318 -0.56413 -0.62163 0.46553  111 DT A C2    
199 O O2    . DT A 10 ? 4.04012 3.76362 4.35526 -0.53102 -0.63211 0.46394  111 DT A O2    
200 N N3    . DT A 10 ? 3.91374 3.67594 4.37805 -0.64463 -0.61337 0.39662  111 DT A N3    
201 C C4    . DT A 10 ? 3.68789 3.54073 4.31020 -0.68460 -0.60327 0.39044  111 DT A C4    
202 O O4    . DT A 10 ? 3.67633 3.47449 4.28643 -0.75155 -0.59420 0.32612  111 DT A O4    
203 C C5    . DT A 10 ? 3.45199 3.46985 4.25363 -0.63854 -0.60150 0.46794  111 DT A C5    
204 C C7    . DT A 10 ? 3.17655 3.29773 4.15550 -0.67474 -0.59346 0.47060  111 DT A C7    
205 C C6    . DT A 10 ? 3.45238 3.52762 4.25524 -0.56037 -0.60539 0.53906  111 DT A C6    
206 P P     . DA A 11 ? 3.55288 3.63618 3.97472 -0.19192 -0.54032 0.72627  112 DA A P     
207 O OP1   . DA A 11 ? 3.44750 3.59246 3.91190 -0.18111 -0.49921 0.73293  112 DA A OP1   
208 O OP2   . DA A 11 ? 3.82293 3.73188 4.09804 -0.26893 -0.55999 0.63695  112 DA A OP2   
209 O "O5'" . DA A 11 ? 3.57726 3.64343 3.87585 -0.07973 -0.53306 0.77453  112 DA A "O5'" 
210 C "C5'" . DA A 11 ? 3.74973 3.66398 3.86520 -0.07404 -0.55711 0.73650  112 DA A "C5'" 
211 C "C4'" . DA A 11 ? 3.90022 3.62576 3.76722 -0.08158 -0.53326 0.66115  112 DA A "C4'" 
212 O "O4'" . DA A 11 ? 4.05104 3.67043 3.88028 -0.19367 -0.54274 0.57990  112 DA A "O4'" 
213 C "C3'" . DA A 11 ? 3.84060 3.59061 3.67766 -0.04082 -0.49009 0.66587  112 DA A "C3'" 
214 O "O3'" . DA A 11 ? 3.82524 3.58205 3.56565 0.07917  -0.47347 0.71469  112 DA A "O3'" 
215 C "C2'" . DA A 11 ? 3.99053 3.55795 3.65200 -0.11214 -0.48330 0.57179  112 DA A "C2'" 
216 C "C1'" . DA A 11 ? 4.05730 3.58739 3.77299 -0.21756 -0.51059 0.52693  112 DA A "C1'" 
217 N N9    . DA A 11 ? 4.00303 3.59925 3.86466 -0.30119 -0.50201 0.49964  112 DA A N9    
218 C C8    . DA A 11 ? 3.82930 3.58217 3.87251 -0.29129 -0.48654 0.54043  112 DA A C8    
219 N N7    . DA A 11 ? 3.81129 3.58476 3.95241 -0.37633 -0.48440 0.50015  112 DA A N7    
220 C C5    . DA A 11 ? 4.00783 3.63225 4.02223 -0.44511 -0.49484 0.42898  112 DA A C5    
221 C C6    . DA A 11 ? 4.07726 3.64924 4.10725 -0.54278 -0.49315 0.36257  112 DA A C6    
222 N N6    . DA A 11 ? 3.93513 3.60001 4.12311 -0.58944 -0.48435 0.35358  112 DA A N6    
223 N N1    . DA A 11 ? 4.26644 3.68609 4.13996 -0.58694 -0.49885 0.30772  112 DA A N1    
224 C C2    . DA A 11 ? 4.39724 3.71843 4.10969 -0.53875 -0.51019 0.31757  112 DA A C2    
225 N N3    . DA A 11 ? 4.34364 3.69780 4.02541 -0.44599 -0.51634 0.37432  112 DA A N3    
226 C C4    . DA A 11 ? 4.13813 3.65056 3.97889 -0.40178 -0.50603 0.42911  112 DA A C4    
227 P P     . DA B 1  ? 3.11096 6.71740 2.57952 -2.08099 -0.15037 0.65128  105 DA B P     
228 O OP1   . DA B 1  ? 3.12110 6.81155 2.53341 -2.09388 -0.15619 0.62485  105 DA B OP1   
229 O OP2   . DA B 1  ? 3.10220 6.67599 2.57312 -2.07781 -0.16852 0.67090  105 DA B OP2   
230 O "O5'" . DA B 1  ? 3.08041 6.67985 2.59017 -2.04894 -0.14082 0.66719  105 DA B "O5'" 
231 C "C5'" . DA B 1  ? 3.08720 6.68612 2.61698 -2.04682 -0.11748 0.65706  105 DA B "C5'" 
232 C "C4'" . DA B 1  ? 3.09538 6.60660 2.68442 -2.04545 -0.09685 0.67072  105 DA B "C4'" 
233 O "O4'" . DA B 1  ? 3.08017 6.58550 2.70237 -2.02357 -0.07874 0.67680  105 DA B "O4'" 
234 C "C3'" . DA B 1  ? 3.08119 6.52946 2.70644 -2.03442 -0.10656 0.69817  105 DA B "C3'" 
235 O "O3'" . DA B 1  ? 3.09817 6.46877 2.77251 -2.04154 -0.08773 0.70487  105 DA B "O3'" 
236 C "C2'" . DA B 1  ? 3.04505 6.50552 2.69052 -2.00126 -0.10921 0.71615  105 DA B "C2'" 
237 C "C1'" . DA B 1  ? 3.05010 6.52076 2.70987 -1.99642 -0.08429 0.70467  105 DA B "C1'" 
238 N N9    . DA B 1  ? 3.02347 6.54703 2.67437 -1.97170 -0.08629 0.70663  105 DA B N9    
239 C C8    . DA B 1  ? 3.01197 6.61619 2.61509 -1.96809 -0.10368 0.69581  105 DA B C8    
240 N N7    . DA B 1  ? 2.98801 6.62502 2.59737 -1.94268 -0.10071 0.70075  105 DA B N7    
241 C C5    . DA B 1  ? 2.98446 6.55688 2.64743 -1.92932 -0.07899 0.71559  105 DA B C5    
242 C C6    . DA B 1  ? 2.96421 6.52943 2.65822 -1.90166 -0.06470 0.72726  105 DA B C6    
243 N N6    . DA B 1  ? 2.94259 6.56940 2.61780 -1.88124 -0.07076 0.72561  105 DA B N6    
244 N N1    . DA B 1  ? 2.96754 6.45910 2.71410 -1.89520 -0.04336 0.74086  105 DA B N1    
245 C C2    . DA B 1  ? 2.98896 6.41968 2.75751 -1.91467 -0.03752 0.74262  105 DA B C2    
246 N N3    . DA B 1  ? 3.00900 6.43891 2.75333 -1.94063 -0.04974 0.73283  105 DA B N3    
247 C C4    . DA B 1  ? 3.00584 6.50859 2.69580 -1.94695 -0.07016 0.71936  105 DA B C4    
248 P P     . DC B 2  ? 3.14796 6.44050 2.87481 -2.02958 -0.09230 0.73399  106 DC B P     
249 O OP1   . DC B 2  ? 3.17662 6.40495 2.93682 -2.04778 -0.07533 0.73141  106 DC B OP1   
250 O OP2   . DC B 2  ? 3.13431 6.44565 2.83310 -2.02700 -0.12029 0.74389  106 DC B OP2   
251 O "O5'" . DC B 2  ? 3.11910 6.39465 2.89017 -1.99790 -0.08111 0.75223  106 DC B "O5'" 
252 C "C5'" . DC B 2  ? 3.09843 6.32065 2.91399 -1.97876 -0.08753 0.78014  106 DC B "C5'" 
253 C "C4'" . DC B 2  ? 3.08299 6.27467 2.94858 -1.95542 -0.06691 0.79260  106 DC B "C4'" 
254 O "O4'" . DC B 2  ? 3.06862 6.32398 2.90737 -1.94202 -0.06300 0.78288  106 DC B "O4'" 
255 C "C3'" . DC B 2  ? 3.05612 6.20585 2.96296 -1.93127 -0.07537 0.82148  106 DC B "C3'" 
256 O "O3'" . DC B 2  ? 3.05074 6.15699 3.01113 -1.91534 -0.05128 0.83128  106 DC B "O3'" 
257 C "C2'" . DC B 2  ? 3.03000 6.24644 2.89707 -1.91506 -0.09307 0.82258  106 DC B "C2'" 
258 C "C1'" . DC B 2  ? 3.03533 6.29958 2.88337 -1.91466 -0.07510 0.80260  106 DC B "C1'" 
259 N N1    . DC B 2  ? 3.02274 6.37130 2.81641 -1.90979 -0.08943 0.79060  106 DC B N1    
260 C C2    . DC B 2  ? 3.00120 6.38330 2.79758 -1.88560 -0.08216 0.79314  106 DC B C2    
261 O O2    . DC B 2  ? 2.99319 6.33230 2.83572 -1.86896 -0.06375 0.80580  106 DC B O2    
262 N N3    . DC B 2  ? 2.99009 6.45088 2.73943 -1.88053 -0.09515 0.78172  106 DC B N3    
263 C C4    . DC B 2  ? 2.99991 6.50532 2.70068 -1.89908 -0.11439 0.76803  106 DC B C4    
264 N N4    . DC B 2  ? 2.98803 6.57249 2.64606 -1.89264 -0.12694 0.75700  106 DC B N4    
265 C C5    . DC B 2  ? 3.02297 6.49401 2.71787 -1.92463 -0.12108 0.76494  106 DC B C5    
266 C C6    . DC B 2  ? 3.03364 6.42673 2.77593 -1.92891 -0.10830 0.77645  106 DC B C6    
267 P P     . DA B 3  ? 3.19889 6.25249 3.21327 -1.88934 -0.05334 0.86096  107 DA B P     
268 O OP1   . DA B 3  ? 3.20277 6.21171 3.26881 -1.87973 -0.02375 0.86497  107 DA B OP1   
269 O OP2   . DA B 3  ? 3.20131 6.21742 3.22486 -1.89716 -0.07350 0.87429  107 DA B OP2   
270 O "O5'" . DA B 3  ? 3.16750 6.27781 3.15416 -1.86609 -0.06673 0.86686  107 DA B "O5'" 
271 C "C5'" . DA B 3  ? 3.14899 6.25834 3.16199 -1.84116 -0.05043 0.87495  107 DA B "C5'" 
272 C "C4'" . DA B 3  ? 3.12210 6.19890 3.16826 -1.81756 -0.06102 0.90199  107 DA B "C4'" 
273 O "O4'" . DA B 3  ? 3.09964 6.23413 3.10522 -1.80516 -0.08200 0.90451  107 DA B "O4'" 
274 C "C3'" . DA B 3  ? 3.12644 6.14534 3.20028 -1.82497 -0.07500 0.91793  107 DA B "C3'" 
275 O "O3'" . DA B 3  ? 3.10763 6.07789 3.23244 -1.80286 -0.07209 0.94187  107 DA B "O3'" 
276 C "C2'" . DA B 3  ? 3.12027 6.18372 3.14192 -1.83200 -0.10523 0.91629  107 DA B "C2'" 
277 C "C1'" . DA B 3  ? 3.09894 6.23066 3.08537 -1.81478 -0.10845 0.91139  107 DA B "C1'" 
278 N N9    . DA B 3  ? 3.10549 6.30710 3.02819 -1.82918 -0.12292 0.89193  107 DA B N9    
279 C C8    . DA B 3  ? 3.12439 6.33353 3.01520 -1.85357 -0.13758 0.88216  107 DA B C8    
280 N N7    . DA B 3  ? 3.12673 6.40617 2.96127 -1.86188 -0.14781 0.86438  107 DA B N7    
281 C C5    . DA B 3  ? 3.10780 6.42948 2.93812 -1.84118 -0.13977 0.86233  107 DA B C5    
282 C C6    . DA B 3  ? 3.10020 6.50212 2.88450 -1.83688 -0.14482 0.84673  107 DA B C6    
283 N N6    . DA B 3  ? 3.11122 6.56712 2.84271 -1.85469 -0.15976 0.82935  107 DA B N6    
284 N N1    . DA B 3  ? 3.08116 6.50598 2.87686 -1.81304 -0.13371 0.84970  107 DA B N1    
285 C C2    . DA B 3  ? 3.07127 6.44114 2.91914 -1.79545 -0.11781 0.86697  107 DA B C2    
286 N N3    . DA B 3  ? 3.07677 6.37051 2.97123 -1.79764 -0.11172 0.88244  107 DA B N3    
287 C C4    . DA B 3  ? 3.09504 6.36871 2.97851 -1.82095 -0.12382 0.87918  107 DA B C4    
288 P P     . DC B 4  ? 3.02976 5.92474 3.22330 -1.79979 -0.04710 0.95101  111 DC B P     
289 O OP1   . DC B 4  ? 3.00661 5.86456 3.24239 -1.77562 -0.04999 0.97569  111 DC B OP1   
290 O OP2   . DC B 4  ? 3.04378 5.95274 3.23661 -1.80365 -0.01921 0.93336  111 DC B OP2   
291 O "O5'" . DC B 4  ? 3.05394 5.90612 3.25907 -1.82371 -0.05477 0.95014  111 DC B "O5'" 
292 C "C5'" . DC B 4  ? 3.04831 5.88586 3.24848 -1.82637 -0.08189 0.96377  111 DC B "C5'" 
293 C "C4'" . DC B 4  ? 3.06207 5.82507 3.31604 -1.83266 -0.07876 0.97627  111 DC B "C4'" 
294 O "O4'" . DC B 4  ? 3.09281 5.84600 3.34007 -1.85822 -0.06980 0.95942  111 DC B "O4'" 
295 C "C3'" . DC B 4  ? 3.05646 5.76513 3.37699 -1.81547 -0.05615 0.98962  111 DC B "C3'" 
296 O "O3'" . DC B 4  ? 3.05479 5.70600 3.41845 -1.81169 -0.06689 1.00983  111 DC B "O3'" 
297 C "C2'" . DC B 4  ? 3.08315 5.77637 3.41784 -1.83084 -0.02879 0.97256  111 DC B "C2'" 
298 C "C1'" . DC B 4  ? 3.10589 5.80561 3.40896 -1.85753 -0.04310 0.96115  111 DC B "C1'" 
299 N N1    . DC B 4  ? 3.13259 5.85025 3.41412 -1.87856 -0.02511 0.93685  111 DC B N1    
300 C C2    . DC B 4  ? 3.15740 5.82228 3.48107 -1.89009 -0.00357 0.93369  111 DC B C2    
301 O O2    . DC B 4  ? 3.15602 5.76063 3.53647 -1.88158 0.00078  0.95129  111 DC B O2    
302 N N3    . DC B 4  ? 3.18324 5.86530 3.48403 -1.91044 0.01238  0.91101  111 DC B N3    
303 C C4    . DC B 4  ? 3.18444 5.93398 3.42339 -1.91927 0.00642  0.89191  111 DC B C4    
304 N N4    . DC B 4  ? 3.21154 5.97631 3.42858 -1.94014 0.02216  0.86931  111 DC B N4    
305 C C5    . DC B 4  ? 3.15900 5.96395 3.35568 -1.90723 -0.01583 0.89489  111 DC B C5    
306 C C6    . DC B 4  ? 3.13387 5.91995 3.35361 -1.88720 -0.03049 0.91756  111 DC B C6    
307 P P     . DC B 5  ? 2.86315 5.48917 3.26344 -1.78465 -0.07267 1.03419  112 DC B P     
308 O OP1   . DC B 5  ? 2.86373 5.45293 3.27959 -1.78781 -0.09593 1.05075  112 DC B OP1   
309 O OP2   . DC B 5  ? 2.84033 5.52411 3.20164 -1.76972 -0.07745 1.03186  112 DC B OP2   
310 O "O5'" . DC B 5  ? 2.86755 5.44330 3.33208 -1.77408 -0.04090 1.03855  112 DC B "O5'" 
311 C "C5'" . DC B 5  ? 2.89325 5.42067 3.39519 -1.78870 -0.02531 1.03452  112 DC B "C5'" 
312 C "C4'" . DC B 5  ? 2.90019 5.40857 3.43725 -1.78228 0.01012  1.02810  112 DC B "C4'" 
313 O "O4'" . DC B 5  ? 2.91993 5.46239 3.42087 -1.80036 0.02400  1.00408  112 DC B "O4'" 
314 C "C3'" . DC B 5  ? 2.87587 5.39973 3.42068 -1.75691 0.02067  1.03512  112 DC B "C3'" 
315 O "O3'" . DC B 5  ? 2.87594 5.34147 3.48692 -1.74359 0.04223  1.04742  112 DC B "O3'" 
316 C "C2'" . DC B 5  ? 2.88180 5.45899 3.38377 -1.76226 0.03683  1.01325  112 DC B "C2'" 
317 C "C1'" . DC B 5  ? 2.91362 5.47706 3.41334 -1.78829 0.04748  0.99685  112 DC B "C1'" 
318 N N1    . DC B 5  ? 2.92510 5.54964 3.36399 -1.80410 0.04913  0.97265  112 DC B N1    
319 C C2    . DC B 5  ? 2.95538 5.57046 3.39247 -1.82589 0.06712  0.95486  112 DC B C2    
320 O O2    . DC B 5  ? 2.97171 5.52752 3.45873 -1.83090 0.08219  0.95994  112 DC B O2    
321 N N3    . DC B 5  ? 2.96679 5.63857 3.34733 -1.84096 0.06761  0.93232  112 DC B N3    
322 C C4    . DC B 5  ? 2.94865 5.68476 3.27765 -1.83427 0.05103  0.92755  112 DC B C4    
323 N N4    . DC B 5  ? 2.96129 5.75358 3.23595 -1.84967 0.05169  0.90456  112 DC B N4    
324 C C5    . DC B 5  ? 2.91753 5.66376 3.24838 -1.81160 0.03324  0.94585  112 DC B C5    
325 C C6    . DC B 5  ? 2.90708 5.59614 3.29278 -1.79753 0.03308  0.96785  112 DC B C6    
326 P P     . DG B 6  ? 2.82467 5.24590 3.48070 -1.72617 0.02799  1.07318  113 DG B P     
327 O OP1   . DG B 6  ? 2.82826 5.24590 3.46803 -1.73878 -0.00284 1.07921  113 DG B OP1   
328 O OP2   . DG B 6  ? 2.79787 5.24277 3.44785 -1.70234 0.02838  1.08160  113 DG B OP2   
329 O "O5'" . DG B 6  ? 2.84000 5.19181 3.56801 -1.72391 0.05484  1.07911  113 DG B "O5'" 
330 C "C5'" . DG B 6  ? 2.86660 5.18272 3.61517 -1.74367 0.05876  1.07420  113 DG B "C5'" 
331 C "C4'" . DG B 6  ? 2.88753 5.17680 3.66785 -1.74848 0.09615  1.06276  113 DG B "C4'" 
332 O "O4'" . DG B 6  ? 2.89416 5.23486 3.62462 -1.75780 0.10735  1.04166  113 DG B "O4'" 
333 C "C3'" . DG B 6  ? 2.87870 5.13221 3.71183 -1.72694 0.12144  1.07290  113 DG B "C3'" 
334 O "O3'" . DG B 6  ? 2.90355 5.10796 3.78326 -1.73454 0.15069  1.06820  113 DG B "O3'" 
335 C "C2'" . DG B 6  ? 2.86630 5.17158 3.66005 -1.71777 0.13260  1.06240  113 DG B "C2'" 
336 C "C1'" . DG B 6  ? 2.88635 5.23038 3.63027 -1.74154 0.13364  1.03999  113 DG B "C1'" 
337 N N9    . DG B 6  ? 2.87433 5.28756 3.55619 -1.73961 0.12695  1.02818  113 DG B N9    
338 C C8    . DG B 6  ? 2.84665 5.29401 3.50818 -1.71971 0.11596  1.03620  113 DG B C8    
339 N N7    . DG B 6  ? 2.84282 5.35344 3.44628 -1.72296 0.11203  1.02156  113 DG B N7    
340 C C5    . DG B 6  ? 2.86985 5.38885 3.45313 -1.74723 0.12038  1.00228  113 DG B C5    
341 C C6    . DG B 6  ? 2.87995 5.45818 3.40363 -1.76170 0.12029  0.98019  113 DG B C6    
342 O O6    . DG B 6  ? 2.86626 5.50423 3.34231 -1.75514 0.11258  0.97307  113 DG B O6    
343 N N1    . DG B 6  ? 2.91024 5.47384 3.43270 -1.78624 0.13063  0.96525  113 DG B N1    
344 C C2    . DG B 6  ? 2.92830 5.42805 3.50148 -1.79490 0.14046  0.97133  113 DG B C2    
345 N N2    . DG B 6  ? 2.95800 5.45271 3.52089 -1.81911 0.15046  0.95467  113 DG B N2    
346 N N3    . DG B 6  ? 2.91882 5.36404 3.54863 -1.78093 0.14045  0.99200  113 DG B N3    
347 C C4    . DG B 6  ? 2.88950 5.34829 3.52040 -1.75772 0.12984  1.00632  113 DG B C4    
348 P P     . DT B 7  ? 2.91763 5.05630 3.87300 -1.71789 0.16967  1.08436  114 DT B P     
349 O OP1   . DT B 7  ? 2.94706 5.03630 3.94211 -1.73310 0.18623  1.08052  114 DT B OP1   
350 O OP2   . DT B 7  ? 2.89307 5.02673 3.85849 -1.70181 0.14267  1.10455  114 DT B OP2   
351 O "O5'" . DT B 7  ? 2.91209 5.05867 3.87385 -1.70303 0.20182  1.07862  114 DT B "O5'" 
352 C "C5'" . DT B 7  ? 2.93639 5.05580 3.92367 -1.70987 0.23905  1.06682  114 DT B "C5'" 
353 C "C4'" . DT B 7  ? 2.95708 5.11188 3.89669 -1.73316 0.24323  1.04509  114 DT B "C4'" 
354 O "O4'" . DT B 7  ? 2.94098 5.16124 3.81453 -1.73617 0.21486  1.03969  114 DT B "O4'" 
355 C "C3'" . DT B 7  ? 2.97186 5.13305 3.90668 -1.73468 0.27950  1.02966  114 DT B "C3'" 
356 O "O3'" . DT B 7  ? 2.99947 5.10384 3.98376 -1.74336 0.30831  1.02688  114 DT B "O3'" 
357 C "C2'" . DT B 7  ? 2.97955 5.20248 3.84394 -1.75333 0.26837  1.01000  114 DT B "C2'" 
358 C "C1'" . DT B 7  ? 2.95502 5.21766 3.78172 -1.74998 0.22719  1.01815  114 DT B "C1'" 
359 N N1    . DT B 7  ? 2.93152 5.25451 3.71008 -1.73679 0.21819  1.01542  114 DT B N1    
360 C C2    . DT B 7  ? 2.93753 5.32070 3.65269 -1.75012 0.21328  0.99619  114 DT B C2    
361 O O2    . DT B 7  ? 2.96164 5.35139 3.65667 -1.77298 0.21618  0.98064  114 DT B O2    
362 N N3    . DT B 7  ? 2.91502 5.35132 3.59050 -1.73565 0.20490  0.99549  114 DT B N3    
363 C C4    . DT B 7  ? 2.88794 5.32203 3.58016 -1.70983 0.20151  1.01202  114 DT B C4    
364 O O4    . DT B 7  ? 2.86999 5.35431 3.52341 -1.69797 0.19487  1.00994  114 DT B O4    
365 C C5    . DT B 7  ? 2.88333 5.25226 3.64179 -1.69778 0.20678  1.03146  114 DT B C5    
366 C C7    . DT B 7  ? 2.85609 5.21617 3.63725 -1.67065 0.20383  1.04988  114 DT B C7    
367 C C6    . DT B 7  ? 2.90492 5.22285 3.70291 -1.71159 0.21443  1.03208  114 DT B C6    
368 P P     . DC C 1  ? 4.47124 7.70295 3.89946 0.29469  1.18997  2.47330  100 DC C P     
369 O OP1   . DC C 1  ? 4.56012 7.75160 3.97277 0.35945  1.22289  2.53362  100 DC C OP1   
370 O OP2   . DC C 1  ? 4.41793 7.55127 3.85714 0.21098  1.20006  2.40738  100 DC C OP2   
371 O "O5'" . DC C 1  ? 4.32288 7.74580 3.81231 0.30853  1.11413  2.44095  100 DC C "O5'" 
372 C "C5'" . DC C 1  ? 4.29714 7.82847 3.81570 0.37546  1.08854  2.47217  100 DC C "C5'" 
373 C "C4'" . DC C 1  ? 4.19764 7.72491 3.76424 0.35746  1.07118  2.42974  100 DC C "C4'" 
374 O "O4'" . DC C 1  ? 4.23308 7.59271 3.78001 0.30349  1.11626  2.40587  100 DC C "O4'" 
375 C "C3'" . DC C 1  ? 4.02804 7.66796 3.65392 0.31523  1.00451  2.35634  100 DC C "C3'" 
376 O "O3'" . DC C 1  ? 3.95356 7.64575 3.62195 0.33465  0.98039  2.34326  100 DC C "O3'" 
377 C "C2'" . DC C 1  ? 3.99859 7.52246 3.62095 0.23270  1.01930  2.29899  100 DC C "C2'" 
378 C "C1'" . DC C 1  ? 4.09879 7.46922 3.68980 0.23640  1.08058  2.32742  100 DC C "C1'" 
379 N N1    . DC C 1  ? 4.13343 7.35444 3.69978 0.16597  1.11968  2.29539  100 DC C N1    
380 C C2    . DC C 1  ? 4.26636 7.33239 3.78387 0.16653  1.18713  2.33132  100 DC C C2    
381 O O2    . DC C 1  ? 4.35788 7.40730 3.85203 0.22884  1.21524  2.39217  100 DC C O2    
382 N N3    . DC C 1  ? 4.29412 7.23256 3.79161 0.09835  1.22076  2.29816  100 DC C N3    
383 C C4    . DC C 1  ? 4.19518 7.15831 3.72232 0.03648  1.19020  2.23495  100 DC C C4    
384 N N4    . DC C 1  ? 4.22789 7.06797 3.73705 -0.02809 1.22584  2.20490  100 DC C N4    
385 C C5    . DC C 1  ? 4.06121 7.17666 3.63825 0.03813  1.12252  2.19967  100 DC C C5    
386 C C6    . DC C 1  ? 4.03562 7.27360 3.62898 0.10112  1.08950  2.23015  100 DC C C6    
387 P P     . DC C 2  ? 3.86290 7.74872 3.57724 0.37939  0.91924  2.34296  101 DC C P     
388 O OP1   . DC C 2  ? 3.94579 7.90672 3.63357 0.43567  0.92320  2.40288  101 DC C OP1   
389 O OP2   . DC C 2  ? 3.71231 7.66722 3.47240 0.32127  0.86210  2.26422  101 DC C OP2   
390 O "O5'" . DC C 2  ? 3.87237 7.75481 3.60416 0.42541  0.93205  2.36859  101 DC C "O5'" 
391 C "C5'" . DC C 2  ? 4.00925 7.84240 3.70621 0.49347  0.98289  2.44698  101 DC C "C5'" 
392 C "C4'" . DC C 2  ? 4.07220 7.73778 3.74819 0.47735  1.03822  2.45152  101 DC C "C4'" 
393 O "O4'" . DC C 2  ? 4.08770 7.61837 3.73685 0.40271  1.06318  2.41372  101 DC C "O4'" 
394 C "C3'" . DC C 2  ? 3.98019 7.65570 3.69884 0.46279  1.02031  2.41155  101 DC C "C3'" 
395 O "O3'" . DC C 2  ? 4.07724 7.68203 3.77940 0.51483  1.07014  2.46457  101 DC C "O3'" 
396 C "C2'" . DC C 2  ? 3.92298 7.48764 3.64287 0.37030  1.02255  2.34102  101 DC C "C2'" 
397 C "C1'" . DC C 2  ? 4.04758 7.48375 3.71113 0.35660  1.07627  2.37120  101 DC C "C1'" 
398 N N1    . DC C 2  ? 4.00429 7.35867 3.66424 0.27010  1.07544  2.30996  101 DC C N1    
399 C C2    . DC C 2  ? 4.10020 7.28273 3.71842 0.23309  1.13541  2.31423  101 DC C C2    
400 O O2    . DC C 2  ? 4.22189 7.31750 3.80423 0.27221  1.18856  2.36861  101 DC C O2    
401 N N3    . DC C 2  ? 4.05972 7.17665 3.67862 0.15561  1.13434  2.25861  101 DC C N3    
402 C C4    . DC C 2  ? 3.93197 7.14393 3.59096 0.11912  1.07757  2.20306  101 DC C C4    
403 N N4    . DC C 2  ? 3.89865 7.04379 3.56006 0.04719  1.08003  2.15203  101 DC C N4    
404 C C5    . DC C 2  ? 3.83553 7.21595 3.53444 0.15483  1.01655  2.19723  101 DC C C5    
405 C C6    . DC C 2  ? 3.87480 7.32248 3.57275 0.22803  1.01744  2.25036  101 DC C C6    
406 P P     . DT C 3  ? 4.04418 7.60687 3.77434 0.49869  1.07523  2.43318  102 DT C P     
407 O OP1   . DT C 3  ? 4.13300 7.70770 3.85809 0.58401  1.10895  2.50293  102 DT C OP1   
408 O OP2   . DT C 3  ? 3.87992 7.55059 3.66180 0.45390  1.00735  2.36030  102 DT C OP2   
409 O "O5'" . DT C 3  ? 4.10210 7.46260 3.79675 0.43109  1.12849  2.40835  102 DT C "O5'" 
410 C "C5'" . DT C 3  ? 4.26330 7.48525 3.90278 0.45571  1.19942  2.46655  102 DT C "C5'" 
411 C "C4'" . DT C 3  ? 4.29464 7.33798 3.90967 0.37965  1.24223  2.42793  102 DT C "C4'" 
412 O "O4'" . DT C 3  ? 4.22210 7.25872 3.84121 0.30299  1.21430  2.36839  102 DT C "O4'" 
413 C "C3'" . DT C 3  ? 4.23178 7.23639 3.87548 0.34803  1.24229  2.38500  102 DT C "C3'" 
414 O "O3'" . DT C 3  ? 4.34244 7.16726 3.94734 0.32577  1.31150  2.39667  102 DT C "O3'" 
415 C "C2'" . DT C 3  ? 4.08694 7.12796 3.76491 0.26557  1.18880  2.29980  102 DT C "C2'" 
416 C "C1'" . DT C 3  ? 4.13554 7.11835 3.77967 0.23062  1.20345  2.29888  102 DT C "C1'" 
417 N N1    . DT C 3  ? 4.00647 7.06284 3.68277 0.17269  1.14599  2.23355  102 DT C N1    
418 C C2    . DT C 3  ? 4.00517 6.96027 3.66840 0.09747  1.16099  2.19059  102 DT C C2    
419 O O2    . DT C 3  ? 4.10511 6.91345 3.72949 0.07169  1.21846  2.20134  102 DT C O2    
420 N N3    . DT C 3  ? 3.88520 6.91848 3.58289 0.05351  1.10677  2.13442  102 DT C N3    
421 C C4    . DT C 3  ? 3.77074 6.96463 3.51055 0.07318  1.04052  2.11511  102 DT C C4    
422 O O4    . DT C 3  ? 3.67285 6.92089 3.44000 0.03045  0.99692  2.06423  102 DT C O4    
423 C C5    . DT C 3  ? 3.77758 7.07188 3.52748 0.14795  1.02723  2.15917  102 DT C C5    
424 C C7    . DT C 3  ? 3.66212 7.13415 3.45554 0.17114  0.95748  2.14048  102 DT C C7    
425 C C6    . DT C 3  ? 3.89233 7.11614 3.61212 0.19504  1.07990  2.21629  102 DT C C6    
426 P P     . DG C 4  ? 4.33335 7.07556 3.95711 0.26074  1.31891  2.33604  103 DG C P     
427 O OP1   . DG C 4  ? 4.23095 7.10659 3.90444 0.29476  1.27340  2.32446  103 DG C OP1   
428 O OP2   . DG C 4  ? 4.28112 6.95480 3.90243 0.16552  1.30883  2.26958  103 DG C OP2   
429 O "O5'" . DG C 4  ? 4.48887 7.06718 4.06844 0.28016  1.40135  2.38113  103 DG C "O5'" 
430 C "C5'" . DG C 4  ? 4.48048 7.02622 4.07700 0.28400  1.41869  2.37129  103 DG C "C5'" 
431 C "C4'" . DG C 4  ? 4.45049 6.87189 4.04359 0.18481  1.43334  2.30133  103 DG C "C4'" 
432 O "O4'" . DG C 4  ? 4.35031 6.79948 3.95802 0.11188  1.38800  2.23951  103 DG C "O4'" 
433 C "C3'" . DG C 4  ? 4.36982 6.81251 3.99932 0.16742  1.41794  2.26128  103 DG C "C3'" 
434 O "O3'" . DG C 4  ? 4.42869 6.70646 4.03272 0.10399  1.46866  2.23256  103 DG C "O3'" 
435 C "C2'" . DG C 4  ? 4.19832 6.76337 3.87489 0.12068  1.33827  2.19360  103 DG C "C2'" 
436 C "C1'" . DG C 4  ? 4.20585 6.71942 3.86119 0.06594  1.33638  2.17173  103 DG C "C1'" 
437 N N9    . DG C 4  ? 4.08779 6.74272 3.77684 0.06252  1.26699  2.14557  103 DG C N9    
438 C C8    . DG C 4  ? 4.02095 6.84135 3.74140 0.12370  1.21737  2.16535  103 DG C C8    
439 N N7    . DG C 4  ? 3.92638 6.84249 3.66981 0.10282  1.16230  2.13357  103 DG C N7    
440 C C5    . DG C 4  ? 3.92793 6.73812 3.65716 0.02607  1.17617  2.09131  103 DG C C5    
441 C C6    . DG C 4  ? 3.84892 6.69399 3.59406 -0.02353 1.13704  2.04606  103 DG C C6    
442 O O6    . DG C 4  ? 3.76100 6.73765 3.53435 -0.01069 1.08099  2.03317  103 DG C O6    
443 N N1    . DG C 4  ? 3.88273 6.59257 3.60827 -0.09424 1.17008  2.01388  103 DG C N1    
444 C C2    . DG C 4  ? 3.98278 6.53959 3.67414 -0.11871 1.23293  2.02194  103 DG C C2    
445 N N2    . DG C 4  ? 4.00183 6.44777 3.67884 -0.19171 1.25605  1.98451  103 DG C N2    
446 N N3    . DG C 4  ? 4.06050 6.57760 3.73390 -0.07464 1.27109  2.06335  103 DG C N3    
447 C C4    . DG C 4  ? 4.02682 6.67699 3.72217 -0.00103 1.23995  2.09750  103 DG C C4    
448 P P     . DA C 5  ? 4.53158 6.79630 4.16647 0.04981  1.45405  2.16897  104 DA C P     
449 O OP1   . DA C 5  ? 4.64776 6.73382 4.24343 0.01416  1.52617  2.16962  104 DA C OP1   
450 O OP2   . DA C 5  ? 4.45232 6.86658 4.13057 0.11191  1.41383  2.18093  104 DA C OP2   
451 O "O5'" . DA C 5  ? 4.40224 6.69172 4.06073 -0.04004 1.39859  2.08852  104 DA C "O5'" 
452 C "C5'" . DA C 5  ? 4.35402 6.56512 4.02033 -0.12462 1.39843  2.02070  104 DA C "C5'" 
453 C "C4'" . DA C 5  ? 4.35908 6.48142 4.00695 -0.20406 1.40396  1.98053  104 DA C "C4'" 
454 O "O4'" . DA C 5  ? 4.29588 6.52190 3.96051 -0.19045 1.35694  1.98187  104 DA C "O4'" 
455 C "C3'" . DA C 5  ? 4.26625 6.35292 3.93752 -0.29293 1.37863  1.90020  104 DA C "C3'" 
456 O "O3'" . DA C 5  ? 4.31516 6.28796 3.95868 -0.35982 1.40612  1.87610  104 DA C "O3'" 
457 C "C2'" . DA C 5  ? 4.11082 6.36248 3.83541 -0.28226 1.29575  1.87074  104 DA C "C2'" 
458 C "C1'" . DA C 5  ? 4.14534 6.45061 3.85686 -0.23804 1.29137  1.91537  104 DA C "C1'" 
459 N N9    . DA C 5  ? 4.05682 6.53468 3.80307 -0.17973 1.23149  1.93044  104 DA C N9    
460 C C8    . DA C 5  ? 4.06691 6.63657 3.82108 -0.10089 1.22561  1.97720  104 DA C C8    
461 N N7    . DA C 5  ? 3.97962 6.70265 3.76439 -0.06517 1.16651  1.97928  104 DA C N7    
462 C C5    . DA C 5  ? 3.90948 6.63815 3.70675 -0.12285 1.13286  1.93208  104 DA C C5    
463 C C6    . DA C 5  ? 3.80732 6.66099 3.63466 -0.12308 1.06963  1.90976  104 DA C C6    
464 N N6    . DA C 5  ? 3.75698 6.75974 3.60576 -0.06461 1.02665  1.93124  104 DA C N6    
465 N N1    . DA C 5  ? 3.76151 6.58218 3.59664 -0.18598 1.05321  1.86414  104 DA C N1    
466 C C2    . DA C 5  ? 3.81349 6.48964 3.62845 -0.24509 1.09616  1.84216  104 DA C C2    
467 N N3    . DA C 5  ? 3.91034 6.45921 3.69409 -0.25553 1.15608  1.85699  104 DA C N3    
468 C C4    . DA C 5  ? 3.95544 6.53645 3.73101 -0.19148 1.17231  1.90301  104 DA C C4    
469 P P     . DC C 6  ? 4.27754 6.18422 3.93806 -0.45820 1.39167  1.79596  105 DC C P     
470 O OP1   . DC C 6  ? 4.38943 6.14646 4.00280 -0.51208 1.44882  1.79272  105 DC C OP1   
471 O OP2   . DC C 6  ? 4.22830 6.13850 3.90940 -0.47036 1.38183  1.76676  105 DC C OP2   
472 O "O5'" . DC C 6  ? 4.13649 6.17026 3.84628 -0.46740 1.31695  1.76139  105 DC C "O5'" 
473 C "C5'" . DC C 6  ? 4.00391 6.09072 3.76141 -0.50858 1.26159  1.69980  105 DC C "C5'" 
474 C "C4'" . DC C 6  ? 3.91637 6.05980 3.70541 -0.53873 1.21443  1.66616  105 DC C "C4'" 
475 O "O4'" . DC C 6  ? 3.86201 6.14837 3.66977 -0.47880 1.16995  1.69419  105 DC C "O4'" 
476 C "C3'" . DC C 6  ? 3.78771 5.96570 3.62506 -0.59051 1.15929  1.59954  105 DC C "C3'" 
477 O "O3'" . DC C 6  ? 3.74729 5.92781 3.60392 -0.62912 1.13872  1.57180  105 DC C "O3'" 
478 C "C2'" . DC C 6  ? 3.68516 6.01856 3.55608 -0.53976 1.09696  1.60341  105 DC C "C2'" 
479 C "C1'" . DC C 6  ? 3.71985 6.12528 3.57757 -0.48040 1.09747  1.65506  105 DC C "C1'" 
480 N N1    . DC C 6  ? 3.70344 6.22510 3.56633 -0.40533 1.07615  1.69431  105 DC C N1    
481 C C2    . DC C 6  ? 3.61575 6.28494 3.50711 -0.37087 1.01599  1.69584  105 DC C C2    
482 O O2    . DC C 6  ? 3.54943 6.25072 3.46203 -0.40314 0.98024  1.66360  105 DC C O2    
483 N N3    . DC C 6  ? 3.60671 6.38233 3.50263 -0.30307 0.99849  1.73195  105 DC C N3    
484 C C4    . DC C 6  ? 3.68077 6.42171 3.55673 -0.26599 1.03918  1.76828  105 DC C C4    
485 N N4    . DC C 6  ? 3.66905 6.52495 3.55428 -0.19629 1.01989  1.80464  105 DC C N4    
486 C C5    . DC C 6  ? 3.77247 6.36098 3.61861 -0.29866 1.10221  1.76871  105 DC C C5    
487 C C6    . DC C 6  ? 3.78170 6.26427 3.62052 -0.36935 1.11850  1.73059  105 DC C C6    
488 P P     . DT C 7  ? 3.68177 5.93161 3.59615 -0.67157 1.06662  1.50947  106 DT C P     
489 O OP1   . DT C 7  ? 3.69654 5.87954 3.61713 -0.72366 1.08013  1.48563  106 DT C OP1   
490 O OP2   . DT C 7  ? 3.63234 5.87616 3.56183 -0.68954 1.04822  1.47836  106 DT C OP2   
491 O "O5'" . DT C 7  ? 3.59271 6.00425 3.53352 -0.62175 1.00481  1.52153  106 DT C "O5'" 
492 C "C5'" . DT C 7  ? 3.49864 5.97870 3.47714 -0.64488 0.95204  1.48807  106 DT C "C5'" 
493 C "C4'" . DT C 7  ? 3.37066 5.97709 3.38620 -0.63212 0.87692  1.46013  106 DT C "C4'" 
494 O "O4'" . DT C 7  ? 3.38390 6.06131 3.38519 -0.57017 0.87529  1.49758  106 DT C "O4'" 
495 C "C3'" . DT C 7  ? 3.30525 5.88382 3.34350 -0.67816 0.84961  1.41014  106 DT C "C3'" 
496 O "O3'" . DT C 7  ? 3.18063 5.85988 3.25727 -0.69067 0.77434  1.37067  106 DT C "O3'" 
497 C "C2'" . DT C 7  ? 3.33234 5.91741 3.35226 -0.64317 0.86511  1.43120  106 DT C "C2'" 
498 C "C1'" . DT C 7  ? 3.31944 6.02462 3.33721 -0.57786 0.84391  1.46923  106 DT C "C1'" 
499 N N1    . DT C 7  ? 3.37016 6.09923 3.36659 -0.52241 0.86804  1.51085  106 DT C N1    
500 C C2    . DT C 7  ? 3.32886 6.19057 3.33433 -0.46601 0.83131  1.53348  106 DT C C2    
501 O O2    . DT C 7  ? 3.25595 6.21115 3.28247 -0.46169 0.78185  1.51991  106 DT C O2    
502 N N3    . DT C 7  ? 3.37870 6.26162 3.36802 -0.41418 0.85525  1.57289  106 DT C N3    
503 C C4    . DT C 7  ? 3.46603 6.24928 3.42992 -0.41273 0.91304  1.59197  106 DT C C4    
504 O O4    . DT C 7  ? 3.50699 6.32339 3.46028 -0.35981 0.93129  1.62997  106 DT C O4    
505 C C5    . DT C 7  ? 3.50848 6.14758 3.45992 -0.47741 0.95113  1.56411  106 DT C C5    
506 C C7    . DT C 7  ? 3.60900 6.12558 3.52918 -0.48572 1.01727  1.57891  106 DT C C7    
507 C C6    . DT C 7  ? 3.45722 6.07872 3.42657 -0.52867 0.92578  1.52490  106 DT C C6    
508 P P     . DG C 8  ? 3.31133 5.95456 3.41913 -0.75687 0.73993  1.31347  107 DG C P     
509 O OP1   . DG C 8  ? 3.34459 5.94134 3.45791 -0.78227 0.76156  1.31360  107 DG C OP1   
510 O OP2   . DG C 8  ? 3.32835 5.89193 3.42962 -0.78614 0.75684  1.29412  107 DG C OP2   
511 O "O5'" . DG C 8  ? 3.18397 5.95793 3.32123 -0.75035 0.65642  1.28250  107 DG C "O5'" 
512 C "C5'" . DG C 8  ? 3.14624 6.00312 3.29590 -0.73314 0.62723  1.28706  107 DG C "C5'" 
513 C "C4'" . DG C 8  ? 3.08801 6.07224 3.23850 -0.68689 0.58251  1.29499  107 DG C "C4'" 
514 O "O4'" . DG C 8  ? 3.15137 6.13747 3.27677 -0.64059 0.61896  1.33668  107 DG C "O4'" 
515 C "C3'" . DG C 8  ? 2.98525 6.02974 3.15267 -0.70460 0.51649  1.25043  107 DG C "C3'" 
516 O "O3'" . DG C 8  ? 2.91938 6.08429 3.09470 -0.67807 0.46597  1.24625  107 DG C "O3'" 
517 C "C2'" . DG C 8  ? 3.01132 6.03931 3.16312 -0.68677 0.53504  1.26178  107 DG C "C2'" 
518 C "C1'" . DG C 8  ? 3.09426 6.13571 3.22436 -0.63107 0.58272  1.31941  107 DG C "C1'" 
519 N N9    . DG C 8  ? 3.17118 6.14786 3.27880 -0.61440 0.63439  1.34638  107 DG C N9    
520 C C8    . DG C 8  ? 3.24214 6.08866 3.33599 -0.64703 0.68718  1.34592  107 DG C C8    
521 N N7    . DG C 8  ? 3.30802 6.11878 3.37947 -0.62128 0.72926  1.37394  107 DG C N7    
522 C C5    . DG C 8  ? 3.27772 6.20769 3.35111 -0.56539 0.70161  1.39641  107 DG C C5    
523 C C6    . DG C 8  ? 3.32160 6.28041 3.37946 -0.51483 0.72504  1.43263  107 DG C C6    
524 O O6    . DG C 8  ? 3.40096 6.27826 3.43738 -0.50946 0.77864  1.45298  107 DG C O6    
525 N N1    . DG C 8  ? 3.26731 6.36653 3.33687 -0.46676 0.68037  1.44506  107 DG C N1    
526 C C2    . DG C 8  ? 3.18401 6.37719 3.27395 -0.47035 0.62225  1.42324  107 DG C C2    
527 N N2    . DG C 8  ? 3.14492 6.46815 3.24219 -0.42262 0.58609  1.43769  107 DG C N2    
528 N N3    . DG C 8  ? 3.14462 6.30756 3.24712 -0.51730 0.60181  1.38961  107 DG C N3    
529 C C4    . DG C 8  ? 3.19360 6.22630 3.28851 -0.56183 0.64289  1.37876  107 DG C C4    
530 P P     . DT C 9  ? 2.99739 6.23566 3.18535 -0.69739 0.39064  1.19759  108 DT C P     
531 O OP1   . DT C 9  ? 2.95026 6.27869 3.14570 -0.68422 0.35250  1.19206  108 DT C OP1   
532 O OP2   . DT C 9  ? 2.97587 6.13332 3.17166 -0.75243 0.38103  1.15878  108 DT C OP2   
533 O "O5'" . DT C 9  ? 2.98812 6.28551 3.16463 -0.66130 0.38112  1.20851  108 DT C "O5'" 
534 C "C5'" . DT C 9  ? 3.02014 6.39159 3.18778 -0.60377 0.39518  1.25091  108 DT C "C5'" 
535 C "C4'" . DT C 9  ? 2.98983 6.43242 3.15333 -0.57675 0.37130  1.24935  108 DT C "C4'" 
536 O "O4'" . DT C 9  ? 3.06710 6.45200 3.21704 -0.55514 0.42622  1.28306  108 DT C "O4'" 
537 C "C3'" . DT C 9  ? 2.90868 6.36031 3.07753 -0.61632 0.31903  1.19545  108 DT C "C3'" 
538 O "O3'" . DT C 9  ? 2.85049 6.41919 3.01934 -0.59074 0.27116  1.18524  108 DT C "O3'" 
539 C "C2'" . DT C 9  ? 2.95347 6.31342 3.11461 -0.63157 0.35776  1.19687  108 DT C "C2'" 
540 C "C1'" . DT C 9  ? 3.03532 6.40427 3.18529 -0.57598 0.41074  1.25390  108 DT C "C1'" 
541 N N1    . DT C 9  ? 3.11871 6.37166 3.25553 -0.58439 0.47442  1.27281  108 DT C N1    
542 C C2    . DT C 9  ? 3.17224 6.43569 3.29642 -0.54172 0.50877  1.30780  108 DT C C2    
543 O O2    . DT C 9  ? 3.15239 6.52196 3.27865 -0.49568 0.48765  1.32502  108 DT C O2    
544 N N3    . DT C 9  ? 3.25325 6.39908 3.36206 -0.55477 0.56968  1.32204  108 DT C N3    
545 C C4    . DT C 9  ? 3.28495 6.30719 3.39046 -0.60731 0.59824  1.30356  108 DT C C4    
546 O O4    . DT C 9  ? 3.36368 6.28196 3.45213 -0.61757 0.65528  1.31693  108 DT C O4    
547 C C5    . DT C 9  ? 3.22222 6.24711 3.34536 -0.64903 0.55701  1.26744  108 DT C C5    
548 C C7    . DT C 9  ? 3.24889 6.15384 3.37399 -0.70601 0.58059  1.24532  108 DT C C7    
549 C C6    . DT C 9  ? 3.14377 6.28162 3.28095 -0.63474 0.49849  1.25475  108 DT C C6    
550 P P     . DG C 10 ? 3.19247 6.87727 3.36523 -0.55244 0.24535  1.20171  109 DG C P     
551 O OP1   . DG C 10 ? 3.25249 6.98151 3.42076 -0.49407 0.28057  1.25368  109 DG C OP1   
552 O OP2   . DG C 10 ? 3.18942 6.84761 3.36744 -0.57444 0.24378  1.19482  109 DG C OP2   
553 O "O5'" . DG C 10 ? 3.10090 6.87874 3.27356 -0.56310 0.17514  1.15754  109 DG C "O5'" 
554 C "C5'" . DG C 10 ? 3.03875 6.83019 3.21060 -0.59844 0.12807  1.11652  109 DG C "C5'" 
555 C "C4'" . DG C 10 ? 2.97668 6.76145 3.13737 -0.63647 0.08208  1.06622  109 DG C "C4'" 
556 O "O4'" . DG C 10 ? 2.97379 6.65478 3.13158 -0.68620 0.08464  1.04045  109 DG C "O4'" 
557 C "C3'" . DG C 10 ? 2.90638 6.78027 3.05654 -0.64309 0.01955  1.03120  109 DG C "C3'" 
558 O "O3'" . DG C 10 ? 2.86321 6.74336 2.99674 -0.66554 -0.01634 0.99395  109 DG C "O3'" 
559 C "C2'" . DG C 10 ? 2.89283 6.71456 3.03898 -0.67791 0.00900  1.01078  109 DG C "C2'" 
560 C "C1'" . DG C 10 ? 2.91758 6.62098 3.06465 -0.71294 0.03556  1.00347  109 DG C "C1'" 
561 N N9    . DG C 10 ? 2.93870 6.56824 3.09476 -0.73756 0.05532  1.00453  109 DG C N9    
562 C C8    . DG C 10 ? 2.99899 6.58851 3.17281 -0.72347 0.10729  1.04184  109 DG C C8    
563 N N7    . DG C 10 ? 3.00480 6.53253 3.18593 -0.75407 0.11392  1.03126  109 DG C N7    
564 C C5    . DG C 10 ? 2.94636 6.47099 3.11204 -0.78851 0.06347  0.98599  109 DG C C5    
565 C C6    . DG C 10 ? 2.92832 6.39983 3.09232 -0.82749 0.04679  0.95841  109 DG C C6    
566 O O6    . DG C 10 ? 2.95667 6.37723 3.13927 -0.84133 0.07290  0.96691  109 DG C O6    
567 N N1    . DG C 10 ? 2.87543 6.35626 3.00971 -0.85064 -0.00479 0.91765  109 DG C N1    
568 C C2    . DG C 10 ? 2.84308 6.37754 2.95257 -0.84080 -0.03661 0.90279  109 DG C C2    
569 N N2    . DG C 10 ? 2.80196 6.32814 2.87310 -0.86768 -0.08215 0.86270  109 DG C N2    
570 N N3    . DG C 10 ? 2.85453 6.44615 2.97254 -0.80584 -0.02315 0.92639  109 DG C N3    
571 C C4    . DG C 10 ? 2.90727 6.49018 3.05359 -0.77982 0.02753  0.96869  109 DG C C4    
572 P P     . DG C 11 ? 3.02908 7.02535 3.15028 -0.65519 -0.07154 0.96831  110 DG C P     
573 O OP1   . DG C 11 ? 3.00737 6.99086 3.11258 -0.67417 -0.08974 0.94039  110 DG C OP1   
574 O OP2   . DG C 11 ? 3.04813 7.14283 3.19017 -0.60345 -0.05878 1.00654  110 DG C OP2   
575 O "O5'" . DG C 11 ? 2.98558 6.98150 3.08420 -0.68751 -0.11481 0.93109  110 DG C "O5'" 
576 C "C5'" . DG C 11 ? 2.97526 6.87331 3.05002 -0.73470 -0.12530 0.89983  110 DG C "C5'" 
577 C "C4'" . DG C 11 ? 2.95759 6.85689 3.01697 -0.74915 -0.14674 0.88401  110 DG C "C4'" 
578 O "O4'" . DG C 11 ? 2.99565 6.82892 3.07891 -0.75251 -0.10688 0.90777  110 DG C "O4'" 
579 C "C3'" . DG C 11 ? 2.94811 6.93585 3.01397 -0.71710 -0.15679 0.88708  110 DG C "C3'" 
580 O "O3'" . DG C 11 ? 2.93901 6.84946 2.97554 -0.72113 -0.16113 0.82622  110 DG C "O3'" 
581 C "C2'" . DG C 11 ? 2.96207 6.94978 3.03862 -0.71868 -0.14576 0.90556  110 DG C "C2'" 
582 C "C1'" . DG C 11 ? 2.99017 6.86047 3.07371 -0.74559 -0.11479 0.90933  110 DG C "C1'" 
583 N N9    . DG C 11 ? 3.03958 6.88423 3.15712 -0.72783 -0.06508 0.94925  110 DG C N9    
584 C C8    . DG C 11 ? 3.07709 6.96800 3.21755 -0.68618 -0.03166 0.99168  110 DG C C8    
585 N N7    . DG C 11 ? 3.12580 6.96936 3.28444 -0.68050 0.01256  1.02108  110 DG C N7    
586 C C5    . DG C 11 ? 3.11520 6.88270 3.27025 -0.72139 0.00693  0.99555  110 DG C C5    
587 C C6    . DG C 11 ? 3.15182 6.84812 3.32393 -0.73659 0.04211  1.00762  110 DG C C6    
588 O O6    . DG C 11 ? 3.20522 6.88576 3.39430 -0.71775 0.08762  1.04376  110 DG C O6    
589 N N1    . DG C 11 ? 3.12539 6.76407 3.29019 -0.77807 0.02078  0.97305  110 DG C N1    
590 C C2    . DG C 11 ? 3.07570 6.71735 3.21139 -0.80104 -0.02673 0.93337  110 DG C C2    
591 N N2    . DG C 11 ? 3.06392 6.64130 3.19172 -0.83735 -0.03879 0.90719  110 DG C N2    
592 N N3    . DG C 11 ? 3.04419 6.74633 3.15713 -0.78897 -0.05891 0.92069  110 DG C N3    
593 C C4    . DG C 11 ? 3.06348 6.82986 3.19205 -0.74941 -0.04050 0.95258  110 DG C C4    
594 P P     . DT C 12 ? 3.08243 7.02744 3.12097 -0.69291 -0.15913 0.80896  111 DT C P     
595 O OP1   . DT C 12 ? 3.07435 6.94379 3.08600 -0.69766 -0.16334 0.75249  111 DT C OP1   
596 O OP2   . DT C 12 ? 3.09452 7.16442 3.16856 -0.65501 -0.15119 0.86063  111 DT C OP2   
597 O "O5'" . DT C 12 ? 3.08303 6.99993 3.11152 -0.70867 -0.16109 0.80132  111 DT C "O5'" 
598 C "C5'" . DT C 12 ? 3.07628 6.88831 3.07506 -0.74335 -0.16646 0.76809  111 DT C "C5'" 
599 C "C4'" . DT C 12 ? 3.08004 6.89636 3.07865 -0.75437 -0.16638 0.77699  111 DT C "C4'" 
600 O "O4'" . DT C 12 ? 3.08744 6.96793 3.11214 -0.75811 -0.16441 0.83045  111 DT C "O4'" 
601 C "C3'" . DT C 12 ? 3.08529 6.95719 3.09152 -0.73217 -0.16318 0.77571  111 DT C "C3'" 
602 O "O3'" . DT C 12 ? 3.08036 6.88237 3.05771 -0.73598 -0.16548 0.72235  111 DT C "O3'" 
603 C "C2'" . DT C 12 ? 3.09156 6.99450 3.10793 -0.74408 -0.16191 0.80491  111 DT C "C2'" 
604 C "C1'" . DT C 12 ? 3.09289 7.00142 3.12236 -0.76021 -0.16304 0.84138  111 DT C "C1'" 
605 N N1    . DT C 12 ? 3.11809 7.08945 3.18847 -0.73926 -0.13930 0.89529  111 DT C N1    
606 C C2    . DT C 12 ? 3.14798 7.04842 3.23843 -0.75147 -0.10603 0.90776  111 DT C C2    
607 O O2    . DT C 12 ? 3.14033 6.97489 3.21705 -0.78219 -0.11272 0.88487  111 DT C O2    
608 N N3    . DT C 12 ? 3.19172 7.10011 3.31684 -0.72599 -0.06281 0.94879  111 DT C N3    
609 C C4    . DT C 12 ? 3.21108 7.18793 3.34963 -0.68747 -0.04870 0.98052  111 DT C C4    
610 O O4    . DT C 12 ? 3.25973 7.23003 3.41923 -0.66555 -0.00623 1.01854  111 DT C O4    
611 C C5    . DT C 12 ? 3.17428 7.23036 3.29785 -0.67469 -0.08636 0.96620  111 DT C C5    
612 C C7    . DT C 12 ? 3.19211 7.33274 3.33243 -0.63137 -0.07493 0.99935  111 DT C C7    
613 C C6    . DT C 12 ? 3.12868 7.17930 3.22070 -0.70230 -0.12992 0.92346  111 DT C C6    
614 P P     . DG C 13 ? 3.08539 6.79717 3.03178 -0.76320 -0.16731 0.68880  112 DG C P     
615 O OP1   . DG C 13 ? 3.08258 6.74318 3.02215 -0.79057 -0.16974 0.69823  112 DG C OP1   
616 O OP2   . DG C 13 ? 3.08230 6.73053 3.00111 -0.76028 -0.16781 0.63984  112 DG C OP2   
617 O "O5'" . DG C 13 ? 3.09326 6.87011 3.05254 -0.75821 -0.16433 0.70656  112 DG C "O5'" 
618 C "C5'" . DG C 13 ? 3.09791 6.90606 3.05523 -0.74178 -0.16251 0.68801  112 DG C "C5'" 
619 C "C4'" . DG C 13 ? 3.10446 6.94027 3.06204 -0.74944 -0.15997 0.69298  112 DG C "C4'" 
620 O "O4'" . DG C 13 ? 3.10574 6.95724 3.07567 -0.76479 -0.15978 0.72776  112 DG C "O4'" 
621 C "C3'" . DG C 13 ? 3.11569 7.05116 3.09320 -0.72758 -0.15653 0.71081  112 DG C "C3'" 
622 O "O3'" . DG C 13 ? 3.11757 7.03294 3.07735 -0.72541 -0.15673 0.66992  112 DG C "O3'" 
623 C "C2'" . DG C 13 ? 3.12293 7.10807 3.11343 -0.73678 -0.15356 0.74370  112 DG C "C2'" 
624 C "C1'" . DG C 13 ? 3.11664 7.06408 3.11021 -0.75429 -0.15594 0.76388  112 DG C "C1'" 
625 N N9    . DG C 13 ? 3.12135 7.13693 3.14364 -0.74024 -0.15430 0.81279  112 DG C N9    
626 C C8    . DG C 13 ? 3.11914 7.14916 3.15114 -0.72226 -0.15426 0.82153  112 DG C C8    
627 N N7    . DG C 13 ? 3.12604 7.22626 3.18563 -0.71114 -0.15094 0.87319  112 DG C N7    
628 C C5    . DG C 13 ? 3.14462 7.23765 3.21727 -0.72029 -0.13416 0.89276  112 DG C C5    
629 C C6    . DG C 13 ? 3.18912 7.24775 3.29787 -0.70761 -0.08713 0.93083  112 DG C C6    
630 O O6    . DG C 13 ? 3.21509 7.27412 3.34443 -0.68660 -0.06200 0.96357  112 DG C O6    
631 N N1    . DG C 13 ? 3.20869 7.22798 3.32637 -0.72111 -0.06616 0.92910  112 DG C N1    
632 C C2    . DG C 13 ? 3.18838 7.20096 3.28493 -0.74211 -0.08602 0.89601  112 DG C C2    
633 N N2    . DG C 13 ? 3.21281 7.18830 3.32838 -0.75176 -0.05827 0.89993  112 DG C N2    
634 N N3    . DG C 13 ? 3.15127 7.19002 3.20873 -0.75270 -0.12732 0.86154  112 DG C N3    
635 C C4    . DG C 13 ? 3.13101 7.20905 3.17734 -0.74192 -0.15030 0.86153  112 DG C C4    
636 P P     . DC C 14 ? 3.07566 6.97089 3.01760 -0.74234 -0.15454 0.64700  113 DC C P     
637 O OP1   . DC C 14 ? 3.06884 6.89700 2.99702 -0.76644 -0.15475 0.64449  113 DC C OP1   
638 O OP2   . DC C 14 ? 3.07724 6.94475 3.00138 -0.73884 -0.15531 0.60444  113 DC C OP2   
639 O "O5'" . DC C 14 ? 3.08925 7.09565 3.05544 -0.73251 -0.15041 0.68300  113 DC C "O5'" 
640 C "C5'" . DC C 14 ? 3.09510 7.11616 3.05623 -0.74755 -0.14729 0.68186  113 DC C "C5'" 
641 C "C4'" . DC C 14 ? 3.10724 7.23101 3.09476 -0.73943 -0.14344 0.72966  113 DC C "C4'" 
642 O "O4'" . DC C 14 ? 3.10399 7.23896 3.10974 -0.73647 -0.14432 0.76958  113 DC C "O4'" 
643 C "C3'" . DC C 14 ? 3.12085 7.33526 3.12383 -0.71552 -0.14080 0.74395  113 DC C "C3'" 
644 O "O3'" . DC C 14 ? 3.13092 7.37419 3.12425 -0.72148 -0.13818 0.72227  113 DC C "O3'" 
645 C "C2'" . DC C 14 ? 3.13026 7.42899 3.16160 -0.70405 -0.13708 0.80330  113 DC C "C2'" 
646 C "C1'" . DC C 14 ? 3.11789 7.35794 3.15043 -0.71856 -0.13991 0.81670  113 DC C "C1'" 
647 N N1    . DC C 14 ? 3.11613 7.37697 3.16776 -0.70111 -0.14009 0.84988  113 DC C N1    
648 C C2    . DC C 14 ? 3.13851 7.38511 3.21700 -0.69658 -0.11544 0.89151  113 DC C C2    
649 O O2    . DC C 14 ? 3.16369 7.36183 3.25358 -0.70646 -0.08726 0.89557  113 DC C O2    
650 N N3    . DC C 14 ? 3.14601 7.39375 3.24173 -0.67854 -0.10609 0.91952  113 DC C N3    
651 C C4    . DC C 14 ? 3.11745 7.42292 3.20590 -0.66796 -0.13597 0.91351  113 DC C C4    
652 N N4    . DC C 14 ? 3.12949 7.43325 3.23682 -0.64857 -0.12165 0.94246  113 DC C N4    
653 C C5    . DC C 14 ? 3.11044 7.37664 3.17636 -0.66899 -0.14121 0.86115  113 DC C C5    
654 C C6    . DC C 14 ? 3.11116 7.35327 3.15953 -0.68540 -0.14206 0.83135  113 DC C C6    
655 P P     . DC D 1  ? 5.58455 3.02235 3.67863 -1.16006 1.74200  0.49007  113 DC D P     
656 O OP1   . DC D 1  ? 5.58371 3.01256 3.67783 -1.17947 1.75856  0.44792  113 DC D OP1   
657 O OP2   . DC D 1  ? 5.57628 3.01082 3.86500 -1.17394 1.69630  0.58629  113 DC D OP2   
658 O "O5'" . DC D 1  ? 5.57773 3.00468 3.47602 -1.17540 1.67074  0.45183  113 DC D "O5'" 
659 C "C5'" . DC D 1  ? 5.56662 2.97256 3.49660 -1.21271 1.57022  0.50581  113 DC D "C5'" 
660 C "C4'" . DC D 1  ? 5.55489 2.93541 3.50280 -1.26696 1.48634  0.51126  113 DC D "C4'" 
661 O "O4'" . DC D 1  ? 5.54500 2.91291 3.55473 -1.30132 1.38487  0.57213  113 DC D "O4'" 
662 C "C3'" . DC D 1  ? 5.55391 2.92259 3.30212 -1.28153 1.46628  0.42693  113 DC D "C3'" 
663 O "O3'" . DC D 1  ? 5.54982 2.90461 3.34730 -1.31325 1.44616  0.42169  113 DC D "O3'" 
664 C "C2'" . DC D 1  ? 5.54720 2.90045 3.20534 -1.30736 1.37075  0.43488  113 DC D "C2'" 
665 C "C1'" . DC D 1  ? 5.54119 2.88953 3.39400 -1.33238 1.31049  0.53036  113 DC D "C1'" 
666 N N1    . DC D 1  ? 5.54001 2.88287 3.37014 -1.34151 1.24737  0.56055  113 DC D N1    
667 C C2    . DC D 1  ? 5.53452 2.87862 3.54198 -1.36191 1.18956  0.64429  113 DC D C2    
668 O O2    . DC D 1  ? 5.52807 2.88113 3.71088 -1.37047 1.18719  0.69433  113 DC D O2    
669 N N3    . DC D 1  ? 5.53612 2.87411 3.52370 -1.37139 1.13595  0.66684  113 DC D N3    
670 C C4    . DC D 1  ? 5.54181 2.87249 3.34498 -1.36026 1.13871  0.61184  113 DC D C4    
671 N N4    . DC D 1  ? 5.54480 2.86822 3.34102 -1.37057 1.08777  0.63571  113 DC D N4    
672 C C5    . DC D 1  ? 5.54376 2.87779 3.16937 -1.33667 1.19292  0.52823  113 DC D C5    
673 C C6    . DC D 1  ? 5.54327 2.88360 3.18847 -1.32860 1.24547  0.50462  113 DC D C6    
674 P P     . DG D 2  ? 5.70304 3.06841 3.51993 -1.29261 1.54369  0.37367  114 DG D P     
675 O OP1   . DG D 2  ? 5.76444 3.15753 3.47268 -1.24115 1.63259  0.31418  114 DG D OP1   
676 O OP2   . DG D 2  ? 5.73484 3.08079 3.49567 -1.32857 1.50494  0.33541  114 DG D OP2   
677 O "O5'" . DG D 2  ? 5.65511 3.02967 3.72039 -1.28802 1.56906  0.45329  114 DG D "O5'" 
678 C "C5'" . DG D 2  ? 5.64892 3.01794 3.83789 -1.31121 1.55896  0.47039  114 DG D "C5'" 
679 C "C4'" . DG D 2  ? 5.63233 2.99207 3.91676 -1.35414 1.43992  0.53850  114 DG D "C4'" 
680 O "O4'" . DG D 2  ? 5.62989 2.98077 3.80833 -1.36681 1.36818  0.54638  114 DG D "O4'" 
681 C "C3'" . DG D 2  ? 5.62709 2.97187 3.88284 -1.38926 1.39107  0.51586  114 DG D "C3'" 
682 O "O3'" . DG D 2  ? 5.61361 2.96731 4.06297 -1.41222 1.32183  0.59654  114 DG D "O3'" 
683 C "C2'" . DG D 2  ? 5.62785 2.95388 3.68458 -1.41102 1.32170  0.47723  114 DG D "C2'" 
684 C "C1'" . DG D 2  ? 5.62375 2.95720 3.73018 -1.40709 1.27778  0.53636  114 DG D "C1'" 
685 N N9    . DG D 2  ? 5.62696 2.94788 3.55047 -1.41367 1.23364  0.50105  114 DG D N9    
686 C C8    . DG D 2  ? 5.63373 2.94521 3.34342 -1.40632 1.25726  0.41480  114 DG D C8    
687 N N7    . DG D 2  ? 5.63316 2.93739 3.22443 -1.41319 1.20278  0.40295  114 DG D N7    
688 C C5    . DG D 2  ? 5.62835 2.93491 3.36068 -1.42815 1.14167  0.48517  114 DG D C5    
689 C C6    . DG D 2  ? 5.62809 2.92857 3.32684 -1.44203 1.06971  0.50975  114 DG D C6    
690 O O6    . DG D 2  ? 5.63127 2.92208 3.16515 -1.44312 1.04513  0.46372  114 DG D O6    
691 N N1    . DG D 2  ? 5.62318 2.93227 3.51447 -1.45490 1.02447  0.59604  114 DG D N1    
692 C C2    . DG D 2  ? 5.61643 2.94090 3.70924 -1.45272 1.04295  0.65306  114 DG D C2    
693 N N2    . DG D 2  ? 5.61075 2.94629 3.87922 -1.46551 0.98944  0.73306  114 DG D N2    
694 N N3    . DG D 2  ? 5.61579 2.94578 3.74256 -1.43891 1.10977  0.63180  114 DG D N3    
695 C C4    . DG D 2  ? 5.62325 2.94218 3.56095 -1.42798 1.15763  0.54624  114 DG D C4    
696 P P     . DG D 3  ? 5.73568 3.09211 4.29573 -1.42516 1.32796  0.60105  115 DG D P     
697 O OP1   . DG D 3  ? 5.76522 3.12749 4.34332 -1.39276 1.44890  0.55298  115 DG D OP1   
698 O OP2   . DG D 3  ? 5.76509 3.10235 4.20091 -1.45852 1.25844  0.57012  115 DG D OP2   
699 O "O5'" . DG D 3  ? 5.64220 3.02165 4.45054 -1.43582 1.26465  0.70844  115 DG D "O5'" 
700 C "C5'" . DG D 3  ? 5.63343 3.01282 4.48642 -1.47194 1.15051  0.76042  115 DG D "C5'" 
701 C "C4'" . DG D 3  ? 5.62729 3.01927 4.57477 -1.47896 1.08353  0.83453  115 DG D "C4'" 
702 O "O4'" . DG D 3  ? 5.63364 3.01064 4.40879 -1.47274 1.08549  0.79412  115 DG D "O4'" 
703 C "C3'" . DG D 3  ? 5.62175 3.01757 4.64038 -1.51457 0.96753  0.89461  115 DG D "C3'" 
704 O "O3'" . DG D 3  ? 5.61616 3.03119 4.79959 -1.51702 0.92463  0.97534  115 DG D "O3'" 
705 C "C2'" . DG D 3  ? 5.62977 3.00029 4.41901 -1.53048 0.92528  0.83618  115 DG D "C2'" 
706 C "C1'" . DG D 3  ? 5.63369 2.99940 4.33080 -1.50453 0.98464  0.80304  115 DG D "C1'" 
707 N N9    . DG D 3  ? 5.64331 2.98503 4.09236 -1.50426 0.99846  0.71808  115 DG D N9    
708 C C8    . DG D 3  ? 5.65809 2.98698 3.96729 -1.49170 1.06954  0.63768  115 DG D C8    
709 N N7    . DG D 3  ? 5.70938 3.02018 3.80770 -1.49444 1.06287  0.57325  115 DG D N7    
710 C C5    . DG D 3  ? 5.66367 2.97391 3.76007 -1.50928 0.98449  0.61228  115 DG D C5    
711 C C6    . DG D 3  ? 5.68917 2.98413 3.60704 -1.51783 0.94378  0.57338  115 DG D C6    
712 O O6    . DG D 3  ? 5.75878 3.03957 3.48188 -1.51248 0.96785  0.49655  115 DG D O6    
713 N N1    . DG D 3  ? 5.66261 2.96142 3.65115 -1.53377 0.86824  0.63123  115 DG D N1    
714 C C2    . DG D 3  ? 5.65612 2.97289 3.86264 -1.54058 0.83477  0.71630  115 DG D C2    
715 N N2    . DG D 3  ? 5.65976 2.97710 3.90429 -1.55734 0.76318  0.75779  115 DG D N2    
716 N N3    . DG D 3  ? 5.64780 2.98138 4.02715 -1.53163 0.86993  0.75630  115 DG D N3    
717 C C4    . DG D 3  ? 5.64868 2.97726 3.95920 -1.51608 0.94491  0.70018  115 DG D C4    
718 P P     . DA D 4  ? 5.68389 3.11341 5.03419 -1.54642 0.82252  1.06006  116 DA D P     
719 O OP1   . DA D 4  ? 5.67744 3.13585 5.26789 -1.53901 0.83515  1.13568  116 DA D OP1   
720 O OP2   . DA D 4  ? 5.68944 3.10554 4.95175 -1.56708 0.78288  1.03222  116 DA D OP2   
721 O "O5'" . DA D 4  ? 5.68877 3.11103 4.99471 -1.55851 0.75925  1.07668  116 DA D "O5'" 
722 C "C5'" . DA D 4  ? 5.69757 3.09538 4.77164 -1.55970 0.75945  1.00598  116 DA D "C5'" 
723 C "C4'" . DA D 4  ? 5.71099 3.09575 4.70746 -1.59180 0.66005  1.00867  116 DA D "C4'" 
724 O "O4'" . DA D 4  ? 5.72023 3.08020 4.46259 -1.59704 0.65766  0.92750  116 DA D "O4'" 
725 C "C3'" . DA D 4  ? 5.71879 3.10563 4.76869 -1.61562 0.59994  1.03404  116 DA D "C3'" 
726 O "O3'" . DA D 4  ? 5.73847 3.12123 4.79843 -1.64254 0.50901  1.06492  116 DA D "O3'" 
727 C "C2'" . DA D 4  ? 5.72362 3.09034 4.55841 -1.62112 0.61230  0.95401  116 DA D "C2'" 
728 C "C1'" . DA D 4  ? 5.72932 3.07786 4.37087 -1.61953 0.61325  0.89765  116 DA D "C1'" 
729 N N9    . DA D 4  ? 5.72907 3.05938 4.17021 -1.60880 0.66920  0.81118  116 DA D N9    
730 C C8    . DA D 4  ? 5.72234 3.05275 4.15856 -1.59074 0.74786  0.77663  116 DA D C8    
731 N N7    . DA D 4  ? 5.72740 3.03819 3.95958 -1.58471 0.78732  0.69302  116 DA D N7    
732 C C5    . DA D 4  ? 5.73609 3.03402 3.83177 -1.59924 0.72849  0.67422  116 DA D C5    
733 C C6    . DA D 4  ? 5.74394 3.02075 3.60981 -1.60096 0.73029  0.59745  116 DA D C6    
734 N N6    . DA D 4  ? 5.75181 3.01692 3.47963 -1.58715 0.79691  0.52153  116 DA D N6    
735 N N1    . DA D 4  ? 5.75247 3.02111 3.53951 -1.61771 0.66149  0.59985  116 DA D N1    
736 C C2    . DA D 4  ? 5.75544 3.03539 3.68147 -1.63278 0.59703  0.67150  116 DA D C2    
737 N N3    . DA D 4  ? 5.74943 3.04974 3.89344 -1.63280 0.58814  0.74632  116 DA D N3    
738 C C4    . DA D 4  ? 5.73824 3.04723 3.95897 -1.61479 0.65605  0.74507  116 DA D C4    
739 P P     . DC D 5  ? 5.83586 3.22593 5.02636 -1.66462 0.44341  1.12204  117 DC D P     
740 O OP1   . DC D 5  ? 5.84533 3.24514 5.22218 -1.66495 0.42486  1.18803  117 DC D OP1   
741 O OP2   . DC D 5  ? 5.82446 3.22162 5.07118 -1.65460 0.48598  1.12348  117 DC D OP2   
742 O "O5'" . DC D 5  ? 5.86533 3.23708 4.85616 -1.69993 0.35121  1.08471  117 DC D "O5'" 
743 C "C5'" . DC D 5  ? 5.86243 3.21603 4.62659 -1.70249 0.36148  1.00749  117 DC D "C5'" 
744 C "C4'" . DC D 5  ? 5.87809 3.21512 4.47185 -1.72038 0.30961  0.96972  117 DC D "C4'" 
745 O "O4'" . DC D 5  ? 5.86390 3.18522 4.27855 -1.70385 0.36773  0.89462  117 DC D "O4'" 
746 C "C3'" . DC D 5  ? 5.91093 3.23584 4.37381 -1.75777 0.21369  0.95561  117 DC D "C3'" 
747 O "O3'" . DC D 5  ? 5.92898 3.24290 4.29505 -1.77669 0.15883  0.94081  117 DC D "O3'" 
748 C "C2'" . DC D 5  ? 5.90213 3.21119 4.18762 -1.75217 0.24989  0.88462  117 DC D "C2'" 
749 C "C1'" . DC D 5  ? 5.87911 3.18144 4.09458 -1.72463 0.32716  0.83856  117 DC D "C1'" 
750 N N1    . DC D 5  ? 5.86230 3.15611 3.97974 -1.70363 0.40729  0.77731  117 DC D N1    
751 C C2    . DC D 5  ? 5.86475 3.13659 3.75749 -1.70306 0.42238  0.69677  117 DC D C2    
752 O O2    . DC D 5  ? 5.87905 3.13903 3.66046 -1.71989 0.36786  0.67976  117 DC D O2    
753 N N3    . DC D 5  ? 5.85362 3.11729 3.65914 -1.68454 0.49801  0.63760  117 DC D N3    
754 C C4    . DC D 5  ? 5.84145 3.11719 3.77392 -1.66850 0.55666  0.65592  117 DC D C4    
755 N N4    . DC D 5  ? 5.83558 3.10130 3.67373 -1.65265 0.63210  0.59106  117 DC D N4    
756 C C5    . DC D 5  ? 5.83683 3.13522 4.00169 -1.66837 0.54204  0.73969  117 DC D C5    
757 C C6    . DC D 5  ? 5.84698 3.15394 4.09699 -1.68535 0.46760  0.79816  117 DC D C6    
758 P P     . DA D 6  ? 6.06458 3.36450 4.28289 -1.82022 0.05020  0.92579  118 DA D P     
759 O OP1   . DA D 6  ? 6.08897 3.39339 4.37858 -1.84128 -0.01334 0.96547  118 DA D OP1   
760 O OP2   . DA D 6  ? 6.07918 3.38279 4.30541 -1.83296 0.02144  0.94080  118 DA D OP2   
761 O "O5'" . DA D 6  ? 6.05973 3.33408 4.03126 -1.81921 0.06729  0.83912  118 DA D "O5'" 
762 C "C5'" . DA D 6  ? 6.08829 3.34502 3.91425 -1.84833 -0.00327 0.81176  118 DA D "C5'" 
763 C "C4'" . DA D 6  ? 6.10467 3.34016 3.71782 -1.86696 -0.03454 0.75168  118 DA D "C4'" 
764 O "O4'" . DA D 6  ? 6.07604 3.31035 3.65363 -1.84013 0.04331  0.71460  118 DA D "O4'" 
765 C "C3'" . DA D 6  ? 6.14460 3.38077 3.74989 -1.90326 -0.12445 0.78160  118 DA D "C3'" 
766 O "O3'" . DA D 6  ? 6.16637 3.37780 3.55338 -1.92501 -0.16304 0.72196  118 DA D "O3'" 
767 C "C2'" . DA D 6  ? 6.12476 3.37582 3.84088 -1.88298 -0.07499 0.80550  118 DA D "C2'" 
768 C "C1'" . DA D 6  ? 6.09083 3.32882 3.68754 -1.85433 0.01195  0.73329  118 DA D "C1'" 
769 N N9    . DA D 6  ? 6.06032 3.31084 3.76587 -1.82401 0.09435  0.74145  118 DA D N9    
770 C C8    . DA D 6  ? 6.05472 3.32721 3.96676 -1.81560 0.10681  0.80825  118 DA D C8    
771 N N7    . DA D 6  ? 6.02727 3.30483 3.99470 -1.78830 0.19004  0.79598  118 DA D N7    
772 C C5    . DA D 6  ? 6.01608 3.27407 3.79646 -1.77879 0.23395  0.71443  118 DA D C5    
773 C C6    . DA D 6  ? 5.99378 3.24542 3.72089 -1.75409 0.32346  0.66010  118 DA D C6    
774 N N6    . DA D 6  ? 5.97712 3.24179 3.84409 -1.73435 0.38743  0.68175  118 DA D N6    
775 N N1    . DA D 6  ? 5.99243 3.22315 3.51678 -1.75148 0.34538  0.58032  118 DA D N1    
776 C C2    . DA D 6  ? 6.00946 3.22652 3.39940 -1.77146 0.28238  0.55846  118 DA D C2    
777 N N3    . DA D 6  ? 6.03178 3.25195 3.45304 -1.79674 0.19683  0.60328  118 DA D N3    
778 C C4    . DA D 6  ? 6.03496 3.27632 3.65432 -1.79947 0.17624  0.68081  118 DA D C4    
779 P P     . DG D 7  ? 6.25653 3.44573 3.48824 -1.95366 -0.22513 0.68689  119 DG D P     
780 O OP1   . DG D 7  ? 6.24419 3.43948 3.56380 -1.94222 -0.20519 0.70508  119 DG D OP1   
781 O OP2   . DG D 7  ? 6.30992 3.49399 3.49861 -1.99769 -0.32801 0.71206  119 DG D OP2   
782 O "O5'" . DG D 7  ? 6.24055 3.40473 3.25737 -1.94246 -0.18132 0.59595  119 DG D "O5'" 
783 C "C5'" . DG D 7  ? 6.20110 3.36890 3.21721 -1.90729 -0.09084 0.56354  119 DG D "C5'" 
784 C "C4'" . DG D 7  ? 6.21223 3.36902 3.12422 -1.91852 -0.10409 0.53199  119 DG D "C4'" 
785 O "O4'" . DG D 7  ? 6.18302 3.35468 3.20081 -1.89043 -0.03215 0.54408  119 DG D "O4'" 
786 C "C3'" . DG D 7  ? 6.25946 3.41570 3.17383 -1.95766 -0.20145 0.57433  119 DG D "C3'" 
787 O "O3'" . DG D 7  ? 6.28020 3.41325 3.01496 -1.97661 -0.23001 0.52089  119 DG D "O3'" 
788 C "C2'" . DG D 7  ? 6.24867 3.43004 3.35350 -1.94363 -0.17749 0.63778  119 DG D "C2'" 
789 C "C1'" . DG D 7  ? 6.20637 3.38495 3.28293 -1.90846 -0.07768 0.58682  119 DG D "C1'" 
790 N N9    . DG D 7  ? 6.18183 3.38291 3.44701 -1.88331 -0.01957 0.63287  119 DG D N9    
791 C C8    . DG D 7  ? 6.19011 3.41425 3.65322 -1.88642 -0.04514 0.71533  119 DG D C8    
792 N N7    . DG D 7  ? 6.16337 3.40273 3.77006 -1.86009 0.02294  0.73908  119 DG D N7    
793 C C5    . DG D 7  ? 6.13823 3.36364 3.63021 -1.83998 0.09703  0.66674  119 DG D C5    
794 C C6    . DG D 7  ? 6.10864 3.33945 3.66837 -1.81103 0.18916  0.65137  119 DG D C6    
795 O O6    . DG D 7  ? 6.09585 3.34538 3.84105 -1.79595 0.22550  0.70191  119 DG D O6    
796 N N1    . DG D 7  ? 6.09629 3.30738 3.48514 -1.80070 0.24187  0.56571  119 DG D N1    
797 C C2    . DG D 7  ? 6.10776 3.29700 3.29170 -1.81462 0.21011  0.50394  119 DG D C2    
798 N N2    . DG D 7  ? 6.09393 3.26653 3.13895 -1.80099 0.27139  0.42318  119 DG D N2    
799 N N3    . DG D 7  ? 6.13357 3.31700 3.25548 -1.84121 0.12461  0.51839  119 DG D N3    
800 C C4    . DG D 7  ? 6.14887 3.35105 3.43008 -1.85330 0.07193  0.60047  119 DG D C4    
801 P P     . DT D 8  ? 6.35363 3.45644 2.87152 -1.97800 -0.21508 0.42487  120 DT D P     
802 O OP1   . DT D 8  ? 6.34118 3.44013 2.84245 -1.96956 -0.19965 0.40761  120 DT D OP1   
803 O OP2   . DT D 8  ? 6.39839 3.47997 2.78374 -2.01690 -0.29487 0.40619  120 DT D OP2   
804 O "O5'" . DT D 8  ? 6.31343 3.41464 2.80432 -1.94514 -0.12322 0.37296  120 DT D "O5'" 
805 C "C5'" . DT D 8  ? 6.31972 3.42395 2.83557 -1.94707 -0.11935 0.38511  120 DT D "C5'" 
806 C "C4'" . DT D 8  ? 6.28534 3.38131 2.74370 -1.91996 -0.03254 0.31816  120 DT D "C4'" 
807 O "O4'" . DT D 8  ? 6.25973 3.37875 2.88258 -1.89139 0.03697  0.35848  120 DT D "O4'" 
808 C "C3'" . DT D 8  ? 6.30020 3.37833 2.66070 -1.93427 -0.04687 0.28063  120 DT D "C3'" 
809 O "O3'" . DT D 8  ? 6.26783 3.33229 2.55157 -1.91277 0.02920  0.20018  120 DT D "O3'" 
810 C "C2'" . DT D 8  ? 6.30897 3.40923 2.83094 -1.93072 -0.04462 0.35804  120 DT D "C2'" 
811 C "C1'" . DT D 8  ? 6.26992 3.39056 2.93042 -1.89586 0.03803  0.37563  120 DT D "C1'" 
812 N N1    . DT D 8  ? 6.27055 3.41850 3.14563 -1.89022 0.03448  0.46609  120 DT D N1    
813 C C2    . DT D 8  ? 6.24238 3.40411 3.24782 -1.86251 0.11499  0.47873  120 DT D C2    
814 O O2    . DT D 8  ? 6.22101 3.37317 3.16587 -1.84417 0.18864  0.41834  120 DT D O2    
815 N N3    . DT D 8  ? 6.24289 3.42913 3.45470 -1.85851 0.10619  0.56268  120 DT D N3    
816 C C4    . DT D 8  ? 6.26990 3.46857 3.56671 -1.87936 0.02564  0.63321  120 DT D C4    
817 O O4    . DT D 8  ? 6.26881 3.48952 3.75761 -1.87351 0.02475  0.70509  120 DT D O4    
818 C C5    . DT D 8  ? 6.30242 3.48536 3.44698 -1.90986 -0.05694 0.61420  120 DT D C5    
819 C C7    . DT D 8  ? 6.34066 3.53376 3.55250 -1.93824 -0.14986 0.68201  120 DT D C7    
820 C C6    . DT D 8  ? 6.30025 3.45861 3.24533 -1.91338 -0.04757 0.53282  120 DT D C6    
821 P P     . DC D 9  ? 6.42545 3.45733 2.56746 -1.92905 0.01842  0.11928  121 DC D P     
822 O OP1   . DC D 9  ? 6.38644 3.39237 2.45261 -1.92450 0.04412  0.02896  121 DC D OP1   
823 O OP2   . DC D 9  ? 6.46961 3.49360 2.57928 -1.96461 -0.07192 0.15354  121 DC D OP2   
824 O "O5'" . DC D 9  ? 6.41239 3.45139 2.60831 -1.90751 0.09417  0.11472  121 DC D "O5'" 
825 C "C5'" . DC D 9  ? 6.43620 3.49044 2.73149 -1.91281 0.07852  0.18629  121 DC D "C5'" 
826 C "C4'" . DC D 9  ? 6.42358 3.47258 2.73105 -1.89753 0.15131  0.15359  121 DC D "C4'" 
827 O "O4'" . DC D 9  ? 6.41627 3.49145 2.90825 -1.87973 0.19408  0.22288  121 DC D "O4'" 
828 C "C3'" . DC D 9  ? 6.45059 3.48113 2.69011 -1.91798 0.11658  0.14049  121 DC D "C3'" 
829 O "O3'" . DC D 9  ? 6.43179 3.44625 2.62906 -1.90490 0.19196  0.07039  121 DC D "O3'" 
830 C "C2'" . DC D 9  ? 6.47574 3.52999 2.86845 -1.92243 0.08464  0.24427  121 DC D "C2'" 
831 C "C1'" . DC D 9  ? 6.44541 3.52612 3.00858 -1.89487 0.14806  0.28510  121 DC D "C1'" 
832 N N1    . DC D 9  ? 6.45663 3.56191 3.16494 -1.90032 0.09589  0.37744  121 DC D N1    
833 C C2    . DC D 9  ? 6.43628 3.56664 3.34708 -1.87927 0.14221  0.43516  121 DC D C2    
834 O O2    . DC D 9  ? 6.41193 3.54367 3.37753 -1.85753 0.22594  0.41042  121 DC D O2    
835 N N3    . DC D 9  ? 6.44626 3.59791 3.49383 -1.88500 0.09345  0.51593  121 DC D N3    
836 C C4    . DC D 9  ? 6.47808 3.62652 3.46005 -1.91176 0.00306  0.53801  121 DC D C4    
837 N N4    . DC D 9  ? 6.49000 3.65938 3.61260 -1.91826 -0.04220 0.61539  121 DC D N4    
838 C C5    . DC D 9  ? 6.50128 3.62388 3.27415 -1.93460 -0.04465 0.47956  121 DC D C5    
839 C C6    . DC D 9  ? 6.48768 3.58958 3.13391 -1.92708 0.00416  0.40106  121 DC D C6    
840 P P     . DA D 10 ? 6.36808 3.37923 2.60429 -1.90635 0.21488  0.08652  122 DA D P     
841 O OP1   . DA D 10 ? 6.34667 3.33407 2.50580 -1.89750 0.28703  -0.00911 122 DA D OP1   
842 O OP2   . DA D 10 ? 6.40825 3.41216 2.60832 -1.93369 0.12720  0.12582  122 DA D OP2   
843 O "O5'" . DA D 10 ? 6.35929 3.40264 2.80248 -1.88582 0.26004  0.16763  122 DA D "O5'" 
844 C "C5'" . DA D 10 ? 6.34366 3.38886 2.86349 -1.86719 0.34868  0.14940  122 DA D "C5'" 
845 C "C4'" . DA D 10 ? 6.36322 3.41982 3.02560 -1.87007 0.33680  0.22487  122 DA D "C4'" 
846 O "O4'" . DA D 10 ? 6.38264 3.45755 3.12971 -1.88198 0.25441  0.31460  122 DA D "O4'" 
847 C "C3'" . DA D 10 ? 6.39103 3.42544 2.96302 -1.88546 0.31861  0.20157  122 DA D "C3'" 
848 O "O3'" . DA D 10 ? 6.39549 3.43798 3.11423 -1.87628 0.36122  0.24262  122 DA D "O3'" 
849 C "C2'" . DA D 10 ? 6.42627 3.46019 2.94866 -1.91037 0.21044  0.25169  122 DA D "C2'" 
850 C "C1'" . DA D 10 ? 6.42237 3.48733 3.12327 -1.90385 0.18858  0.34290  122 DA D "C1'" 
851 N N9    . DA D 10 ? 6.44876 3.51902 3.11488 -1.92553 0.09171  0.38673  122 DA D N9    
852 C C8    . DA D 10 ? 6.47896 3.52916 2.97876 -1.95165 0.02011  0.35757  122 DA D C8    
853 N N7    . DA D 10 ? 6.50308 3.56290 3.01253 -1.97023 -0.05950 0.40732  122 DA D N7    
854 C C5    . DA D 10 ? 6.48603 3.57440 3.18343 -1.95399 -0.03856 0.47471  122 DA D C5    
855 C C6    . DA D 10 ? 6.49866 3.60830 3.30112 -1.96230 -0.09356 0.54715  122 DA D C6    
856 N N6    . DA D 10 ? 6.53613 3.64089 3.25654 -1.99180 -0.18418 0.56282  122 DA D N6    
857 N N1    . DA D 10 ? 6.47305 3.60787 3.47163 -1.94055 -0.05045 0.59992  122 DA D N1    
858 C C2    . DA D 10 ? 6.43886 3.57685 3.51890 -1.91365 0.04090  0.58066  122 DA D C2    
859 N N3    . DA D 10 ? 6.42704 3.54631 3.41840 -1.90526 0.09897  0.51337  122 DA D N3    
860 C C4    . DA D 10 ? 6.45146 3.54646 3.25062 -1.92607 0.05434  0.46319  122 DA D C4    
# 
